data_2CQ4
#
_entry.id   2CQ4
#
_entity_poly.entity_id   1
_entity_poly.type   'polypeptide(L)'
_entity_poly.pdbx_seq_one_letter_code
;GSSGSSGKSPVREPVDNLSPEERDARTVFCMQLAARIRPRDLEDFFSAVGKVRDVRIISDRNSRRSKGIAYVEFCEIQSV
PLAIGLTGQRLLGVPIIVQASQAEKNRLSGPSSG
;
_entity_poly.pdbx_strand_id   A
#
# COMPACT_ATOMS: atom_id res chain seq x y z
N GLY A 1 -16.94 8.68 1.49
CA GLY A 1 -16.43 8.51 2.84
C GLY A 1 -17.13 7.41 3.60
N SER A 2 -16.48 6.25 3.68
CA SER A 2 -17.03 5.10 4.38
C SER A 2 -16.01 3.98 4.50
N SER A 3 -16.04 3.27 5.62
CA SER A 3 -15.11 2.17 5.86
C SER A 3 -15.60 1.29 7.01
N GLY A 4 -15.03 0.09 7.10
CA GLY A 4 -15.41 -0.83 8.16
C GLY A 4 -15.94 -2.13 7.61
N SER A 5 -15.51 -3.24 8.21
CA SER A 5 -15.95 -4.57 7.77
C SER A 5 -15.46 -5.64 8.74
N SER A 6 -16.01 -6.84 8.60
CA SER A 6 -15.65 -7.96 9.46
C SER A 6 -15.30 -9.20 8.63
N GLY A 7 -14.23 -9.89 9.03
CA GLY A 7 -13.82 -11.08 8.31
C GLY A 7 -12.45 -11.57 8.75
N LYS A 8 -11.92 -12.56 8.05
CA LYS A 8 -10.62 -13.13 8.37
C LYS A 8 -9.83 -13.41 7.10
N SER A 9 -8.50 -13.49 7.24
CA SER A 9 -7.63 -13.76 6.10
C SER A 9 -7.06 -15.17 6.18
N PRO A 10 -7.72 -16.12 5.49
CA PRO A 10 -7.30 -17.52 5.46
C PRO A 10 -6.08 -17.74 4.58
N VAL A 11 -5.37 -18.84 4.82
CA VAL A 11 -4.18 -19.17 4.04
C VAL A 11 -4.53 -19.42 2.58
N ARG A 12 -5.75 -19.87 2.34
CA ARG A 12 -6.21 -20.15 0.97
C ARG A 12 -7.57 -19.51 0.72
N GLU A 13 -7.77 -19.03 -0.50
CA GLU A 13 -9.03 -18.39 -0.87
C GLU A 13 -9.59 -19.01 -2.16
N PRO A 14 -10.92 -19.12 -2.22
CA PRO A 14 -11.61 -19.68 -3.39
C PRO A 14 -11.70 -18.70 -4.55
N VAL A 15 -12.43 -19.08 -5.59
CA VAL A 15 -12.60 -18.24 -6.76
C VAL A 15 -13.75 -17.26 -6.56
N ASP A 16 -13.84 -16.68 -5.37
CA ASP A 16 -14.89 -15.72 -5.06
C ASP A 16 -14.38 -14.29 -5.20
N ASN A 17 -15.31 -13.34 -5.24
CA ASN A 17 -14.95 -11.93 -5.35
C ASN A 17 -14.10 -11.48 -4.17
N LEU A 18 -13.34 -10.41 -4.37
CA LEU A 18 -12.49 -9.88 -3.31
C LEU A 18 -13.24 -9.77 -1.99
N SER A 19 -12.56 -10.08 -0.89
CA SER A 19 -13.17 -10.02 0.43
C SER A 19 -12.73 -8.77 1.18
N PRO A 20 -13.63 -8.23 2.02
CA PRO A 20 -13.36 -7.03 2.80
C PRO A 20 -11.99 -7.08 3.49
N GLU A 21 -11.45 -8.29 3.60
CA GLU A 21 -10.14 -8.47 4.23
C GLU A 21 -9.04 -8.53 3.18
N GLU A 22 -9.28 -9.30 2.13
CA GLU A 22 -8.29 -9.44 1.05
C GLU A 22 -7.89 -8.08 0.49
N ARG A 23 -8.85 -7.15 0.45
CA ARG A 23 -8.60 -5.82 -0.07
C ARG A 23 -7.32 -5.24 0.54
N ASP A 24 -7.21 -5.32 1.86
CA ASP A 24 -6.04 -4.80 2.57
C ASP A 24 -4.78 -5.52 2.11
N ALA A 25 -4.85 -6.84 2.02
CA ALA A 25 -3.71 -7.65 1.60
C ALA A 25 -3.04 -7.05 0.37
N ARG A 26 -3.85 -6.77 -0.66
CA ARG A 26 -3.33 -6.20 -1.90
C ARG A 26 -3.21 -4.68 -1.79
N THR A 27 -2.69 -4.21 -0.66
CA THR A 27 -2.52 -2.79 -0.43
C THR A 27 -1.11 -2.48 0.06
N VAL A 28 -0.49 -1.47 -0.55
CA VAL A 28 0.87 -1.07 -0.17
C VAL A 28 0.86 0.28 0.51
N PHE A 29 1.82 0.48 1.42
CA PHE A 29 1.93 1.74 2.15
C PHE A 29 3.17 2.53 1.71
N CYS A 30 2.96 3.76 1.28
CA CYS A 30 4.07 4.60 0.83
C CYS A 30 4.24 5.79 1.77
N MET A 31 5.42 6.41 1.71
CA MET A 31 5.72 7.56 2.56
C MET A 31 6.79 8.43 1.92
N GLN A 32 7.15 9.53 2.59
CA GLN A 32 8.16 10.45 2.10
C GLN A 32 7.80 10.95 0.71
N LEU A 33 6.54 11.35 0.53
CA LEU A 33 6.07 11.85 -0.75
C LEU A 33 6.50 13.30 -0.96
N ALA A 34 6.50 13.73 -2.21
CA ALA A 34 6.89 15.10 -2.55
C ALA A 34 5.84 16.10 -2.06
N ALA A 35 6.16 17.38 -2.21
CA ALA A 35 5.24 18.44 -1.79
C ALA A 35 4.12 18.65 -2.81
N ARG A 36 4.47 18.54 -4.08
CA ARG A 36 3.50 18.72 -5.16
C ARG A 36 3.38 17.45 -5.99
N ILE A 37 3.16 16.32 -5.31
CA ILE A 37 3.02 15.04 -5.99
C ILE A 37 1.57 14.77 -6.35
N ARG A 38 1.36 13.92 -7.35
CA ARG A 38 0.01 13.57 -7.79
C ARG A 38 -0.14 12.05 -7.91
N PRO A 39 -1.39 11.57 -7.79
CA PRO A 39 -1.69 10.14 -7.89
C PRO A 39 -1.00 9.47 -9.08
N ARG A 40 -1.09 10.12 -10.24
CA ARG A 40 -0.47 9.59 -11.45
C ARG A 40 1.01 9.28 -11.22
N ASP A 41 1.74 10.28 -10.74
CA ASP A 41 3.16 10.11 -10.47
C ASP A 41 3.45 8.75 -9.87
N LEU A 42 2.64 8.36 -8.89
CA LEU A 42 2.81 7.08 -8.22
C LEU A 42 2.28 5.94 -9.09
N GLU A 43 1.09 6.12 -9.64
CA GLU A 43 0.48 5.11 -10.49
C GLU A 43 1.48 4.56 -11.49
N ASP A 44 1.94 5.42 -12.40
CA ASP A 44 2.91 5.02 -13.42
C ASP A 44 4.19 4.50 -12.77
N PHE A 45 4.69 5.24 -11.78
CA PHE A 45 5.90 4.86 -11.08
C PHE A 45 5.80 3.44 -10.53
N PHE A 46 4.58 3.01 -10.23
CA PHE A 46 4.35 1.68 -9.70
C PHE A 46 3.94 0.72 -10.82
N SER A 47 3.71 1.26 -12.01
CA SER A 47 3.32 0.45 -13.16
C SER A 47 4.48 -0.40 -13.65
N ALA A 48 5.65 -0.19 -13.05
CA ALA A 48 6.84 -0.94 -13.42
C ALA A 48 6.83 -2.34 -12.81
N VAL A 49 6.08 -2.49 -11.71
CA VAL A 49 5.98 -3.77 -11.03
C VAL A 49 4.56 -4.34 -11.12
N GLY A 50 3.58 -3.45 -11.17
CA GLY A 50 2.20 -3.87 -11.26
C GLY A 50 1.26 -2.73 -11.60
N LYS A 51 0.09 -3.07 -12.13
CA LYS A 51 -0.90 -2.07 -12.50
C LYS A 51 -1.65 -1.56 -11.26
N VAL A 52 -1.84 -0.26 -11.19
CA VAL A 52 -2.56 0.35 -10.06
C VAL A 52 -4.01 0.62 -10.41
N ARG A 53 -4.90 0.38 -9.45
CA ARG A 53 -6.32 0.59 -9.65
C ARG A 53 -6.80 1.84 -8.91
N ASP A 54 -6.23 2.07 -7.73
CA ASP A 54 -6.59 3.23 -6.93
C ASP A 54 -5.42 3.68 -6.07
N VAL A 55 -5.39 4.97 -5.74
CA VAL A 55 -4.32 5.52 -4.92
C VAL A 55 -4.87 6.56 -3.93
N ARG A 56 -4.88 6.20 -2.66
CA ARG A 56 -5.38 7.11 -1.62
C ARG A 56 -4.22 7.87 -0.97
N ILE A 57 -4.11 9.15 -1.28
CA ILE A 57 -3.06 9.98 -0.72
C ILE A 57 -3.56 10.76 0.49
N ILE A 58 -2.79 10.71 1.57
CA ILE A 58 -3.15 11.42 2.80
C ILE A 58 -2.46 12.77 2.89
N SER A 59 -3.26 13.84 2.97
CA SER A 59 -2.72 15.19 3.06
C SER A 59 -2.98 15.79 4.43
N ASP A 60 -4.11 15.41 5.04
CA ASP A 60 -4.47 15.90 6.36
C ASP A 60 -3.40 15.56 7.39
N ARG A 61 -2.80 16.58 7.97
CA ARG A 61 -1.76 16.38 8.98
C ARG A 61 -2.31 15.64 10.19
N ASN A 62 -1.87 14.39 10.37
CA ASN A 62 -2.32 13.58 11.49
C ASN A 62 -1.37 13.71 12.67
N SER A 63 -0.08 13.61 12.41
CA SER A 63 0.93 13.72 13.45
C SER A 63 1.85 14.91 13.20
N ARG A 64 2.32 15.53 14.28
CA ARG A 64 3.20 16.68 14.17
C ARG A 64 4.20 16.50 13.03
N ARG A 65 4.95 15.40 13.07
CA ARG A 65 5.93 15.12 12.04
C ARG A 65 5.36 15.38 10.65
N SER A 66 6.04 16.24 9.88
CA SER A 66 5.59 16.58 8.53
C SER A 66 5.95 15.47 7.55
N LYS A 67 5.09 14.46 7.49
CA LYS A 67 5.30 13.33 6.58
C LYS A 67 4.10 13.12 5.67
N GLY A 68 4.34 12.55 4.50
CA GLY A 68 3.26 12.31 3.56
C GLY A 68 3.08 10.83 3.26
N ILE A 69 2.03 10.24 3.83
CA ILE A 69 1.75 8.83 3.62
C ILE A 69 0.68 8.64 2.54
N ALA A 70 0.84 7.59 1.75
CA ALA A 70 -0.12 7.28 0.69
C ALA A 70 -0.35 5.78 0.56
N TYR A 71 -1.48 5.40 -0.01
CA TYR A 71 -1.81 4.00 -0.19
C TYR A 71 -2.05 3.67 -1.66
N VAL A 72 -1.47 2.56 -2.13
CA VAL A 72 -1.62 2.14 -3.52
C VAL A 72 -2.02 0.68 -3.61
N GLU A 73 -3.07 0.41 -4.37
CA GLU A 73 -3.56 -0.97 -4.54
C GLU A 73 -2.97 -1.59 -5.80
N PHE A 74 -2.42 -2.80 -5.65
CA PHE A 74 -1.82 -3.51 -6.78
C PHE A 74 -2.75 -4.61 -7.28
N CYS A 75 -2.53 -5.04 -8.51
CA CYS A 75 -3.35 -6.10 -9.11
C CYS A 75 -3.28 -7.37 -8.27
N GLU A 76 -2.13 -7.60 -7.65
CA GLU A 76 -1.94 -8.78 -6.83
C GLU A 76 -0.99 -8.50 -5.66
N ILE A 77 -0.98 -9.39 -4.68
CA ILE A 77 -0.13 -9.23 -3.52
C ILE A 77 1.31 -9.62 -3.83
N GLN A 78 1.49 -10.42 -4.88
CA GLN A 78 2.82 -10.87 -5.29
C GLN A 78 3.59 -9.73 -5.94
N SER A 79 2.90 -8.65 -6.26
CA SER A 79 3.53 -7.49 -6.89
C SER A 79 3.99 -6.48 -5.85
N VAL A 80 3.49 -6.65 -4.62
CA VAL A 80 3.85 -5.75 -3.53
C VAL A 80 5.34 -5.83 -3.21
N PRO A 81 5.86 -7.06 -3.17
CA PRO A 81 7.28 -7.32 -2.88
C PRO A 81 8.21 -6.42 -3.70
N LEU A 82 7.95 -6.34 -5.00
CA LEU A 82 8.77 -5.53 -5.89
C LEU A 82 8.67 -4.05 -5.51
N ALA A 83 7.46 -3.59 -5.24
CA ALA A 83 7.23 -2.20 -4.85
C ALA A 83 8.03 -1.83 -3.62
N ILE A 84 8.03 -2.74 -2.63
CA ILE A 84 8.77 -2.50 -1.40
C ILE A 84 10.21 -2.12 -1.66
N GLY A 85 10.86 -2.88 -2.55
CA GLY A 85 12.25 -2.61 -2.88
C GLY A 85 12.45 -1.20 -3.37
N LEU A 86 11.56 -0.74 -4.25
CA LEU A 86 11.64 0.61 -4.79
C LEU A 86 12.07 1.61 -3.72
N THR A 87 11.74 1.30 -2.47
CA THR A 87 12.08 2.18 -1.35
C THR A 87 13.43 2.84 -1.57
N GLY A 88 13.42 4.11 -1.97
CA GLY A 88 14.65 4.83 -2.21
C GLY A 88 14.81 5.27 -3.65
N GLN A 89 13.68 5.35 -4.36
CA GLN A 89 13.70 5.76 -5.76
C GLN A 89 13.34 7.24 -5.89
N ARG A 90 14.33 8.05 -6.26
CA ARG A 90 14.12 9.48 -6.42
C ARG A 90 12.85 9.76 -7.23
N LEU A 91 11.82 10.25 -6.55
CA LEU A 91 10.55 10.55 -7.20
C LEU A 91 10.25 12.05 -7.13
N LEU A 92 10.35 12.73 -8.26
CA LEU A 92 10.09 14.15 -8.33
C LEU A 92 11.13 14.94 -7.53
N GLY A 93 12.33 14.38 -7.42
CA GLY A 93 13.39 15.03 -6.69
C GLY A 93 13.48 14.56 -5.25
N VAL A 94 12.43 13.90 -4.77
CA VAL A 94 12.39 13.40 -3.41
C VAL A 94 12.11 11.90 -3.37
N PRO A 95 13.06 11.13 -2.83
CA PRO A 95 12.92 9.67 -2.73
C PRO A 95 11.59 9.25 -2.14
N ILE A 96 11.13 8.06 -2.51
CA ILE A 96 9.86 7.53 -2.01
C ILE A 96 10.07 6.29 -1.17
N ILE A 97 9.19 6.09 -0.19
CA ILE A 97 9.28 4.94 0.70
C ILE A 97 8.16 3.94 0.42
N VAL A 98 8.49 2.66 0.48
CA VAL A 98 7.52 1.60 0.23
C VAL A 98 7.67 0.46 1.24
N GLN A 99 6.57 0.11 1.89
CA GLN A 99 6.58 -0.97 2.88
C GLN A 99 5.22 -1.66 2.94
N ALA A 100 5.24 -2.94 3.30
CA ALA A 100 4.00 -3.72 3.40
C ALA A 100 3.06 -3.12 4.43
N SER A 101 1.92 -2.62 3.96
CA SER A 101 0.94 -2.00 4.84
C SER A 101 0.50 -2.98 5.93
N GLN A 102 0.49 -4.26 5.59
CA GLN A 102 0.10 -5.29 6.55
C GLN A 102 1.15 -5.46 7.63
N ALA A 103 2.42 -5.44 7.23
CA ALA A 103 3.52 -5.58 8.17
C ALA A 103 3.28 -4.77 9.45
N GLU A 104 3.03 -3.48 9.28
CA GLU A 104 2.77 -2.59 10.42
C GLU A 104 1.50 -3.01 11.16
N LYS A 105 0.63 -3.73 10.46
CA LYS A 105 -0.61 -4.19 11.05
C LYS A 105 -0.39 -5.44 11.91
N ASN A 106 0.08 -6.51 11.27
CA ASN A 106 0.34 -7.77 11.99
C ASN A 106 0.94 -7.48 13.36
N ARG A 107 1.84 -6.51 13.42
CA ARG A 107 2.49 -6.16 14.67
C ARG A 107 1.46 -5.66 15.70
N LEU A 108 0.73 -4.61 15.34
CA LEU A 108 -0.27 -4.05 16.23
C LEU A 108 -1.07 -5.15 16.92
N SER A 109 -1.57 -6.10 16.14
CA SER A 109 -2.35 -7.20 16.68
C SER A 109 -1.44 -8.22 17.37
N GLY A 110 -2.02 -9.05 18.23
CA GLY A 110 -1.26 -10.05 18.94
C GLY A 110 -0.59 -11.04 18.01
N PRO A 111 0.48 -11.69 18.50
CA PRO A 111 1.23 -12.67 17.71
C PRO A 111 0.32 -13.64 16.98
N SER A 112 -0.86 -13.87 17.53
CA SER A 112 -1.83 -14.79 16.93
C SER A 112 -2.58 -14.12 15.79
N SER A 113 -3.41 -14.88 15.09
CA SER A 113 -4.18 -14.37 13.97
C SER A 113 -4.77 -13.00 14.31
N GLY A 114 -5.13 -12.26 13.27
CA GLY A 114 -5.71 -10.93 13.48
C GLY A 114 -4.73 -9.82 13.16
N GLY A 1 28.21 -29.03 -3.50
CA GLY A 1 27.66 -28.03 -2.59
C GLY A 1 27.81 -28.44 -1.13
N SER A 2 26.99 -27.84 -0.28
CA SER A 2 27.03 -28.14 1.16
C SER A 2 25.62 -28.23 1.73
N SER A 3 25.34 -29.32 2.44
CA SER A 3 24.03 -29.53 3.04
C SER A 3 23.52 -28.25 3.69
N GLY A 4 22.46 -27.68 3.13
CA GLY A 4 21.89 -26.46 3.66
C GLY A 4 20.38 -26.53 3.81
N SER A 5 19.70 -26.86 2.72
CA SER A 5 18.24 -26.96 2.74
C SER A 5 17.80 -28.39 3.02
N SER A 6 18.39 -29.34 2.30
CA SER A 6 18.05 -30.75 2.49
C SER A 6 16.54 -30.94 2.60
N GLY A 7 15.80 -30.22 1.76
CA GLY A 7 14.35 -30.33 1.80
C GLY A 7 13.67 -28.98 1.72
N LYS A 8 13.03 -28.69 0.59
CA LYS A 8 12.33 -27.43 0.40
C LYS A 8 11.36 -27.16 1.53
N SER A 9 11.25 -25.91 1.96
CA SER A 9 10.35 -25.52 3.04
C SER A 9 8.93 -25.95 2.73
N PRO A 10 8.20 -26.36 3.77
CA PRO A 10 6.80 -26.81 3.64
C PRO A 10 5.83 -25.63 3.52
N VAL A 11 5.26 -25.47 2.34
CA VAL A 11 4.31 -24.40 2.09
C VAL A 11 3.00 -24.94 1.54
N ARG A 12 1.97 -24.94 2.39
CA ARG A 12 0.65 -25.43 1.99
C ARG A 12 -0.45 -24.53 2.54
N GLU A 13 -1.12 -23.82 1.65
CA GLU A 13 -2.20 -22.93 2.04
C GLU A 13 -3.41 -23.07 1.11
N PRO A 14 -4.61 -23.08 1.70
CA PRO A 14 -5.85 -23.21 0.94
C PRO A 14 -6.28 -21.89 0.29
N VAL A 15 -7.32 -21.95 -0.54
CA VAL A 15 -7.83 -20.77 -1.22
C VAL A 15 -8.71 -19.94 -0.29
N ASP A 16 -9.02 -18.71 -0.71
CA ASP A 16 -9.85 -17.82 0.07
C ASP A 16 -10.41 -16.70 -0.79
N ASN A 17 -11.74 -16.59 -0.82
CA ASN A 17 -12.40 -15.56 -1.61
C ASN A 17 -11.98 -14.17 -1.16
N LEU A 18 -12.26 -13.17 -2.00
CA LEU A 18 -11.91 -11.79 -1.69
C LEU A 18 -12.75 -11.26 -0.53
N SER A 19 -12.20 -11.37 0.68
CA SER A 19 -12.89 -10.90 1.88
C SER A 19 -12.38 -9.53 2.31
N PRO A 20 -13.19 -8.81 3.09
CA PRO A 20 -12.84 -7.47 3.58
C PRO A 20 -11.41 -7.43 4.12
N GLU A 21 -10.86 -8.58 4.44
CA GLU A 21 -9.50 -8.67 4.97
C GLU A 21 -8.49 -8.82 3.83
N GLU A 22 -8.84 -9.60 2.83
CA GLU A 22 -7.96 -9.82 1.69
C GLU A 22 -7.65 -8.50 0.98
N ARG A 23 -8.63 -7.62 0.93
CA ARG A 23 -8.45 -6.32 0.28
C ARG A 23 -7.20 -5.63 0.79
N ASP A 24 -7.03 -5.58 2.10
CA ASP A 24 -5.87 -4.94 2.71
C ASP A 24 -4.58 -5.58 2.21
N ALA A 25 -4.50 -6.90 2.34
CA ALA A 25 -3.31 -7.64 1.90
C ALA A 25 -2.78 -7.09 0.58
N ARG A 26 -3.69 -6.83 -0.36
CA ARG A 26 -3.32 -6.31 -1.66
C ARG A 26 -3.15 -4.79 -1.62
N THR A 27 -2.61 -4.30 -0.51
CA THR A 27 -2.40 -2.86 -0.33
C THR A 27 -1.00 -2.57 0.18
N VAL A 28 -0.40 -1.49 -0.32
CA VAL A 28 0.94 -1.10 0.11
C VAL A 28 0.93 0.29 0.72
N PHE A 29 1.81 0.49 1.71
CA PHE A 29 1.90 1.78 2.39
C PHE A 29 3.05 2.60 1.82
N CYS A 30 2.75 3.84 1.44
CA CYS A 30 3.75 4.73 0.88
C CYS A 30 3.97 5.94 1.80
N MET A 31 5.19 6.47 1.78
CA MET A 31 5.54 7.63 2.60
C MET A 31 6.61 8.48 1.93
N GLN A 32 7.01 9.55 2.59
CA GLN A 32 8.02 10.45 2.06
C GLN A 32 7.63 10.95 0.67
N LEU A 33 6.41 11.45 0.54
CA LEU A 33 5.91 11.96 -0.73
C LEU A 33 6.45 13.36 -1.00
N ALA A 34 6.36 13.79 -2.26
CA ALA A 34 6.84 15.11 -2.64
C ALA A 34 5.88 16.20 -2.17
N ALA A 35 6.30 17.46 -2.32
CA ALA A 35 5.47 18.59 -1.91
C ALA A 35 4.35 18.83 -2.90
N ARG A 36 4.59 18.51 -4.17
CA ARG A 36 3.58 18.70 -5.21
C ARG A 36 3.36 17.40 -5.98
N ILE A 37 3.47 16.27 -5.28
CA ILE A 37 3.28 14.98 -5.92
C ILE A 37 1.81 14.73 -6.24
N ARG A 38 1.56 13.94 -7.29
CA ARG A 38 0.20 13.64 -7.71
C ARG A 38 0.01 12.13 -7.86
N PRO A 39 -1.23 11.66 -7.64
CA PRO A 39 -1.58 10.25 -7.75
C PRO A 39 -1.00 9.60 -8.99
N ARG A 40 -0.96 10.36 -10.08
CA ARG A 40 -0.44 9.86 -11.35
C ARG A 40 1.04 9.47 -11.21
N ASP A 41 1.86 10.44 -10.84
CA ASP A 41 3.29 10.20 -10.67
C ASP A 41 3.54 8.84 -10.03
N LEU A 42 2.67 8.45 -9.11
CA LEU A 42 2.80 7.17 -8.42
C LEU A 42 2.24 6.03 -9.28
N GLU A 43 1.02 6.21 -9.77
CA GLU A 43 0.39 5.20 -10.62
C GLU A 43 1.39 4.58 -11.57
N ASP A 44 1.98 5.40 -12.43
CA ASP A 44 2.95 4.93 -13.40
C ASP A 44 4.22 4.42 -12.70
N PHE A 45 4.69 5.19 -11.72
CA PHE A 45 5.88 4.81 -10.98
C PHE A 45 5.77 3.40 -10.43
N PHE A 46 4.54 3.00 -10.10
CA PHE A 46 4.30 1.66 -9.57
C PHE A 46 3.93 0.69 -10.68
N SER A 47 3.59 1.22 -11.84
CA SER A 47 3.23 0.41 -12.99
C SER A 47 4.43 -0.39 -13.49
N ALA A 48 5.60 -0.07 -12.97
CA ALA A 48 6.83 -0.75 -13.37
C ALA A 48 6.89 -2.16 -12.77
N VAL A 49 6.11 -2.38 -11.72
CA VAL A 49 6.07 -3.68 -11.06
C VAL A 49 4.69 -4.30 -11.14
N GLY A 50 3.67 -3.45 -11.23
CA GLY A 50 2.30 -3.93 -11.31
C GLY A 50 1.31 -2.81 -11.54
N LYS A 51 0.19 -3.14 -12.20
CA LYS A 51 -0.84 -2.15 -12.49
C LYS A 51 -1.43 -1.58 -11.20
N VAL A 52 -1.64 -0.26 -11.18
CA VAL A 52 -2.20 0.39 -10.01
C VAL A 52 -3.71 0.56 -10.15
N ARG A 53 -4.44 0.09 -9.15
CA ARG A 53 -5.89 0.18 -9.16
C ARG A 53 -6.35 1.51 -8.56
N ASP A 54 -6.01 1.75 -7.31
CA ASP A 54 -6.39 2.99 -6.63
C ASP A 54 -5.24 3.52 -5.79
N VAL A 55 -5.17 4.84 -5.64
CA VAL A 55 -4.12 5.47 -4.86
C VAL A 55 -4.68 6.57 -3.97
N ARG A 56 -4.79 6.30 -2.68
CA ARG A 56 -5.30 7.27 -1.72
C ARG A 56 -4.17 8.03 -1.04
N ILE A 57 -3.96 9.27 -1.46
CA ILE A 57 -2.90 10.10 -0.88
C ILE A 57 -3.42 10.90 0.31
N ILE A 58 -3.00 10.51 1.51
CA ILE A 58 -3.42 11.20 2.73
C ILE A 58 -2.80 12.58 2.81
N SER A 59 -3.63 13.60 2.59
CA SER A 59 -3.16 14.98 2.64
C SER A 59 -3.59 15.65 3.94
N ASP A 60 -2.80 16.61 4.40
CA ASP A 60 -3.09 17.33 5.63
C ASP A 60 -2.91 18.84 5.44
N ARG A 61 -3.17 19.60 6.50
CA ARG A 61 -3.04 21.05 6.45
C ARG A 61 -1.65 21.48 6.90
N ASN A 62 -1.26 21.03 8.09
CA ASN A 62 0.05 21.37 8.64
C ASN A 62 0.87 20.12 8.93
N SER A 63 2.14 20.14 8.55
CA SER A 63 3.03 19.01 8.77
C SER A 63 4.11 19.35 9.79
N ARG A 64 4.42 18.38 10.66
CA ARG A 64 5.43 18.58 11.68
C ARG A 64 6.56 17.56 11.54
N ARG A 65 6.21 16.29 11.63
CA ARG A 65 7.19 15.22 11.51
C ARG A 65 6.73 14.17 10.49
N SER A 66 5.51 13.68 10.67
CA SER A 66 4.95 12.67 9.78
C SER A 66 5.09 13.10 8.32
N LYS A 67 5.52 12.17 7.48
CA LYS A 67 5.69 12.44 6.06
C LYS A 67 4.46 12.01 5.27
N GLY A 68 4.00 12.89 4.38
CA GLY A 68 2.83 12.58 3.56
C GLY A 68 2.75 11.11 3.21
N ILE A 69 1.76 10.41 3.76
CA ILE A 69 1.58 9.00 3.49
C ILE A 69 0.52 8.77 2.42
N ALA A 70 0.68 7.71 1.64
CA ALA A 70 -0.27 7.38 0.59
C ALA A 70 -0.42 5.87 0.43
N TYR A 71 -1.64 5.43 0.13
CA TYR A 71 -1.92 4.01 -0.04
C TYR A 71 -2.05 3.65 -1.52
N VAL A 72 -1.64 2.44 -1.87
CA VAL A 72 -1.72 1.98 -3.26
C VAL A 72 -2.15 0.51 -3.32
N GLU A 73 -3.15 0.24 -4.15
CA GLU A 73 -3.67 -1.12 -4.31
C GLU A 73 -3.21 -1.72 -5.62
N PHE A 74 -2.57 -2.89 -5.54
CA PHE A 74 -2.07 -3.58 -6.72
C PHE A 74 -3.03 -4.69 -7.14
N CYS A 75 -2.99 -5.04 -8.42
CA CYS A 75 -3.84 -6.10 -8.96
C CYS A 75 -3.52 -7.44 -8.31
N GLU A 76 -2.30 -7.57 -7.82
CA GLU A 76 -1.86 -8.80 -7.18
C GLU A 76 -0.97 -8.51 -5.97
N ILE A 77 -0.98 -9.41 -5.00
CA ILE A 77 -0.18 -9.26 -3.79
C ILE A 77 1.29 -9.58 -4.07
N GLN A 78 1.53 -10.45 -5.04
CA GLN A 78 2.89 -10.85 -5.39
C GLN A 78 3.64 -9.68 -6.02
N SER A 79 2.92 -8.60 -6.28
CA SER A 79 3.52 -7.41 -6.89
C SER A 79 4.00 -6.43 -5.82
N VAL A 80 3.38 -6.49 -4.66
CA VAL A 80 3.73 -5.61 -3.55
C VAL A 80 5.22 -5.71 -3.23
N PRO A 81 5.74 -6.95 -3.19
CA PRO A 81 7.15 -7.21 -2.90
C PRO A 81 8.09 -6.31 -3.71
N LEU A 82 7.98 -6.39 -5.03
CA LEU A 82 8.82 -5.58 -5.92
C LEU A 82 8.73 -4.10 -5.55
N ALA A 83 7.51 -3.64 -5.31
CA ALA A 83 7.29 -2.24 -4.95
C ALA A 83 8.08 -1.87 -3.70
N ILE A 84 8.14 -2.80 -2.74
CA ILE A 84 8.87 -2.57 -1.50
C ILE A 84 10.35 -2.29 -1.76
N GLY A 85 10.94 -3.07 -2.66
CA GLY A 85 12.35 -2.89 -2.98
C GLY A 85 12.62 -1.52 -3.59
N LEU A 86 11.66 -1.00 -4.35
CA LEU A 86 11.81 0.30 -4.99
C LEU A 86 12.11 1.38 -3.95
N THR A 87 11.71 1.13 -2.72
CA THR A 87 11.94 2.09 -1.64
C THR A 87 13.29 2.77 -1.79
N GLY A 88 13.26 4.09 -1.95
CA GLY A 88 14.50 4.85 -2.10
C GLY A 88 14.72 5.29 -3.53
N GLN A 89 13.64 5.45 -4.29
CA GLN A 89 13.73 5.88 -5.68
C GLN A 89 13.37 7.36 -5.81
N ARG A 90 14.37 8.18 -6.13
CA ARG A 90 14.15 9.61 -6.29
C ARG A 90 12.94 9.88 -7.17
N LEU A 91 11.84 10.29 -6.55
CA LEU A 91 10.61 10.58 -7.27
C LEU A 91 10.33 12.09 -7.27
N LEU A 92 10.51 12.72 -8.43
CA LEU A 92 10.26 14.14 -8.57
C LEU A 92 11.27 14.94 -7.75
N GLY A 93 12.43 14.35 -7.50
CA GLY A 93 13.46 15.02 -6.73
C GLY A 93 13.48 14.59 -5.27
N VAL A 94 12.40 13.96 -4.84
CA VAL A 94 12.29 13.49 -3.46
C VAL A 94 12.02 11.99 -3.41
N PRO A 95 12.98 11.23 -2.85
CA PRO A 95 12.86 9.78 -2.73
C PRO A 95 11.54 9.35 -2.09
N ILE A 96 11.06 8.18 -2.48
CA ILE A 96 9.81 7.65 -1.94
C ILE A 96 10.05 6.41 -1.09
N ILE A 97 9.09 6.11 -0.22
CA ILE A 97 9.20 4.94 0.65
C ILE A 97 8.06 3.96 0.40
N VAL A 98 8.41 2.68 0.28
CA VAL A 98 7.41 1.63 0.05
C VAL A 98 7.57 0.49 1.04
N GLN A 99 6.54 0.24 1.82
CA GLN A 99 6.56 -0.83 2.81
C GLN A 99 5.23 -1.57 2.84
N ALA A 100 5.27 -2.82 3.30
CA ALA A 100 4.06 -3.64 3.38
C ALA A 100 3.08 -3.07 4.40
N SER A 101 1.80 -3.09 4.05
CA SER A 101 0.75 -2.57 4.93
C SER A 101 0.25 -3.66 5.89
N GLN A 102 1.19 -4.43 6.43
CA GLN A 102 0.85 -5.51 7.35
C GLN A 102 0.94 -5.03 8.80
N ALA A 103 1.99 -4.27 9.10
CA ALA A 103 2.19 -3.74 10.45
C ALA A 103 1.17 -2.66 10.78
N GLU A 104 1.10 -1.64 9.94
CA GLU A 104 0.16 -0.54 10.15
C GLU A 104 -1.19 -1.07 10.65
N LYS A 105 -1.64 -2.17 10.05
CA LYS A 105 -2.91 -2.77 10.43
C LYS A 105 -2.83 -3.38 11.83
N ASN A 106 -1.84 -4.25 12.03
CA ASN A 106 -1.66 -4.91 13.32
C ASN A 106 -1.71 -3.89 14.46
N ARG A 107 -0.84 -2.89 14.40
CA ARG A 107 -0.79 -1.85 15.41
C ARG A 107 -2.17 -1.27 15.67
N LEU A 108 -2.91 -1.03 14.60
CA LEU A 108 -4.25 -0.47 14.70
C LEU A 108 -5.12 -1.30 15.63
N SER A 109 -5.97 -0.64 16.40
CA SER A 109 -6.86 -1.31 17.35
C SER A 109 -8.05 -1.92 16.62
N GLY A 110 -8.48 -3.09 17.09
CA GLY A 110 -9.61 -3.77 16.48
C GLY A 110 -9.18 -4.78 15.44
N PRO A 111 -8.64 -5.92 15.91
CA PRO A 111 -8.18 -7.00 15.02
C PRO A 111 -9.34 -7.83 14.48
N SER A 112 -10.49 -7.74 15.13
CA SER A 112 -11.67 -8.48 14.71
C SER A 112 -12.46 -7.70 13.67
N SER A 113 -12.88 -8.40 12.61
CA SER A 113 -13.65 -7.76 11.54
C SER A 113 -15.07 -7.48 11.99
N GLY A 114 -15.50 -6.23 11.82
CA GLY A 114 -16.85 -5.85 12.21
C GLY A 114 -16.87 -4.64 13.12
N GLY A 1 -4.08 -28.25 -3.23
CA GLY A 1 -4.35 -28.50 -4.64
C GLY A 1 -4.72 -27.25 -5.39
N SER A 2 -5.58 -27.39 -6.39
CA SER A 2 -6.01 -26.26 -7.20
C SER A 2 -7.50 -25.97 -6.98
N SER A 3 -7.92 -24.77 -7.38
CA SER A 3 -9.32 -24.38 -7.23
C SER A 3 -9.74 -23.44 -8.35
N GLY A 4 -10.99 -23.56 -8.80
CA GLY A 4 -11.49 -22.73 -9.87
C GLY A 4 -13.00 -22.79 -9.99
N SER A 5 -13.68 -21.81 -9.41
CA SER A 5 -15.15 -21.78 -9.47
C SER A 5 -15.64 -20.33 -9.51
N SER A 6 -16.36 -20.00 -10.58
CA SER A 6 -16.90 -18.65 -10.74
C SER A 6 -18.32 -18.56 -10.19
N GLY A 7 -18.73 -17.34 -9.83
CA GLY A 7 -20.06 -17.14 -9.29
C GLY A 7 -20.05 -16.37 -7.98
N LYS A 8 -20.53 -15.13 -8.03
CA LYS A 8 -20.57 -14.29 -6.85
C LYS A 8 -21.65 -14.75 -5.88
N SER A 9 -21.45 -14.50 -4.59
CA SER A 9 -22.40 -14.89 -3.56
C SER A 9 -22.52 -13.82 -2.49
N PRO A 10 -23.76 -13.61 -2.02
CA PRO A 10 -24.05 -12.61 -0.98
C PRO A 10 -23.07 -12.69 0.19
N VAL A 11 -23.16 -11.71 1.09
CA VAL A 11 -22.29 -11.67 2.25
C VAL A 11 -22.33 -12.99 3.03
N ARG A 12 -21.20 -13.67 3.09
CA ARG A 12 -21.12 -14.95 3.80
C ARG A 12 -19.72 -15.16 4.38
N GLU A 13 -19.56 -16.22 5.17
CA GLU A 13 -18.28 -16.54 5.77
C GLU A 13 -17.13 -16.21 4.81
N PRO A 14 -15.94 -15.95 5.39
CA PRO A 14 -14.74 -15.63 4.60
C PRO A 14 -14.12 -16.86 3.97
N VAL A 15 -13.91 -16.82 2.66
CA VAL A 15 -13.31 -17.93 1.93
C VAL A 15 -12.09 -17.47 1.13
N ASP A 16 -11.39 -18.43 0.53
CA ASP A 16 -10.21 -18.14 -0.27
C ASP A 16 -10.53 -17.07 -1.32
N ASN A 17 -11.59 -17.29 -2.08
CA ASN A 17 -11.99 -16.36 -3.13
C ASN A 17 -11.85 -14.93 -2.65
N LEU A 18 -11.57 -14.01 -3.58
CA LEU A 18 -11.41 -12.60 -3.26
C LEU A 18 -12.45 -12.17 -2.22
N SER A 19 -11.98 -11.74 -1.06
CA SER A 19 -12.86 -11.29 0.01
C SER A 19 -12.48 -9.88 0.48
N PRO A 20 -13.44 -9.21 1.14
CA PRO A 20 -13.23 -7.86 1.65
C PRO A 20 -11.89 -7.69 2.36
N GLU A 21 -11.31 -8.82 2.76
CA GLU A 21 -10.02 -8.81 3.45
C GLU A 21 -8.88 -8.80 2.46
N GLU A 22 -9.01 -9.60 1.40
CA GLU A 22 -7.98 -9.69 0.37
C GLU A 22 -7.64 -8.30 -0.18
N ARG A 23 -8.65 -7.48 -0.36
CA ARG A 23 -8.47 -6.12 -0.87
C ARG A 23 -7.32 -5.42 -0.15
N ASP A 24 -7.27 -5.58 1.16
CA ASP A 24 -6.23 -4.97 1.97
C ASP A 24 -4.86 -5.58 1.66
N ALA A 25 -4.78 -6.90 1.78
CA ALA A 25 -3.53 -7.61 1.52
C ALA A 25 -2.84 -7.07 0.27
N ARG A 26 -3.64 -6.75 -0.75
CA ARG A 26 -3.10 -6.22 -1.99
C ARG A 26 -2.97 -4.71 -1.93
N THR A 27 -2.45 -4.20 -0.81
CA THR A 27 -2.28 -2.77 -0.62
C THR A 27 -0.93 -2.47 0.02
N VAL A 28 -0.16 -1.60 -0.62
CA VAL A 28 1.15 -1.21 -0.13
C VAL A 28 1.11 0.16 0.55
N PHE A 29 1.96 0.35 1.54
CA PHE A 29 2.03 1.61 2.26
C PHE A 29 3.22 2.44 1.81
N CYS A 30 2.95 3.61 1.24
CA CYS A 30 4.01 4.50 0.76
C CYS A 30 4.13 5.72 1.66
N MET A 31 5.34 6.28 1.71
CA MET A 31 5.60 7.46 2.53
C MET A 31 6.70 8.32 1.91
N GLN A 32 6.99 9.45 2.55
CA GLN A 32 8.02 10.35 2.07
C GLN A 32 7.71 10.84 0.66
N LEU A 33 6.50 11.33 0.47
CA LEU A 33 6.06 11.82 -0.84
C LEU A 33 6.26 13.33 -0.94
N ALA A 34 6.51 13.82 -2.15
CA ALA A 34 6.72 15.24 -2.38
C ALA A 34 5.46 16.05 -2.02
N ALA A 35 5.60 17.36 -1.97
CA ALA A 35 4.48 18.23 -1.63
C ALA A 35 3.57 18.44 -2.84
N ARG A 36 4.17 18.67 -4.00
CA ARG A 36 3.41 18.88 -5.23
C ARG A 36 3.33 17.60 -6.05
N ILE A 37 3.11 16.48 -5.36
CA ILE A 37 3.00 15.19 -6.03
C ILE A 37 1.57 14.91 -6.48
N ARG A 38 1.43 14.03 -7.46
CA ARG A 38 0.12 13.68 -7.98
C ARG A 38 -0.09 12.16 -7.98
N PRO A 39 -1.32 11.73 -7.70
CA PRO A 39 -1.68 10.31 -7.65
C PRO A 39 -1.15 9.54 -8.85
N ARG A 40 -1.03 10.23 -9.98
CA ARG A 40 -0.53 9.61 -11.20
C ARG A 40 0.93 9.21 -11.06
N ASP A 41 1.79 10.18 -10.76
CA ASP A 41 3.21 9.93 -10.60
C ASP A 41 3.45 8.56 -9.96
N LEU A 42 2.69 8.26 -8.91
CA LEU A 42 2.81 6.98 -8.22
C LEU A 42 2.33 5.83 -9.10
N GLU A 43 1.17 6.01 -9.72
CA GLU A 43 0.60 4.99 -10.58
C GLU A 43 1.65 4.44 -11.55
N ASP A 44 2.09 5.28 -12.48
CA ASP A 44 3.08 4.88 -13.46
C ASP A 44 4.36 4.39 -12.77
N PHE A 45 4.86 5.19 -11.83
CA PHE A 45 6.07 4.84 -11.10
C PHE A 45 5.98 3.42 -10.56
N PHE A 46 4.77 2.99 -10.24
CA PHE A 46 4.55 1.65 -9.71
C PHE A 46 4.15 0.68 -10.82
N SER A 47 3.83 1.23 -11.98
CA SER A 47 3.44 0.42 -13.12
C SER A 47 4.60 -0.45 -13.62
N ALA A 48 5.77 -0.23 -13.03
CA ALA A 48 6.96 -0.99 -13.40
C ALA A 48 6.93 -2.40 -12.79
N VAL A 49 6.14 -2.56 -11.75
CA VAL A 49 6.02 -3.84 -11.07
C VAL A 49 4.59 -4.35 -11.08
N GLY A 50 3.64 -3.42 -11.07
CA GLY A 50 2.23 -3.79 -11.09
C GLY A 50 1.32 -2.62 -11.45
N LYS A 51 0.16 -2.93 -12.01
CA LYS A 51 -0.80 -1.91 -12.39
C LYS A 51 -1.54 -1.36 -11.18
N VAL A 52 -1.64 -0.04 -11.11
CA VAL A 52 -2.33 0.61 -9.99
C VAL A 52 -3.79 0.89 -10.33
N ARG A 53 -4.69 0.46 -9.46
CA ARG A 53 -6.12 0.66 -9.67
C ARG A 53 -6.60 1.90 -8.93
N ASP A 54 -6.12 2.09 -7.71
CA ASP A 54 -6.51 3.23 -6.90
C ASP A 54 -5.34 3.68 -6.01
N VAL A 55 -5.36 4.95 -5.64
CA VAL A 55 -4.31 5.52 -4.80
C VAL A 55 -4.88 6.54 -3.82
N ARG A 56 -4.94 6.17 -2.55
CA ARG A 56 -5.47 7.05 -1.51
C ARG A 56 -4.35 7.84 -0.86
N ILE A 57 -4.26 9.13 -1.20
CA ILE A 57 -3.22 10.00 -0.64
C ILE A 57 -3.76 10.80 0.53
N ILE A 58 -3.11 10.66 1.69
CA ILE A 58 -3.51 11.37 2.88
C ILE A 58 -3.02 12.82 2.87
N SER A 59 -3.95 13.76 2.90
CA SER A 59 -3.61 15.18 2.88
C SER A 59 -4.28 15.91 4.03
N ASP A 60 -3.68 15.82 5.21
CA ASP A 60 -4.22 16.48 6.40
C ASP A 60 -3.16 17.34 7.07
N ARG A 61 -2.06 16.72 7.47
CA ARG A 61 -0.97 17.43 8.13
C ARG A 61 0.26 17.49 7.23
N ASN A 62 0.03 17.71 5.93
CA ASN A 62 1.12 17.79 4.96
C ASN A 62 2.19 18.77 5.43
N SER A 63 1.78 19.75 6.23
CA SER A 63 2.70 20.75 6.75
C SER A 63 3.08 20.45 8.20
N ARG A 64 2.08 20.42 9.07
CA ARG A 64 2.31 20.15 10.48
C ARG A 64 3.28 18.99 10.66
N ARG A 65 3.27 18.06 9.71
CA ARG A 65 4.14 16.90 9.77
C ARG A 65 5.22 16.99 8.69
N SER A 66 5.06 17.93 7.78
CA SER A 66 6.02 18.11 6.69
C SER A 66 6.36 16.77 6.04
N LYS A 67 5.37 15.91 5.93
CA LYS A 67 5.56 14.59 5.33
C LYS A 67 4.43 14.28 4.34
N GLY A 68 4.48 13.08 3.76
CA GLY A 68 3.45 12.69 2.81
C GLY A 68 3.30 11.17 2.72
N ILE A 69 2.16 10.67 3.16
CA ILE A 69 1.90 9.23 3.13
C ILE A 69 0.69 8.91 2.25
N ALA A 70 0.79 7.81 1.50
CA ALA A 70 -0.30 7.39 0.63
C ALA A 70 -0.35 5.88 0.51
N TYR A 71 -1.52 5.36 0.14
CA TYR A 71 -1.71 3.92 0.00
C TYR A 71 -1.98 3.55 -1.45
N VAL A 72 -1.18 2.62 -1.98
CA VAL A 72 -1.34 2.18 -3.36
C VAL A 72 -1.87 0.75 -3.42
N GLU A 73 -3.00 0.57 -4.09
CA GLU A 73 -3.61 -0.74 -4.22
C GLU A 73 -3.17 -1.42 -5.52
N PHE A 74 -2.30 -2.41 -5.39
CA PHE A 74 -1.80 -3.15 -6.54
C PHE A 74 -2.83 -4.16 -7.04
N CYS A 75 -2.61 -4.69 -8.24
CA CYS A 75 -3.52 -5.66 -8.82
C CYS A 75 -3.40 -7.00 -8.12
N GLU A 76 -2.18 -7.35 -7.70
CA GLU A 76 -1.93 -8.61 -7.02
C GLU A 76 -1.06 -8.40 -5.78
N ILE A 77 -1.01 -9.39 -4.92
CA ILE A 77 -0.21 -9.32 -3.70
C ILE A 77 1.24 -9.70 -3.98
N GLN A 78 1.46 -10.49 -5.02
CA GLN A 78 2.79 -10.93 -5.39
C GLN A 78 3.58 -9.80 -6.05
N SER A 79 2.88 -8.71 -6.35
CA SER A 79 3.52 -7.56 -6.99
C SER A 79 3.93 -6.52 -5.96
N VAL A 80 3.45 -6.70 -4.73
CA VAL A 80 3.77 -5.78 -3.64
C VAL A 80 5.25 -5.82 -3.31
N PRO A 81 5.82 -7.03 -3.25
CA PRO A 81 7.24 -7.22 -2.95
C PRO A 81 8.14 -6.31 -3.77
N LEU A 82 7.99 -6.37 -5.09
CA LEU A 82 8.78 -5.55 -5.99
C LEU A 82 8.63 -4.07 -5.66
N ALA A 83 7.43 -3.69 -5.22
CA ALA A 83 7.14 -2.31 -4.86
C ALA A 83 7.90 -1.90 -3.60
N ILE A 84 8.05 -2.84 -2.67
CA ILE A 84 8.74 -2.57 -1.42
C ILE A 84 10.19 -2.20 -1.67
N GLY A 85 10.81 -2.87 -2.64
CA GLY A 85 12.20 -2.58 -2.96
C GLY A 85 12.42 -1.16 -3.44
N LEU A 86 11.49 -0.67 -4.24
CA LEU A 86 11.57 0.69 -4.78
C LEU A 86 12.03 1.66 -3.69
N THR A 87 11.64 1.38 -2.45
CA THR A 87 12.00 2.23 -1.32
C THR A 87 13.41 2.81 -1.50
N GLY A 88 13.48 4.04 -1.99
CA GLY A 88 14.76 4.69 -2.19
C GLY A 88 14.92 5.22 -3.61
N GLN A 89 13.84 5.16 -4.38
CA GLN A 89 13.88 5.64 -5.76
C GLN A 89 13.48 7.10 -5.84
N ARG A 90 14.41 7.94 -6.28
CA ARG A 90 14.16 9.37 -6.41
C ARG A 90 12.90 9.63 -7.23
N LEU A 91 11.85 10.09 -6.55
CA LEU A 91 10.59 10.38 -7.22
C LEU A 91 10.26 11.86 -7.14
N LEU A 92 10.19 12.52 -8.29
CA LEU A 92 9.88 13.94 -8.36
C LEU A 92 10.94 14.76 -7.62
N GLY A 93 12.14 14.20 -7.52
CA GLY A 93 13.22 14.90 -6.85
C GLY A 93 13.47 14.36 -5.45
N VAL A 94 12.42 13.85 -4.82
CA VAL A 94 12.53 13.31 -3.47
C VAL A 94 12.18 11.82 -3.45
N PRO A 95 13.11 11.01 -2.93
CA PRO A 95 12.93 9.56 -2.83
C PRO A 95 11.60 9.17 -2.20
N ILE A 96 11.10 7.99 -2.53
CA ILE A 96 9.83 7.51 -1.99
C ILE A 96 10.05 6.25 -1.15
N ILE A 97 9.13 6.03 -0.21
CA ILE A 97 9.21 4.86 0.66
C ILE A 97 8.10 3.86 0.34
N VAL A 98 8.43 2.58 0.43
CA VAL A 98 7.47 1.53 0.15
C VAL A 98 7.67 0.33 1.09
N GLN A 99 6.65 0.04 1.88
CA GLN A 99 6.71 -1.07 2.83
C GLN A 99 5.33 -1.68 3.05
N ALA A 100 5.29 -2.98 3.32
CA ALA A 100 4.04 -3.68 3.55
C ALA A 100 3.14 -2.89 4.50
N SER A 101 1.92 -2.61 4.05
CA SER A 101 0.96 -1.86 4.86
C SER A 101 0.37 -2.74 5.95
N GLN A 102 1.23 -3.42 6.70
CA GLN A 102 0.78 -4.30 7.77
C GLN A 102 0.59 -3.52 9.06
N ALA A 103 -0.03 -2.35 8.96
CA ALA A 103 -0.28 -1.50 10.12
C ALA A 103 -1.75 -1.51 10.49
N GLU A 104 -2.61 -1.54 9.47
CA GLU A 104 -4.06 -1.55 9.70
C GLU A 104 -4.50 -2.82 10.42
N LYS A 105 -3.98 -3.95 9.97
CA LYS A 105 -4.31 -5.24 10.57
C LYS A 105 -3.61 -5.42 11.92
N ASN A 106 -2.35 -5.00 11.97
CA ASN A 106 -1.57 -5.10 13.20
C ASN A 106 -2.20 -4.29 14.32
N ARG A 107 -2.55 -3.04 14.02
CA ARG A 107 -3.17 -2.16 15.01
C ARG A 107 -4.49 -2.75 15.52
N LEU A 108 -5.36 -3.11 14.59
CA LEU A 108 -6.65 -3.70 14.95
C LEU A 108 -6.53 -4.58 16.17
N SER A 109 -5.63 -5.55 16.11
CA SER A 109 -5.41 -6.48 17.22
C SER A 109 -4.76 -5.76 18.40
N GLY A 110 -3.76 -4.94 18.11
CA GLY A 110 -3.07 -4.21 19.15
C GLY A 110 -1.61 -3.95 18.80
N PRO A 111 -1.09 -2.79 19.24
CA PRO A 111 0.29 -2.39 18.99
C PRO A 111 1.27 -3.10 19.92
N SER A 112 1.06 -4.39 20.12
CA SER A 112 1.92 -5.19 20.99
C SER A 112 3.37 -5.11 20.53
N SER A 113 4.25 -4.68 21.43
CA SER A 113 5.67 -4.55 21.11
C SER A 113 6.16 -5.75 20.31
N GLY A 114 5.78 -6.95 20.77
CA GLY A 114 6.19 -8.16 20.08
C GLY A 114 5.87 -9.41 20.88
N GLY A 1 -24.83 20.92 2.18
CA GLY A 1 -23.92 20.71 1.06
C GLY A 1 -23.94 19.28 0.56
N SER A 2 -22.82 18.59 0.68
CA SER A 2 -22.70 17.20 0.23
C SER A 2 -21.88 16.38 1.22
N SER A 3 -22.22 15.10 1.33
CA SER A 3 -21.53 14.19 2.23
C SER A 3 -21.14 12.90 1.53
N GLY A 4 -19.84 12.72 1.28
CA GLY A 4 -19.37 11.53 0.61
C GLY A 4 -19.23 11.72 -0.88
N SER A 5 -18.70 10.70 -1.56
CA SER A 5 -18.51 10.76 -3.00
C SER A 5 -19.70 10.15 -3.73
N SER A 6 -20.02 8.91 -3.40
CA SER A 6 -21.14 8.21 -4.03
C SER A 6 -22.47 8.76 -3.53
N GLY A 7 -23.50 8.65 -4.36
CA GLY A 7 -24.82 9.14 -4.00
C GLY A 7 -25.60 8.13 -3.18
N LYS A 8 -26.87 7.96 -3.52
CA LYS A 8 -27.73 7.02 -2.80
C LYS A 8 -27.17 5.60 -2.87
N SER A 9 -26.96 5.00 -1.72
CA SER A 9 -26.42 3.64 -1.65
C SER A 9 -27.29 2.75 -0.76
N PRO A 10 -28.23 2.03 -1.39
CA PRO A 10 -29.15 1.13 -0.67
C PRO A 10 -28.43 0.30 0.39
N VAL A 11 -28.91 0.38 1.62
CA VAL A 11 -28.31 -0.36 2.73
C VAL A 11 -28.71 -1.84 2.67
N ARG A 12 -27.83 -2.70 3.16
CA ARG A 12 -28.08 -4.13 3.17
C ARG A 12 -27.24 -4.83 4.23
N GLU A 13 -27.51 -6.12 4.44
CA GLU A 13 -26.77 -6.90 5.43
C GLU A 13 -25.52 -7.52 4.81
N PRO A 14 -24.52 -7.81 5.66
CA PRO A 14 -23.27 -8.42 5.23
C PRO A 14 -23.48 -9.57 4.25
N VAL A 15 -22.88 -9.45 3.07
CA VAL A 15 -23.01 -10.48 2.04
C VAL A 15 -21.69 -11.20 1.83
N ASP A 16 -21.69 -12.19 0.93
CA ASP A 16 -20.49 -12.95 0.63
C ASP A 16 -19.71 -12.32 -0.52
N ASN A 17 -18.60 -11.66 -0.19
CA ASN A 17 -17.78 -11.02 -1.20
C ASN A 17 -16.48 -10.50 -0.59
N LEU A 18 -15.57 -10.01 -1.43
CA LEU A 18 -14.30 -9.49 -0.98
C LEU A 18 -14.44 -8.82 0.38
N SER A 19 -13.78 -9.39 1.39
CA SER A 19 -13.83 -8.85 2.74
C SER A 19 -12.83 -7.70 2.90
N PRO A 20 -13.19 -6.71 3.74
CA PRO A 20 -12.34 -5.55 4.00
C PRO A 20 -10.91 -5.94 4.32
N GLU A 21 -10.71 -7.21 4.66
CA GLU A 21 -9.38 -7.71 4.99
C GLU A 21 -8.60 -8.08 3.74
N GLU A 22 -9.27 -8.77 2.82
CA GLU A 22 -8.64 -9.19 1.56
C GLU A 22 -8.04 -8.00 0.83
N ARG A 23 -8.78 -6.90 0.81
CA ARG A 23 -8.33 -5.69 0.13
C ARG A 23 -7.01 -5.20 0.72
N ASP A 24 -6.90 -5.26 2.05
CA ASP A 24 -5.69 -4.83 2.73
C ASP A 24 -4.46 -5.57 2.19
N ALA A 25 -4.58 -6.89 2.10
CA ALA A 25 -3.48 -7.71 1.60
C ALA A 25 -2.90 -7.14 0.32
N ARG A 26 -3.76 -6.90 -0.66
CA ARG A 26 -3.33 -6.35 -1.95
C ARG A 26 -3.20 -4.83 -1.87
N THR A 27 -2.55 -4.35 -0.81
CA THR A 27 -2.35 -2.92 -0.62
C THR A 27 -0.96 -2.63 -0.07
N VAL A 28 -0.33 -1.57 -0.59
CA VAL A 28 1.01 -1.18 -0.14
C VAL A 28 0.98 0.17 0.55
N PHE A 29 1.93 0.38 1.46
CA PHE A 29 2.01 1.62 2.20
C PHE A 29 3.22 2.44 1.76
N CYS A 30 2.97 3.66 1.31
CA CYS A 30 4.04 4.55 0.84
C CYS A 30 4.22 5.72 1.80
N MET A 31 5.43 6.26 1.85
CA MET A 31 5.74 7.39 2.71
C MET A 31 6.79 8.30 2.08
N GLN A 32 7.09 9.41 2.75
CA GLN A 32 8.08 10.35 2.25
C GLN A 32 7.72 10.83 0.84
N LEU A 33 6.50 11.33 0.69
CA LEU A 33 6.03 11.82 -0.61
C LEU A 33 6.32 13.31 -0.76
N ALA A 34 6.40 13.77 -2.01
CA ALA A 34 6.67 15.17 -2.29
C ALA A 34 5.44 16.04 -2.01
N ALA A 35 5.63 17.35 -2.03
CA ALA A 35 4.54 18.28 -1.77
C ALA A 35 3.65 18.45 -3.00
N ARG A 36 4.28 18.59 -4.16
CA ARG A 36 3.56 18.75 -5.41
C ARG A 36 3.46 17.43 -6.17
N ILE A 37 3.10 16.38 -5.45
CA ILE A 37 2.98 15.06 -6.05
C ILE A 37 1.55 14.80 -6.54
N ARG A 38 1.42 14.02 -7.60
CA ARG A 38 0.11 13.70 -8.16
C ARG A 38 -0.13 12.20 -8.16
N PRO A 39 -1.39 11.80 -7.90
CA PRO A 39 -1.77 10.38 -7.86
C PRO A 39 -1.22 9.60 -9.04
N ARG A 40 -1.06 10.28 -10.18
CA ARG A 40 -0.54 9.64 -11.38
C ARG A 40 0.92 9.26 -11.21
N ASP A 41 1.75 10.25 -10.88
CA ASP A 41 3.17 10.03 -10.68
C ASP A 41 3.43 8.65 -10.06
N LEU A 42 2.63 8.31 -9.05
CA LEU A 42 2.77 7.02 -8.38
C LEU A 42 2.29 5.88 -9.27
N GLU A 43 1.06 6.01 -9.77
CA GLU A 43 0.49 4.99 -10.65
C GLU A 43 1.54 4.42 -11.59
N ASP A 44 2.01 5.24 -12.52
CA ASP A 44 3.02 4.81 -13.48
C ASP A 44 4.26 4.30 -12.77
N PHE A 45 4.84 5.15 -11.91
CA PHE A 45 6.04 4.79 -11.16
C PHE A 45 5.93 3.38 -10.61
N PHE A 46 4.69 2.96 -10.31
CA PHE A 46 4.45 1.64 -9.76
C PHE A 46 4.09 0.65 -10.87
N SER A 47 3.63 1.17 -12.00
CA SER A 47 3.24 0.34 -13.13
C SER A 47 4.42 -0.50 -13.60
N ALA A 48 5.62 -0.15 -13.14
CA ALA A 48 6.82 -0.88 -13.52
C ALA A 48 6.82 -2.28 -12.94
N VAL A 49 6.17 -2.45 -11.78
CA VAL A 49 6.09 -3.74 -11.12
C VAL A 49 4.68 -4.31 -11.18
N GLY A 50 3.68 -3.42 -11.19
CA GLY A 50 2.30 -3.85 -11.25
C GLY A 50 1.35 -2.70 -11.51
N LYS A 51 0.23 -3.00 -12.16
CA LYS A 51 -0.77 -1.98 -12.47
C LYS A 51 -1.45 -1.47 -11.20
N VAL A 52 -1.65 -0.15 -11.14
CA VAL A 52 -2.27 0.46 -9.97
C VAL A 52 -3.75 0.76 -10.25
N ARG A 53 -4.59 0.42 -9.28
CA ARG A 53 -6.03 0.65 -9.41
C ARG A 53 -6.43 1.99 -8.82
N ASP A 54 -6.11 2.19 -7.53
CA ASP A 54 -6.42 3.44 -6.85
C ASP A 54 -5.25 3.91 -6.00
N VAL A 55 -5.26 5.19 -5.65
CA VAL A 55 -4.19 5.76 -4.83
C VAL A 55 -4.76 6.75 -3.82
N ARG A 56 -4.78 6.33 -2.55
CA ARG A 56 -5.28 7.18 -1.48
C ARG A 56 -4.16 7.98 -0.83
N ILE A 57 -4.08 9.27 -1.16
CA ILE A 57 -3.05 10.14 -0.62
C ILE A 57 -3.55 10.87 0.63
N ILE A 58 -2.88 10.65 1.75
CA ILE A 58 -3.26 11.30 3.01
C ILE A 58 -3.00 12.80 2.95
N SER A 59 -3.86 13.56 3.62
CA SER A 59 -3.73 15.01 3.64
C SER A 59 -4.16 15.62 2.32
N ASP A 60 -5.25 15.10 1.76
CA ASP A 60 -5.78 15.59 0.50
C ASP A 60 -7.03 16.42 0.71
N ARG A 61 -7.80 16.07 1.74
CA ARG A 61 -9.03 16.79 2.06
C ARG A 61 -8.93 17.45 3.43
N ASN A 62 -8.23 18.58 3.49
CA ASN A 62 -8.06 19.31 4.75
C ASN A 62 -7.89 18.34 5.92
N SER A 63 -7.14 17.27 5.69
CA SER A 63 -6.90 16.28 6.73
C SER A 63 -5.59 16.55 7.45
N ARG A 64 -5.41 15.89 8.60
CA ARG A 64 -4.20 16.07 9.39
C ARG A 64 -2.97 16.21 8.50
N ARG A 65 -1.93 16.86 9.02
CA ARG A 65 -0.70 17.06 8.27
C ARG A 65 0.43 16.22 8.83
N SER A 66 1.15 15.53 7.95
CA SER A 66 2.26 14.68 8.37
C SER A 66 3.02 14.16 7.15
N LYS A 67 4.10 13.42 7.42
CA LYS A 67 4.92 12.86 6.35
C LYS A 67 4.05 12.44 5.17
N GLY A 68 4.40 12.94 3.98
CA GLY A 68 3.65 12.60 2.79
C GLY A 68 3.47 11.10 2.62
N ILE A 69 2.39 10.57 3.18
CA ILE A 69 2.11 9.14 3.08
C ILE A 69 0.88 8.88 2.22
N ALA A 70 0.90 7.76 1.50
CA ALA A 70 -0.21 7.38 0.63
C ALA A 70 -0.28 5.87 0.45
N TYR A 71 -1.48 5.38 0.16
CA TYR A 71 -1.68 3.94 -0.03
C TYR A 71 -1.96 3.63 -1.50
N VAL A 72 -1.31 2.59 -2.01
CA VAL A 72 -1.49 2.19 -3.40
C VAL A 72 -2.04 0.77 -3.49
N GLU A 73 -3.06 0.59 -4.33
CA GLU A 73 -3.68 -0.72 -4.52
C GLU A 73 -3.13 -1.42 -5.75
N PHE A 74 -2.40 -2.51 -5.52
CA PHE A 74 -1.80 -3.28 -6.61
C PHE A 74 -2.78 -4.35 -7.11
N CYS A 75 -2.51 -4.86 -8.31
CA CYS A 75 -3.36 -5.88 -8.91
C CYS A 75 -3.31 -7.17 -8.10
N GLU A 76 -2.10 -7.55 -7.68
CA GLU A 76 -1.91 -8.77 -6.91
C GLU A 76 -0.94 -8.53 -5.75
N ILE A 77 -0.96 -9.42 -4.78
CA ILE A 77 -0.08 -9.31 -3.62
C ILE A 77 1.36 -9.67 -3.99
N GLN A 78 1.52 -10.43 -5.07
CA GLN A 78 2.85 -10.83 -5.53
C GLN A 78 3.57 -9.66 -6.18
N SER A 79 2.87 -8.55 -6.34
CA SER A 79 3.45 -7.35 -6.95
C SER A 79 3.92 -6.37 -5.89
N VAL A 80 3.41 -6.54 -4.67
CA VAL A 80 3.78 -5.66 -3.56
C VAL A 80 5.27 -5.75 -3.27
N PRO A 81 5.81 -6.98 -3.27
CA PRO A 81 7.23 -7.23 -3.00
C PRO A 81 8.13 -6.30 -3.81
N LEU A 82 7.96 -6.32 -5.12
CA LEU A 82 8.76 -5.48 -6.01
C LEU A 82 8.62 -4.01 -5.65
N ALA A 83 7.42 -3.62 -5.24
CA ALA A 83 7.15 -2.24 -4.86
C ALA A 83 7.91 -1.86 -3.59
N ILE A 84 8.05 -2.82 -2.68
CA ILE A 84 8.76 -2.59 -1.43
C ILE A 84 10.23 -2.24 -1.68
N GLY A 85 10.84 -2.95 -2.63
CA GLY A 85 12.24 -2.69 -2.95
C GLY A 85 12.46 -1.29 -3.46
N LEU A 86 11.49 -0.75 -4.19
CA LEU A 86 11.59 0.59 -4.74
C LEU A 86 12.01 1.59 -3.67
N THR A 87 11.65 1.30 -2.43
CA THR A 87 11.99 2.16 -1.30
C THR A 87 13.37 2.78 -1.48
N GLY A 88 13.40 4.03 -1.95
CA GLY A 88 14.66 4.71 -2.15
C GLY A 88 14.82 5.24 -3.57
N GLN A 89 13.73 5.20 -4.33
CA GLN A 89 13.76 5.67 -5.71
C GLN A 89 13.36 7.15 -5.78
N ARG A 90 14.29 7.97 -6.26
CA ARG A 90 14.04 9.41 -6.38
C ARG A 90 12.78 9.67 -7.19
N LEU A 91 11.74 10.15 -6.51
CA LEU A 91 10.47 10.45 -7.17
C LEU A 91 10.19 11.94 -7.16
N LEU A 92 10.22 12.56 -8.33
CA LEU A 92 9.96 13.99 -8.46
C LEU A 92 11.01 14.80 -7.69
N GLY A 93 12.18 14.21 -7.51
CA GLY A 93 13.25 14.89 -6.79
C GLY A 93 13.42 14.36 -5.38
N VAL A 94 12.33 13.89 -4.78
CA VAL A 94 12.37 13.36 -3.43
C VAL A 94 12.04 11.88 -3.42
N PRO A 95 12.98 11.07 -2.91
CA PRO A 95 12.82 9.61 -2.81
C PRO A 95 11.49 9.21 -2.17
N ILE A 96 11.01 8.02 -2.50
CA ILE A 96 9.75 7.53 -1.95
C ILE A 96 9.98 6.27 -1.11
N ILE A 97 9.11 6.04 -0.14
CA ILE A 97 9.21 4.87 0.72
C ILE A 97 8.09 3.88 0.43
N VAL A 98 8.39 2.59 0.63
CA VAL A 98 7.41 1.54 0.39
C VAL A 98 7.60 0.39 1.36
N GLN A 99 6.52 0.04 2.07
CA GLN A 99 6.56 -1.05 3.03
C GLN A 99 5.21 -1.75 3.13
N ALA A 100 5.24 -3.04 3.46
CA ALA A 100 4.01 -3.82 3.59
C ALA A 100 3.09 -3.22 4.64
N SER A 101 2.00 -2.61 4.18
CA SER A 101 1.03 -1.99 5.08
C SER A 101 0.64 -2.95 6.20
N GLN A 102 0.53 -4.23 5.87
CA GLN A 102 0.17 -5.24 6.85
C GLN A 102 1.41 -5.90 7.45
N ALA A 103 2.42 -5.09 7.73
CA ALA A 103 3.67 -5.59 8.30
C ALA A 103 3.44 -6.10 9.72
N GLU A 104 2.72 -5.33 10.53
CA GLU A 104 2.44 -5.72 11.90
C GLU A 104 1.71 -7.06 11.96
N LYS A 105 0.58 -7.14 11.28
CA LYS A 105 -0.21 -8.36 11.24
C LYS A 105 0.66 -9.56 10.87
N ASN A 106 1.28 -9.49 9.70
CA ASN A 106 2.14 -10.56 9.23
C ASN A 106 3.24 -10.86 10.23
N ARG A 107 3.82 -9.82 10.80
CA ARG A 107 4.89 -9.97 11.79
C ARG A 107 4.32 -10.01 13.21
N LEU A 108 3.40 -10.95 13.44
CA LEU A 108 2.79 -11.09 14.76
C LEU A 108 2.86 -12.54 15.24
N SER A 109 2.46 -13.47 14.37
CA SER A 109 2.49 -14.89 14.71
C SER A 109 3.70 -15.57 14.10
N GLY A 110 4.36 -16.41 14.89
CA GLY A 110 5.54 -17.12 14.40
C GLY A 110 5.23 -18.02 13.23
N PRO A 111 6.19 -18.13 12.30
CA PRO A 111 6.03 -18.97 11.11
C PRO A 111 6.25 -20.45 11.41
N SER A 112 5.15 -21.18 11.57
CA SER A 112 5.22 -22.60 11.87
C SER A 112 5.94 -23.36 10.76
N SER A 113 7.17 -23.76 11.03
CA SER A 113 7.98 -24.50 10.06
C SER A 113 8.52 -25.79 10.66
N GLY A 114 9.24 -25.67 11.78
CA GLY A 114 9.80 -26.83 12.43
C GLY A 114 11.21 -26.59 12.93
N GLY A 1 -1.80 2.24 20.59
CA GLY A 1 -1.33 1.32 21.62
C GLY A 1 -1.55 -0.13 21.25
N SER A 2 -0.85 -1.03 21.93
CA SER A 2 -0.97 -2.46 21.66
C SER A 2 -1.42 -3.21 22.92
N SER A 3 -2.64 -3.70 22.91
CA SER A 3 -3.18 -4.43 24.04
C SER A 3 -3.94 -5.67 23.58
N GLY A 4 -3.63 -6.81 24.19
CA GLY A 4 -4.28 -8.05 23.82
C GLY A 4 -3.30 -9.13 23.40
N SER A 5 -3.05 -9.21 22.10
CA SER A 5 -2.12 -10.21 21.56
C SER A 5 -2.20 -11.50 22.36
N SER A 6 -3.41 -12.02 22.53
CA SER A 6 -3.62 -13.25 23.28
C SER A 6 -4.25 -14.32 22.40
N GLY A 7 -3.76 -14.44 21.17
CA GLY A 7 -4.28 -15.43 20.25
C GLY A 7 -4.86 -14.79 18.99
N LYS A 8 -6.18 -14.79 18.88
CA LYS A 8 -6.86 -14.22 17.72
C LYS A 8 -6.03 -14.43 16.45
N SER A 9 -5.53 -15.65 16.28
CA SER A 9 -4.72 -15.98 15.11
C SER A 9 -5.56 -16.71 14.06
N PRO A 10 -5.35 -16.35 12.78
CA PRO A 10 -6.07 -16.97 11.66
C PRO A 10 -5.50 -18.32 11.28
N VAL A 11 -6.40 -19.28 11.00
CA VAL A 11 -5.98 -20.61 10.62
C VAL A 11 -5.75 -20.72 9.12
N ARG A 12 -5.24 -21.86 8.68
CA ARG A 12 -4.98 -22.08 7.26
C ARG A 12 -6.18 -21.69 6.41
N GLU A 13 -6.01 -20.67 5.59
CA GLU A 13 -7.09 -20.19 4.73
C GLU A 13 -6.58 -19.87 3.33
N PRO A 14 -7.43 -20.05 2.32
CA PRO A 14 -7.08 -19.80 0.92
C PRO A 14 -7.09 -18.31 0.60
N VAL A 15 -6.71 -17.99 -0.64
CA VAL A 15 -6.68 -16.59 -1.08
C VAL A 15 -7.40 -16.43 -2.41
N ASP A 16 -8.47 -17.19 -2.60
CA ASP A 16 -9.25 -17.11 -3.83
C ASP A 16 -10.11 -15.86 -3.86
N ASN A 17 -10.93 -15.67 -2.83
CA ASN A 17 -11.80 -14.51 -2.74
C ASN A 17 -11.29 -13.53 -1.70
N LEU A 18 -11.67 -12.26 -1.85
CA LEU A 18 -11.26 -11.22 -0.91
C LEU A 18 -11.93 -11.40 0.44
N SER A 19 -11.45 -10.67 1.44
CA SER A 19 -12.01 -10.76 2.78
C SER A 19 -11.55 -9.58 3.64
N PRO A 20 -12.27 -9.31 4.73
CA PRO A 20 -11.96 -8.22 5.65
C PRO A 20 -10.48 -8.19 6.03
N GLU A 21 -9.79 -9.30 5.80
CA GLU A 21 -8.37 -9.40 6.11
C GLU A 21 -7.52 -9.35 4.85
N GLU A 22 -7.89 -10.17 3.87
CA GLU A 22 -7.16 -10.22 2.60
C GLU A 22 -7.13 -8.84 1.93
N ARG A 23 -8.24 -8.12 2.04
CA ARG A 23 -8.34 -6.78 1.45
C ARG A 23 -7.10 -5.96 1.76
N ASP A 24 -6.67 -6.01 3.02
CA ASP A 24 -5.50 -5.25 3.45
C ASP A 24 -4.23 -5.84 2.85
N ALA A 25 -4.09 -7.16 2.94
CA ALA A 25 -2.92 -7.84 2.39
C ALA A 25 -2.53 -7.28 1.04
N ARG A 26 -3.52 -7.10 0.17
CA ARG A 26 -3.28 -6.57 -1.17
C ARG A 26 -3.21 -5.04 -1.14
N THR A 27 -2.58 -4.51 -0.10
CA THR A 27 -2.43 -3.06 0.05
C THR A 27 -1.03 -2.69 0.50
N VAL A 28 -0.35 -1.88 -0.30
CA VAL A 28 1.00 -1.45 0.02
C VAL A 28 1.00 -0.04 0.63
N PHE A 29 1.96 0.21 1.51
CA PHE A 29 2.08 1.51 2.16
C PHE A 29 3.25 2.30 1.58
N CYS A 30 3.04 3.61 1.44
CA CYS A 30 4.07 4.50 0.91
C CYS A 30 4.22 5.75 1.76
N MET A 31 5.43 6.30 1.78
CA MET A 31 5.69 7.50 2.56
C MET A 31 6.78 8.35 1.90
N GLN A 32 7.12 9.48 2.53
CA GLN A 32 8.14 10.37 1.99
C GLN A 32 7.74 10.90 0.62
N LEU A 33 6.48 11.34 0.52
CA LEU A 33 5.98 11.89 -0.74
C LEU A 33 6.29 13.37 -0.87
N ALA A 34 6.37 13.85 -2.11
CA ALA A 34 6.67 15.25 -2.36
C ALA A 34 5.51 16.14 -1.96
N ALA A 35 5.72 17.46 -2.00
CA ALA A 35 4.68 18.41 -1.64
C ALA A 35 3.67 18.56 -2.77
N ARG A 36 4.16 18.65 -4.00
CA ARG A 36 3.29 18.80 -5.16
C ARG A 36 3.28 17.52 -6.00
N ILE A 37 3.01 16.40 -5.34
CA ILE A 37 2.97 15.12 -6.03
C ILE A 37 1.58 14.84 -6.58
N ARG A 38 1.53 14.13 -7.71
CA ARG A 38 0.27 13.80 -8.35
C ARG A 38 0.06 12.29 -8.40
N PRO A 39 -1.20 11.85 -8.24
CA PRO A 39 -1.55 10.43 -8.27
C PRO A 39 -0.89 9.69 -9.42
N ARG A 40 -0.86 10.33 -10.58
CA ARG A 40 -0.25 9.73 -11.77
C ARG A 40 1.18 9.29 -11.49
N ASP A 41 2.01 10.24 -11.07
CA ASP A 41 3.41 9.96 -10.77
C ASP A 41 3.56 8.58 -10.15
N LEU A 42 2.71 8.28 -9.17
CA LEU A 42 2.75 6.99 -8.48
C LEU A 42 2.20 5.88 -9.38
N GLU A 43 1.06 6.14 -10.00
CA GLU A 43 0.43 5.17 -10.87
C GLU A 43 1.46 4.53 -11.80
N ASP A 44 2.08 5.35 -12.65
CA ASP A 44 3.08 4.87 -13.59
C ASP A 44 4.32 4.35 -12.84
N PHE A 45 4.81 5.15 -11.90
CA PHE A 45 5.98 4.77 -11.12
C PHE A 45 5.85 3.33 -10.61
N PHE A 46 4.63 2.95 -10.26
CA PHE A 46 4.38 1.60 -9.76
C PHE A 46 4.00 0.65 -10.89
N SER A 47 3.66 1.22 -12.04
CA SER A 47 3.28 0.43 -13.20
C SER A 47 4.47 -0.39 -13.71
N ALA A 48 5.64 -0.15 -13.13
CA ALA A 48 6.84 -0.86 -13.53
C ALA A 48 6.86 -2.27 -12.94
N VAL A 49 6.08 -2.48 -11.89
CA VAL A 49 6.00 -3.79 -11.24
C VAL A 49 4.57 -4.31 -11.22
N GLY A 50 3.61 -3.40 -11.13
CA GLY A 50 2.22 -3.79 -11.10
C GLY A 50 1.28 -2.64 -11.42
N LYS A 51 0.10 -2.96 -11.91
CA LYS A 51 -0.89 -1.94 -12.25
C LYS A 51 -1.56 -1.38 -11.00
N VAL A 52 -1.77 -0.07 -10.98
CA VAL A 52 -2.40 0.59 -9.84
C VAL A 52 -3.90 0.75 -10.06
N ARG A 53 -4.69 0.29 -9.10
CA ARG A 53 -6.14 0.39 -9.18
C ARG A 53 -6.64 1.68 -8.53
N ASP A 54 -6.18 1.92 -7.30
CA ASP A 54 -6.57 3.12 -6.56
C ASP A 54 -5.41 3.67 -5.76
N VAL A 55 -5.36 5.00 -5.64
CA VAL A 55 -4.30 5.66 -4.90
C VAL A 55 -4.86 6.62 -3.86
N ARG A 56 -4.62 6.32 -2.58
CA ARG A 56 -5.11 7.16 -1.49
C ARG A 56 -3.98 8.01 -0.92
N ILE A 57 -4.04 9.31 -1.19
CA ILE A 57 -3.03 10.24 -0.70
C ILE A 57 -3.55 11.05 0.48
N ILE A 58 -2.97 10.81 1.66
CA ILE A 58 -3.37 11.52 2.86
C ILE A 58 -2.72 12.89 2.93
N SER A 59 -3.54 13.93 2.80
CA SER A 59 -3.05 15.31 2.85
C SER A 59 -3.42 15.98 4.16
N ASP A 60 -2.69 15.64 5.22
CA ASP A 60 -2.95 16.20 6.54
C ASP A 60 -1.69 16.17 7.40
N ARG A 61 -1.71 16.94 8.50
CA ARG A 61 -0.57 17.00 9.40
C ARG A 61 -0.96 16.53 10.80
N ASN A 62 -0.32 15.46 11.25
CA ASN A 62 -0.60 14.90 12.57
C ASN A 62 0.69 14.61 13.32
N SER A 63 1.66 14.02 12.61
CA SER A 63 2.94 13.68 13.20
C SER A 63 3.89 14.88 13.20
N ARG A 64 5.08 14.69 13.76
CA ARG A 64 6.07 15.76 13.81
C ARG A 64 6.84 15.86 12.50
N ARG A 65 7.52 14.78 12.14
CA ARG A 65 8.30 14.74 10.91
C ARG A 65 7.75 13.71 9.95
N SER A 66 7.14 14.18 8.85
CA SER A 66 6.55 13.29 7.86
C SER A 66 6.16 14.06 6.60
N LYS A 67 6.58 13.56 5.45
CA LYS A 67 6.28 14.20 4.18
C LYS A 67 4.82 13.95 3.77
N GLY A 68 4.42 12.68 3.80
CA GLY A 68 3.06 12.34 3.43
C GLY A 68 2.90 10.86 3.14
N ILE A 69 1.91 10.23 3.77
CA ILE A 69 1.65 8.82 3.57
C ILE A 69 0.57 8.59 2.52
N ALA A 70 0.76 7.57 1.69
CA ALA A 70 -0.20 7.25 0.64
C ALA A 70 -0.35 5.74 0.48
N TYR A 71 -1.58 5.29 0.27
CA TYR A 71 -1.86 3.87 0.09
C TYR A 71 -2.04 3.52 -1.38
N VAL A 72 -1.29 2.52 -1.83
CA VAL A 72 -1.38 2.09 -3.23
C VAL A 72 -1.88 0.65 -3.32
N GLU A 73 -3.01 0.47 -3.99
CA GLU A 73 -3.60 -0.86 -4.16
C GLU A 73 -3.10 -1.52 -5.45
N PHE A 74 -2.37 -2.61 -5.31
CA PHE A 74 -1.83 -3.33 -6.46
C PHE A 74 -2.81 -4.40 -6.94
N CYS A 75 -2.71 -4.76 -8.21
CA CYS A 75 -3.59 -5.76 -8.79
C CYS A 75 -3.39 -7.12 -8.11
N GLU A 76 -2.14 -7.45 -7.82
CA GLU A 76 -1.81 -8.72 -7.18
C GLU A 76 -0.98 -8.49 -5.93
N ILE A 77 -0.88 -9.52 -5.09
CA ILE A 77 -0.11 -9.43 -3.85
C ILE A 77 1.37 -9.72 -4.11
N GLN A 78 1.64 -10.54 -5.12
CA GLN A 78 3.01 -10.90 -5.47
C GLN A 78 3.74 -9.72 -6.12
N SER A 79 2.99 -8.65 -6.38
CA SER A 79 3.55 -7.46 -7.01
C SER A 79 3.94 -6.43 -5.94
N VAL A 80 3.40 -6.59 -4.74
CA VAL A 80 3.69 -5.67 -3.64
C VAL A 80 5.16 -5.71 -3.27
N PRO A 81 5.73 -6.93 -3.20
CA PRO A 81 7.14 -7.13 -2.87
C PRO A 81 8.06 -6.21 -3.65
N LEU A 82 7.99 -6.30 -4.97
CA LEU A 82 8.82 -5.47 -5.85
C LEU A 82 8.65 -3.99 -5.52
N ALA A 83 7.40 -3.59 -5.27
CA ALA A 83 7.10 -2.20 -4.94
C ALA A 83 7.82 -1.77 -3.67
N ILE A 84 7.95 -2.70 -2.73
CA ILE A 84 8.61 -2.41 -1.45
C ILE A 84 10.09 -2.10 -1.67
N GLY A 85 10.72 -2.82 -2.59
CA GLY A 85 12.13 -2.59 -2.88
C GLY A 85 12.39 -1.19 -3.41
N LEU A 86 11.48 -0.69 -4.23
CA LEU A 86 11.63 0.64 -4.81
C LEU A 86 12.06 1.66 -3.75
N THR A 87 11.67 1.38 -2.50
CA THR A 87 12.01 2.27 -1.40
C THR A 87 13.40 2.89 -1.60
N GLY A 88 13.43 4.17 -1.92
CA GLY A 88 14.69 4.86 -2.12
C GLY A 88 14.82 5.42 -3.52
N GLN A 89 13.75 5.32 -4.30
CA GLN A 89 13.75 5.81 -5.68
C GLN A 89 13.42 7.31 -5.71
N ARG A 90 14.36 8.10 -6.23
CA ARG A 90 14.17 9.54 -6.32
C ARG A 90 12.95 9.88 -7.17
N LEU A 91 11.84 10.19 -6.51
CA LEU A 91 10.60 10.53 -7.19
C LEU A 91 10.38 12.04 -7.21
N LEU A 92 10.46 12.63 -8.40
CA LEU A 92 10.27 14.06 -8.55
C LEU A 92 11.33 14.84 -7.76
N GLY A 93 12.48 14.21 -7.54
CA GLY A 93 13.55 14.86 -6.80
C GLY A 93 13.62 14.39 -5.37
N VAL A 94 12.52 13.90 -4.85
CA VAL A 94 12.46 13.41 -3.47
C VAL A 94 12.16 11.92 -3.42
N PRO A 95 13.11 11.15 -2.86
CA PRO A 95 12.98 9.70 -2.73
C PRO A 95 11.65 9.30 -2.10
N ILE A 96 11.15 8.12 -2.48
CA ILE A 96 9.89 7.62 -1.94
C ILE A 96 10.11 6.38 -1.09
N ILE A 97 9.15 6.07 -0.23
CA ILE A 97 9.24 4.91 0.63
C ILE A 97 8.10 3.93 0.37
N VAL A 98 8.37 2.64 0.56
CA VAL A 98 7.37 1.61 0.33
C VAL A 98 7.55 0.44 1.30
N GLN A 99 6.44 -0.07 1.83
CA GLN A 99 6.49 -1.18 2.77
C GLN A 99 5.20 -1.99 2.70
N ALA A 100 5.11 -3.01 3.55
CA ALA A 100 3.92 -3.87 3.59
C ALA A 100 2.89 -3.32 4.57
N SER A 101 1.73 -2.94 4.05
CA SER A 101 0.66 -2.40 4.87
C SER A 101 -0.04 -3.51 5.64
N GLN A 102 0.72 -4.25 6.43
CA GLN A 102 0.18 -5.35 7.23
C GLN A 102 -0.04 -4.92 8.68
N ALA A 103 -0.42 -3.66 8.87
CA ALA A 103 -0.65 -3.13 10.20
C ALA A 103 -2.14 -3.19 10.57
N GLU A 104 -2.99 -2.88 9.60
CA GLU A 104 -4.43 -2.91 9.81
C GLU A 104 -4.92 -4.34 10.06
N LYS A 105 -4.49 -5.26 9.22
CA LYS A 105 -4.87 -6.67 9.35
C LYS A 105 -4.76 -7.12 10.80
N ASN A 106 -3.92 -6.43 11.57
CA ASN A 106 -3.72 -6.77 12.98
C ASN A 106 -4.66 -5.97 13.87
N ARG A 107 -4.84 -4.69 13.54
CA ARG A 107 -5.71 -3.82 14.31
C ARG A 107 -6.98 -3.50 13.54
N LEU A 108 -7.77 -4.54 13.26
CA LEU A 108 -9.02 -4.37 12.53
C LEU A 108 -10.12 -5.24 13.12
N SER A 109 -11.16 -4.60 13.64
CA SER A 109 -12.28 -5.31 14.25
C SER A 109 -12.82 -6.39 13.30
N GLY A 110 -13.01 -7.59 13.83
CA GLY A 110 -13.51 -8.69 13.02
C GLY A 110 -13.33 -10.04 13.69
N PRO A 111 -14.38 -10.50 14.37
CA PRO A 111 -14.37 -11.79 15.07
C PRO A 111 -14.46 -12.98 14.11
N SER A 112 -13.78 -14.07 14.47
CA SER A 112 -13.78 -15.27 13.64
C SER A 112 -14.53 -16.40 14.32
N SER A 113 -15.27 -17.17 13.54
CA SER A 113 -16.05 -18.29 14.06
C SER A 113 -15.21 -19.56 14.10
N GLY A 114 -14.49 -19.82 13.02
CA GLY A 114 -13.65 -21.01 12.95
C GLY A 114 -12.45 -20.92 13.86
N GLY A 1 18.44 -12.93 2.82
CA GLY A 1 17.11 -13.44 2.55
C GLY A 1 17.07 -14.95 2.52
N SER A 2 17.98 -15.55 1.76
CA SER A 2 18.04 -17.00 1.64
C SER A 2 18.14 -17.65 3.00
N SER A 3 18.02 -18.98 3.03
CA SER A 3 18.10 -19.73 4.28
C SER A 3 16.98 -19.31 5.23
N GLY A 4 15.78 -19.20 4.70
CA GLY A 4 14.64 -18.81 5.52
C GLY A 4 13.85 -17.66 4.91
N SER A 5 12.56 -17.88 4.70
CA SER A 5 11.70 -16.85 4.11
C SER A 5 10.75 -16.28 5.16
N SER A 6 10.27 -15.07 4.91
CA SER A 6 9.35 -14.41 5.83
C SER A 6 8.02 -14.09 5.14
N GLY A 7 6.97 -14.76 5.58
CA GLY A 7 5.65 -14.53 5.00
C GLY A 7 4.97 -15.82 4.59
N LYS A 8 5.04 -16.82 5.46
CA LYS A 8 4.42 -18.11 5.19
C LYS A 8 3.25 -18.36 6.12
N SER A 9 2.04 -18.09 5.64
CA SER A 9 0.83 -18.29 6.44
C SER A 9 0.05 -19.51 5.95
N PRO A 10 0.31 -20.67 6.58
CA PRO A 10 -0.36 -21.91 6.23
C PRO A 10 -1.80 -21.97 6.75
N VAL A 11 -2.68 -22.57 5.96
CA VAL A 11 -4.09 -22.69 6.33
C VAL A 11 -4.70 -23.97 5.78
N ARG A 12 -5.60 -24.57 6.56
CA ARG A 12 -6.25 -25.80 6.16
C ARG A 12 -7.77 -25.63 6.10
N GLU A 13 -8.21 -24.50 5.55
CA GLU A 13 -9.63 -24.20 5.45
C GLU A 13 -9.90 -23.16 4.37
N PRO A 14 -11.00 -23.34 3.63
CA PRO A 14 -11.39 -22.42 2.55
C PRO A 14 -12.07 -21.16 3.08
N VAL A 15 -11.98 -20.08 2.32
CA VAL A 15 -12.58 -18.81 2.70
C VAL A 15 -13.54 -18.30 1.63
N ASP A 16 -14.61 -17.64 2.05
CA ASP A 16 -15.59 -17.10 1.13
C ASP A 16 -15.07 -15.83 0.47
N ASN A 17 -14.74 -14.84 1.30
CA ASN A 17 -14.24 -13.56 0.81
C ASN A 17 -12.91 -13.21 1.48
N LEU A 18 -12.05 -12.52 0.73
CA LEU A 18 -10.74 -12.13 1.24
C LEU A 18 -10.82 -11.77 2.73
N SER A 19 -9.89 -12.32 3.51
CA SER A 19 -9.85 -12.07 4.94
C SER A 19 -9.28 -10.69 5.24
N PRO A 20 -9.66 -10.13 6.40
CA PRO A 20 -9.18 -8.81 6.83
C PRO A 20 -7.69 -8.62 6.62
N GLU A 21 -6.93 -9.67 6.90
CA GLU A 21 -5.48 -9.62 6.75
C GLU A 21 -5.08 -9.70 5.28
N GLU A 22 -5.57 -10.74 4.60
CA GLU A 22 -5.28 -10.92 3.19
C GLU A 22 -5.52 -9.64 2.40
N ARG A 23 -6.61 -8.97 2.71
CA ARG A 23 -6.96 -7.72 2.03
C ARG A 23 -5.85 -6.69 2.18
N ASP A 24 -5.63 -6.24 3.41
CA ASP A 24 -4.58 -5.26 3.68
C ASP A 24 -3.32 -5.55 2.88
N ALA A 25 -2.90 -6.81 2.90
CA ALA A 25 -1.71 -7.23 2.18
C ALA A 25 -1.69 -6.66 0.76
N ARG A 26 -2.68 -7.04 -0.03
CA ARG A 26 -2.79 -6.57 -1.42
C ARG A 26 -2.51 -5.07 -1.49
N THR A 27 -2.75 -4.38 -0.39
CA THR A 27 -2.54 -2.94 -0.33
C THR A 27 -1.18 -2.60 0.26
N VAL A 28 -0.45 -1.69 -0.39
CA VAL A 28 0.87 -1.29 0.08
C VAL A 28 0.82 0.09 0.73
N PHE A 29 1.78 0.35 1.62
CA PHE A 29 1.85 1.63 2.31
C PHE A 29 3.08 2.41 1.87
N CYS A 30 2.83 3.62 1.35
CA CYS A 30 3.92 4.48 0.89
C CYS A 30 4.12 5.66 1.82
N MET A 31 5.31 6.24 1.80
CA MET A 31 5.62 7.39 2.65
C MET A 31 6.69 8.26 2.00
N GLN A 32 6.94 9.42 2.60
CA GLN A 32 7.93 10.36 2.08
C GLN A 32 7.52 10.90 0.72
N LEU A 33 6.31 11.45 0.65
CA LEU A 33 5.80 12.00 -0.59
C LEU A 33 6.13 13.49 -0.71
N ALA A 34 6.25 13.98 -1.94
CA ALA A 34 6.57 15.37 -2.18
C ALA A 34 5.38 16.28 -1.84
N ALA A 35 5.56 17.58 -2.02
CA ALA A 35 4.50 18.53 -1.74
C ALA A 35 3.60 18.74 -2.94
N ARG A 36 4.18 18.64 -4.14
CA ARG A 36 3.43 18.82 -5.38
C ARG A 36 3.38 17.52 -6.17
N ILE A 37 3.08 16.42 -5.48
CA ILE A 37 3.01 15.11 -6.12
C ILE A 37 1.58 14.82 -6.58
N ARG A 38 1.47 14.03 -7.66
CA ARG A 38 0.17 13.67 -8.20
C ARG A 38 0.02 12.16 -8.31
N PRO A 39 -1.21 11.67 -8.17
CA PRO A 39 -1.51 10.23 -8.24
C PRO A 39 -0.82 9.56 -9.43
N ARG A 40 -0.80 10.25 -10.57
CA ARG A 40 -0.18 9.72 -11.77
C ARG A 40 1.27 9.32 -11.51
N ASP A 41 2.03 10.25 -10.96
CA ASP A 41 3.44 9.99 -10.65
C ASP A 41 3.62 8.59 -10.06
N LEU A 42 2.79 8.25 -9.09
CA LEU A 42 2.86 6.94 -8.45
C LEU A 42 2.34 5.85 -9.39
N GLU A 43 1.26 6.14 -10.09
CA GLU A 43 0.67 5.18 -11.03
C GLU A 43 1.74 4.56 -11.91
N ASP A 44 2.36 5.39 -12.76
CA ASP A 44 3.40 4.92 -13.66
C ASP A 44 4.58 4.35 -12.88
N PHE A 45 5.04 5.11 -11.87
CA PHE A 45 6.15 4.68 -11.05
C PHE A 45 5.94 3.27 -10.51
N PHE A 46 4.68 2.94 -10.24
CA PHE A 46 4.33 1.63 -9.71
C PHE A 46 3.88 0.69 -10.83
N SER A 47 3.58 1.27 -11.99
CA SER A 47 3.14 0.49 -13.14
C SER A 47 4.26 -0.39 -13.67
N ALA A 48 5.44 -0.24 -13.09
CA ALA A 48 6.60 -1.03 -13.50
C ALA A 48 6.57 -2.42 -12.86
N VAL A 49 5.91 -2.52 -11.70
CA VAL A 49 5.82 -3.79 -11.00
C VAL A 49 4.38 -4.31 -11.02
N GLY A 50 3.42 -3.40 -10.99
CA GLY A 50 2.02 -3.80 -11.02
C GLY A 50 1.10 -2.63 -11.37
N LYS A 51 -0.03 -2.95 -12.01
CA LYS A 51 -0.99 -1.94 -12.40
C LYS A 51 -1.70 -1.36 -11.18
N VAL A 52 -1.84 -0.04 -11.16
CA VAL A 52 -2.50 0.64 -10.05
C VAL A 52 -3.97 0.91 -10.36
N ARG A 53 -4.84 0.55 -9.42
CA ARG A 53 -6.28 0.76 -9.60
C ARG A 53 -6.76 1.95 -8.78
N ASP A 54 -6.27 2.06 -7.55
CA ASP A 54 -6.66 3.15 -6.67
C ASP A 54 -5.45 3.72 -5.94
N VAL A 55 -5.44 5.02 -5.74
CA VAL A 55 -4.33 5.69 -5.05
C VAL A 55 -4.85 6.68 -4.01
N ARG A 56 -4.65 6.34 -2.74
CA ARG A 56 -5.09 7.21 -1.65
C ARG A 56 -3.93 7.99 -1.06
N ILE A 57 -3.95 9.31 -1.24
CA ILE A 57 -2.90 10.17 -0.73
C ILE A 57 -3.40 11.04 0.42
N ILE A 58 -2.84 10.81 1.61
CA ILE A 58 -3.23 11.57 2.79
C ILE A 58 -2.58 12.95 2.80
N SER A 59 -3.40 13.98 2.57
CA SER A 59 -2.90 15.35 2.54
C SER A 59 -3.06 16.01 3.92
N ASP A 60 -2.21 15.62 4.85
CA ASP A 60 -2.24 16.17 6.20
C ASP A 60 -0.85 16.20 6.82
N ARG A 61 -0.62 17.15 7.73
CA ARG A 61 0.67 17.27 8.38
C ARG A 61 0.51 17.94 9.76
N ASN A 62 1.23 17.41 10.74
CA ASN A 62 1.17 17.95 12.10
C ASN A 62 2.21 19.04 12.30
N SER A 63 3.42 18.79 11.79
CA SER A 63 4.51 19.75 11.91
C SER A 63 5.13 20.06 10.55
N ARG A 64 5.91 21.13 10.48
CA ARG A 64 6.55 21.53 9.24
C ARG A 64 7.26 20.34 8.58
N ARG A 65 8.24 19.79 9.27
CA ARG A 65 9.00 18.66 8.75
C ARG A 65 8.23 17.35 8.97
N SER A 66 7.41 16.98 8.00
CA SER A 66 6.62 15.76 8.08
C SER A 66 6.69 14.97 6.78
N LYS A 67 6.28 13.71 6.83
CA LYS A 67 6.29 12.86 5.65
C LYS A 67 4.88 12.56 5.18
N GLY A 68 4.69 12.53 3.86
CA GLY A 68 3.38 12.25 3.31
C GLY A 68 3.16 10.78 3.03
N ILE A 69 2.15 10.20 3.66
CA ILE A 69 1.84 8.79 3.47
C ILE A 69 0.74 8.60 2.44
N ALA A 70 0.81 7.51 1.69
CA ALA A 70 -0.18 7.21 0.68
C ALA A 70 -0.33 5.70 0.46
N TYR A 71 -1.56 5.25 0.25
CA TYR A 71 -1.82 3.83 0.04
C TYR A 71 -2.03 3.53 -1.44
N VAL A 72 -1.38 2.48 -1.91
CA VAL A 72 -1.48 2.07 -3.31
C VAL A 72 -2.01 0.65 -3.44
N GLU A 73 -3.15 0.52 -4.11
CA GLU A 73 -3.77 -0.79 -4.31
C GLU A 73 -3.20 -1.49 -5.53
N PHE A 74 -2.46 -2.57 -5.30
CA PHE A 74 -1.85 -3.34 -6.38
C PHE A 74 -2.79 -4.43 -6.86
N CYS A 75 -2.68 -4.77 -8.15
CA CYS A 75 -3.52 -5.81 -8.73
C CYS A 75 -3.45 -7.10 -7.92
N GLU A 76 -2.27 -7.38 -7.37
CA GLU A 76 -2.08 -8.58 -6.56
C GLU A 76 -1.09 -8.33 -5.44
N ILE A 77 -0.89 -9.33 -4.60
CA ILE A 77 0.04 -9.22 -3.48
C ILE A 77 1.46 -9.59 -3.89
N GLN A 78 1.56 -10.48 -4.89
CA GLN A 78 2.86 -10.92 -5.39
C GLN A 78 3.62 -9.76 -6.03
N SER A 79 2.94 -8.62 -6.19
CA SER A 79 3.54 -7.45 -6.81
C SER A 79 4.06 -6.49 -5.74
N VAL A 80 3.58 -6.66 -4.51
CA VAL A 80 4.01 -5.81 -3.40
C VAL A 80 5.51 -5.91 -3.16
N PRO A 81 6.03 -7.14 -3.21
CA PRO A 81 7.45 -7.41 -3.00
C PRO A 81 8.34 -6.48 -3.83
N LEU A 82 8.11 -6.46 -5.14
CA LEU A 82 8.88 -5.61 -6.03
C LEU A 82 8.80 -4.15 -5.62
N ALA A 83 7.58 -3.69 -5.32
CA ALA A 83 7.36 -2.31 -4.90
C ALA A 83 8.23 -1.96 -3.69
N ILE A 84 8.28 -2.87 -2.72
CA ILE A 84 9.07 -2.66 -1.52
C ILE A 84 10.53 -2.38 -1.86
N GLY A 85 11.05 -3.11 -2.83
CA GLY A 85 12.43 -2.93 -3.24
C GLY A 85 12.70 -1.53 -3.77
N LEU A 86 11.76 -1.01 -4.55
CA LEU A 86 11.89 0.32 -5.13
C LEU A 86 12.15 1.36 -4.05
N THR A 87 11.68 1.07 -2.83
CA THR A 87 11.86 1.98 -1.71
C THR A 87 13.20 2.70 -1.78
N GLY A 88 13.16 3.98 -2.16
CA GLY A 88 14.38 4.75 -2.27
C GLY A 88 14.64 5.24 -3.68
N GLN A 89 13.57 5.41 -4.44
CA GLN A 89 13.68 5.89 -5.81
C GLN A 89 13.32 7.37 -5.91
N ARG A 90 14.35 8.20 -6.09
CA ARG A 90 14.14 9.65 -6.20
C ARG A 90 12.92 9.95 -7.06
N LEU A 91 11.83 10.35 -6.40
CA LEU A 91 10.59 10.68 -7.10
C LEU A 91 10.31 12.18 -7.05
N LEU A 92 10.45 12.85 -8.19
CA LEU A 92 10.21 14.28 -8.27
C LEU A 92 11.21 15.05 -7.41
N GLY A 93 12.38 14.45 -7.20
CA GLY A 93 13.40 15.09 -6.39
C GLY A 93 13.45 14.55 -4.98
N VAL A 94 12.33 14.02 -4.51
CA VAL A 94 12.25 13.47 -3.16
C VAL A 94 12.00 11.96 -3.20
N PRO A 95 12.95 11.18 -2.66
CA PRO A 95 12.84 9.72 -2.62
C PRO A 95 11.50 9.25 -2.07
N ILE A 96 11.07 8.08 -2.52
CA ILE A 96 9.80 7.51 -2.07
C ILE A 96 10.03 6.27 -1.21
N ILE A 97 9.12 6.04 -0.27
CA ILE A 97 9.22 4.89 0.62
C ILE A 97 8.10 3.89 0.34
N VAL A 98 8.43 2.61 0.44
CA VAL A 98 7.45 1.55 0.21
C VAL A 98 7.64 0.40 1.19
N GLN A 99 6.58 0.05 1.91
CA GLN A 99 6.63 -1.02 2.89
C GLN A 99 5.29 -1.74 2.98
N ALA A 100 5.32 -3.03 3.27
CA ALA A 100 4.10 -3.82 3.40
C ALA A 100 3.15 -3.20 4.41
N SER A 101 1.95 -2.86 3.96
CA SER A 101 0.94 -2.26 4.83
C SER A 101 0.57 -3.21 5.97
N GLN A 102 0.46 -4.49 5.64
CA GLN A 102 0.10 -5.50 6.63
C GLN A 102 1.27 -5.77 7.59
N ALA A 103 2.38 -5.07 7.36
CA ALA A 103 3.56 -5.22 8.19
C ALA A 103 3.69 -4.07 9.18
N GLU A 104 2.65 -3.24 9.26
CA GLU A 104 2.65 -2.10 10.16
C GLU A 104 1.68 -2.32 11.31
N LYS A 105 0.55 -2.98 11.02
CA LYS A 105 -0.45 -3.26 12.04
C LYS A 105 -0.15 -4.57 12.76
N ASN A 106 0.15 -5.61 11.99
CA ASN A 106 0.46 -6.92 12.56
C ASN A 106 1.19 -6.77 13.89
N ARG A 107 2.22 -5.92 13.90
CA ARG A 107 3.01 -5.70 15.11
C ARG A 107 2.15 -5.06 16.20
N LEU A 108 1.65 -3.87 15.93
CA LEU A 108 0.81 -3.15 16.88
C LEU A 108 -0.16 -4.10 17.58
N SER A 109 -0.08 -4.17 18.90
CA SER A 109 -0.96 -5.03 19.69
C SER A 109 -2.29 -4.35 19.97
N GLY A 110 -3.31 -4.72 19.21
CA GLY A 110 -4.62 -4.14 19.40
C GLY A 110 -5.54 -5.03 20.22
N PRO A 111 -6.62 -4.43 20.76
CA PRO A 111 -7.60 -5.16 21.57
C PRO A 111 -8.55 -6.01 20.73
N SER A 112 -8.24 -7.29 20.61
CA SER A 112 -9.06 -8.21 19.83
C SER A 112 -10.52 -8.13 20.25
N SER A 113 -11.35 -7.54 19.40
CA SER A 113 -12.77 -7.39 19.69
C SER A 113 -13.58 -8.46 18.97
N GLY A 114 -14.58 -9.00 19.65
CA GLY A 114 -15.43 -10.02 19.07
C GLY A 114 -15.28 -11.36 19.77
N GLY A 1 -7.94 -6.62 -13.14
CA GLY A 1 -9.03 -5.67 -13.26
C GLY A 1 -10.23 -6.27 -13.98
N SER A 2 -11.41 -5.71 -13.72
CA SER A 2 -12.64 -6.20 -14.34
C SER A 2 -13.20 -5.16 -15.31
N SER A 3 -14.07 -5.62 -16.20
CA SER A 3 -14.69 -4.73 -17.19
C SER A 3 -16.11 -4.38 -16.79
N GLY A 4 -16.49 -3.12 -16.98
CA GLY A 4 -17.83 -2.68 -16.63
C GLY A 4 -17.85 -1.77 -15.42
N SER A 5 -19.04 -1.29 -15.08
CA SER A 5 -19.19 -0.39 -13.92
C SER A 5 -20.55 -0.60 -13.26
N SER A 6 -20.64 -0.19 -11.99
CA SER A 6 -21.88 -0.33 -11.24
C SER A 6 -22.08 0.87 -10.31
N GLY A 7 -23.33 1.33 -10.23
CA GLY A 7 -23.64 2.47 -9.37
C GLY A 7 -23.12 2.28 -7.96
N LYS A 8 -22.98 3.39 -7.24
CA LYS A 8 -22.48 3.35 -5.87
C LYS A 8 -23.61 3.66 -4.87
N SER A 9 -24.35 2.64 -4.48
CA SER A 9 -25.46 2.80 -3.55
C SER A 9 -25.68 1.52 -2.74
N PRO A 10 -26.07 1.70 -1.47
CA PRO A 10 -26.34 0.56 -0.56
C PRO A 10 -27.17 -0.52 -1.22
N VAL A 11 -26.54 -1.66 -1.50
CA VAL A 11 -27.23 -2.78 -2.14
C VAL A 11 -27.18 -4.03 -1.25
N ARG A 12 -28.04 -4.99 -1.55
CA ARG A 12 -28.09 -6.23 -0.79
C ARG A 12 -27.37 -7.36 -1.52
N GLU A 13 -26.17 -7.70 -1.04
CA GLU A 13 -25.38 -8.76 -1.66
C GLU A 13 -25.06 -9.85 -0.64
N PRO A 14 -24.80 -11.06 -1.14
CA PRO A 14 -24.48 -12.22 -0.31
C PRO A 14 -23.04 -12.18 0.22
N VAL A 15 -22.59 -13.29 0.78
CA VAL A 15 -21.24 -13.38 1.32
C VAL A 15 -20.22 -13.65 0.22
N ASP A 16 -20.26 -12.82 -0.82
CA ASP A 16 -19.34 -12.98 -1.94
C ASP A 16 -18.46 -11.73 -2.10
N ASN A 17 -17.34 -11.71 -1.39
CA ASN A 17 -16.42 -10.59 -1.45
C ASN A 17 -15.07 -10.95 -0.84
N LEU A 18 -14.06 -10.13 -1.10
CA LEU A 18 -12.73 -10.36 -0.56
C LEU A 18 -12.72 -10.29 0.96
N SER A 19 -11.82 -11.06 1.57
CA SER A 19 -11.71 -11.09 3.03
C SER A 19 -11.20 -9.75 3.56
N PRO A 20 -11.72 -9.35 4.73
CA PRO A 20 -11.34 -8.09 5.37
C PRO A 20 -9.83 -7.90 5.41
N GLU A 21 -9.11 -8.97 5.70
CA GLU A 21 -7.65 -8.92 5.77
C GLU A 21 -7.04 -8.83 4.37
N GLU A 22 -7.45 -9.74 3.50
CA GLU A 22 -6.93 -9.77 2.13
C GLU A 22 -6.87 -8.36 1.54
N ARG A 23 -7.94 -7.60 1.74
CA ARG A 23 -8.00 -6.23 1.24
C ARG A 23 -6.72 -5.46 1.58
N ASP A 24 -6.42 -5.37 2.87
CA ASP A 24 -5.23 -4.67 3.33
C ASP A 24 -3.96 -5.35 2.82
N ALA A 25 -3.89 -6.66 2.99
CA ALA A 25 -2.73 -7.43 2.54
C ALA A 25 -2.36 -7.06 1.11
N ARG A 26 -3.36 -6.94 0.25
CA ARG A 26 -3.13 -6.59 -1.15
C ARG A 26 -3.01 -5.08 -1.32
N THR A 27 -2.36 -4.43 -0.37
CA THR A 27 -2.17 -2.99 -0.41
C THR A 27 -0.78 -2.59 0.06
N VAL A 28 -0.17 -1.63 -0.64
CA VAL A 28 1.17 -1.16 -0.31
C VAL A 28 1.11 0.19 0.38
N PHE A 29 2.03 0.40 1.33
CA PHE A 29 2.09 1.66 2.06
C PHE A 29 3.23 2.54 1.56
N CYS A 30 2.89 3.72 1.08
CA CYS A 30 3.88 4.66 0.56
C CYS A 30 4.04 5.85 1.50
N MET A 31 5.28 6.34 1.60
CA MET A 31 5.56 7.48 2.46
C MET A 31 6.64 8.37 1.85
N GLN A 32 6.97 9.47 2.53
CA GLN A 32 7.98 10.39 2.05
C GLN A 32 7.63 10.91 0.65
N LEU A 33 6.41 11.41 0.51
CA LEU A 33 5.94 11.94 -0.77
C LEU A 33 5.98 13.46 -0.78
N ALA A 34 6.59 14.03 -1.81
CA ALA A 34 6.69 15.48 -1.94
C ALA A 34 5.34 16.14 -1.70
N ALA A 35 5.34 17.46 -1.57
CA ALA A 35 4.11 18.21 -1.34
C ALA A 35 3.34 18.42 -2.65
N ARG A 36 4.07 18.60 -3.74
CA ARG A 36 3.45 18.81 -5.05
C ARG A 36 3.46 17.51 -5.86
N ILE A 37 3.08 16.41 -5.20
CA ILE A 37 3.04 15.11 -5.87
C ILE A 37 1.65 14.82 -6.43
N ARG A 38 1.60 14.08 -7.53
CA ARG A 38 0.33 13.73 -8.16
C ARG A 38 0.16 12.22 -8.23
N PRO A 39 -1.10 11.76 -8.13
CA PRO A 39 -1.42 10.34 -8.18
C PRO A 39 -0.70 9.61 -9.30
N ARG A 40 -0.64 10.25 -10.47
CA ARG A 40 0.03 9.67 -11.63
C ARG A 40 1.47 9.31 -11.30
N ASP A 41 2.20 10.28 -10.77
CA ASP A 41 3.61 10.07 -10.41
C ASP A 41 3.80 8.68 -9.80
N LEU A 42 2.91 8.30 -8.90
CA LEU A 42 3.00 7.00 -8.24
C LEU A 42 2.51 5.90 -9.17
N GLU A 43 1.36 6.10 -9.78
CA GLU A 43 0.78 5.12 -10.70
C GLU A 43 1.87 4.51 -11.59
N ASP A 44 2.43 5.31 -12.48
CA ASP A 44 3.47 4.85 -13.38
C ASP A 44 4.63 4.26 -12.61
N PHE A 45 5.18 5.05 -11.68
CA PHE A 45 6.31 4.60 -10.87
C PHE A 45 6.05 3.21 -10.30
N PHE A 46 4.78 2.90 -10.06
CA PHE A 46 4.40 1.60 -9.52
C PHE A 46 4.00 0.63 -10.64
N SER A 47 3.65 1.19 -11.79
CA SER A 47 3.24 0.39 -12.94
C SER A 47 4.40 -0.47 -13.43
N ALA A 48 5.58 -0.23 -12.88
CA ALA A 48 6.77 -0.97 -13.28
C ALA A 48 6.76 -2.38 -12.70
N VAL A 49 6.02 -2.56 -11.60
CA VAL A 49 5.92 -3.86 -10.95
C VAL A 49 4.51 -4.43 -11.07
N GLY A 50 3.52 -3.54 -11.14
CA GLY A 50 2.13 -3.97 -11.26
C GLY A 50 1.19 -2.82 -11.52
N LYS A 51 0.03 -3.12 -12.11
CA LYS A 51 -0.96 -2.10 -12.41
C LYS A 51 -1.64 -1.60 -11.13
N VAL A 52 -1.79 -0.28 -11.03
CA VAL A 52 -2.42 0.32 -9.86
C VAL A 52 -3.91 0.59 -10.11
N ARG A 53 -4.74 0.11 -9.20
CA ARG A 53 -6.18 0.31 -9.32
C ARG A 53 -6.60 1.68 -8.81
N ASP A 54 -6.27 1.95 -7.56
CA ASP A 54 -6.61 3.23 -6.94
C ASP A 54 -5.48 3.72 -6.03
N VAL A 55 -5.40 5.03 -5.84
CA VAL A 55 -4.36 5.62 -5.00
C VAL A 55 -4.95 6.67 -4.06
N ARG A 56 -4.77 6.45 -2.76
CA ARG A 56 -5.28 7.37 -1.75
C ARG A 56 -4.15 8.12 -1.07
N ILE A 57 -4.01 9.39 -1.39
CA ILE A 57 -2.96 10.22 -0.80
C ILE A 57 -3.49 11.02 0.40
N ILE A 58 -2.87 10.82 1.56
CA ILE A 58 -3.28 11.51 2.77
C ILE A 58 -2.74 12.95 2.78
N SER A 59 -3.63 13.90 2.52
CA SER A 59 -3.25 15.31 2.50
C SER A 59 -3.63 16.00 3.82
N ASP A 60 -3.35 15.32 4.92
CA ASP A 60 -3.66 15.86 6.24
C ASP A 60 -2.40 16.43 6.91
N ARG A 61 -2.57 17.51 7.65
CA ARG A 61 -1.45 18.15 8.33
C ARG A 61 -1.57 17.98 9.84
N ASN A 62 -1.96 16.78 10.28
CA ASN A 62 -2.11 16.49 11.69
C ASN A 62 -0.90 16.96 12.48
N SER A 63 0.29 16.59 12.01
CA SER A 63 1.53 16.98 12.68
C SER A 63 2.21 18.12 11.94
N ARG A 64 3.09 18.83 12.63
CA ARG A 64 3.81 19.96 12.04
C ARG A 64 5.01 19.48 11.23
N ARG A 65 4.80 18.42 10.44
CA ARG A 65 5.87 17.87 9.61
C ARG A 65 5.56 18.06 8.13
N SER A 66 6.55 17.76 7.29
CA SER A 66 6.38 17.90 5.85
C SER A 66 6.33 16.53 5.17
N LYS A 67 5.99 15.51 5.94
CA LYS A 67 5.90 14.15 5.42
C LYS A 67 4.66 13.99 4.55
N GLY A 68 4.57 12.86 3.85
CA GLY A 68 3.43 12.60 2.99
C GLY A 68 3.18 11.12 2.79
N ILE A 69 2.24 10.56 3.54
CA ILE A 69 1.91 9.15 3.44
C ILE A 69 0.75 8.93 2.48
N ALA A 70 0.76 7.78 1.81
CA ALA A 70 -0.30 7.45 0.86
C ALA A 70 -0.49 5.93 0.76
N TYR A 71 -1.55 5.51 0.09
CA TYR A 71 -1.85 4.10 -0.07
C TYR A 71 -2.10 3.76 -1.55
N VAL A 72 -1.54 2.64 -1.98
CA VAL A 72 -1.70 2.19 -3.36
C VAL A 72 -2.13 0.73 -3.42
N GLU A 73 -3.21 0.47 -4.15
CA GLU A 73 -3.72 -0.89 -4.29
C GLU A 73 -3.17 -1.55 -5.55
N PHE A 74 -2.53 -2.70 -5.37
CA PHE A 74 -1.96 -3.43 -6.49
C PHE A 74 -2.92 -4.50 -7.01
N CYS A 75 -2.68 -4.98 -8.22
CA CYS A 75 -3.53 -6.00 -8.82
C CYS A 75 -3.46 -7.30 -8.03
N GLU A 76 -2.33 -7.55 -7.41
CA GLU A 76 -2.14 -8.76 -6.62
C GLU A 76 -1.20 -8.51 -5.43
N ILE A 77 -1.05 -9.52 -4.59
CA ILE A 77 -0.19 -9.40 -3.42
C ILE A 77 1.27 -9.70 -3.76
N GLN A 78 1.47 -10.65 -4.68
CA GLN A 78 2.81 -11.03 -5.10
C GLN A 78 3.51 -9.86 -5.80
N SER A 79 2.77 -8.78 -6.03
CA SER A 79 3.32 -7.61 -6.69
C SER A 79 3.79 -6.58 -5.66
N VAL A 80 3.33 -6.73 -4.43
CA VAL A 80 3.70 -5.81 -3.36
C VAL A 80 5.20 -5.87 -3.09
N PRO A 81 5.75 -7.09 -3.06
CA PRO A 81 7.18 -7.31 -2.82
C PRO A 81 8.06 -6.40 -3.67
N LEU A 82 7.89 -6.50 -4.99
CA LEU A 82 8.66 -5.68 -5.91
C LEU A 82 8.55 -4.20 -5.56
N ALA A 83 7.32 -3.73 -5.37
CA ALA A 83 7.08 -2.33 -5.04
C ALA A 83 7.91 -1.91 -3.84
N ILE A 84 8.03 -2.79 -2.85
CA ILE A 84 8.80 -2.51 -1.66
C ILE A 84 10.25 -2.18 -2.00
N GLY A 85 10.84 -3.00 -2.87
CA GLY A 85 12.22 -2.78 -3.26
C GLY A 85 12.46 -1.39 -3.82
N LEU A 86 11.54 -0.94 -4.66
CA LEU A 86 11.65 0.39 -5.27
C LEU A 86 12.10 1.42 -4.24
N THR A 87 11.75 1.17 -2.98
CA THR A 87 12.11 2.08 -1.90
C THR A 87 13.49 2.71 -2.14
N GLY A 88 13.52 4.04 -2.23
CA GLY A 88 14.77 4.73 -2.46
C GLY A 88 14.90 5.24 -3.88
N GLN A 89 13.76 5.50 -4.52
CA GLN A 89 13.75 5.99 -5.89
C GLN A 89 13.38 7.48 -5.93
N ARG A 90 14.35 8.31 -6.30
CA ARG A 90 14.14 9.75 -6.37
C ARG A 90 12.88 10.06 -7.18
N LEU A 91 11.82 10.46 -6.48
CA LEU A 91 10.55 10.79 -7.12
C LEU A 91 10.26 12.29 -6.99
N LEU A 92 10.28 12.99 -8.12
CA LEU A 92 10.02 14.42 -8.14
C LEU A 92 11.06 15.18 -7.32
N GLY A 93 12.25 14.59 -7.19
CA GLY A 93 13.31 15.23 -6.43
C GLY A 93 13.48 14.62 -5.05
N VAL A 94 12.40 14.07 -4.51
CA VAL A 94 12.44 13.46 -3.18
C VAL A 94 12.12 11.97 -3.26
N PRO A 95 13.07 11.13 -2.80
CA PRO A 95 12.90 9.68 -2.80
C PRO A 95 11.58 9.24 -2.18
N ILE A 96 11.04 8.13 -2.67
CA ILE A 96 9.78 7.61 -2.16
C ILE A 96 10.01 6.35 -1.32
N ILE A 97 9.10 6.09 -0.39
CA ILE A 97 9.20 4.93 0.48
C ILE A 97 8.08 3.92 0.19
N VAL A 98 8.43 2.64 0.22
CA VAL A 98 7.46 1.58 -0.05
C VAL A 98 7.66 0.42 0.92
N GLN A 99 6.58 0.05 1.62
CA GLN A 99 6.63 -1.05 2.57
C GLN A 99 5.29 -1.78 2.63
N ALA A 100 5.31 -2.99 3.18
CA ALA A 100 4.09 -3.79 3.30
C ALA A 100 3.12 -3.17 4.30
N SER A 101 1.87 -3.04 3.88
CA SER A 101 0.84 -2.46 4.73
C SER A 101 0.15 -3.53 5.56
N GLN A 102 0.94 -4.32 6.28
CA GLN A 102 0.41 -5.38 7.12
C GLN A 102 1.00 -5.32 8.53
N ALA A 103 1.26 -4.09 8.99
CA ALA A 103 1.82 -3.89 10.33
C ALA A 103 0.76 -3.34 11.28
N GLU A 104 0.18 -2.21 10.94
CA GLU A 104 -0.85 -1.59 11.76
C GLU A 104 -2.04 -2.53 11.97
N LYS A 105 -2.63 -2.97 10.86
CA LYS A 105 -3.78 -3.87 10.91
C LYS A 105 -3.38 -5.20 11.54
N ASN A 106 -2.29 -5.78 11.05
CA ASN A 106 -1.81 -7.06 11.56
C ASN A 106 -1.76 -7.05 13.09
N ARG A 107 -1.04 -6.08 13.64
CA ARG A 107 -0.90 -5.96 15.09
C ARG A 107 -2.26 -5.67 15.73
N LEU A 108 -2.86 -4.54 15.36
CA LEU A 108 -4.16 -4.16 15.89
C LEU A 108 -5.09 -5.35 16.00
N SER A 109 -5.14 -6.15 14.94
CA SER A 109 -6.00 -7.33 14.92
C SER A 109 -5.38 -8.43 14.06
N GLY A 110 -5.45 -9.66 14.56
CA GLY A 110 -4.89 -10.79 13.82
C GLY A 110 -5.94 -11.79 13.40
N PRO A 111 -5.53 -12.82 12.66
CA PRO A 111 -6.43 -13.87 12.17
C PRO A 111 -6.80 -14.86 13.26
N SER A 112 -7.62 -15.85 12.90
CA SER A 112 -8.05 -16.87 13.85
C SER A 112 -8.70 -18.05 13.13
N SER A 113 -8.61 -19.23 13.72
CA SER A 113 -9.19 -20.43 13.13
C SER A 113 -10.70 -20.29 13.00
N GLY A 114 -11.17 -20.17 11.76
CA GLY A 114 -12.59 -20.03 11.52
C GLY A 114 -12.91 -19.69 10.07
N GLY A 1 1.07 3.58 31.81
CA GLY A 1 1.31 2.21 31.40
C GLY A 1 0.02 1.44 31.17
N SER A 2 0.12 0.11 31.13
CA SER A 2 -1.04 -0.74 30.91
C SER A 2 -1.33 -1.59 32.14
N SER A 3 -2.52 -2.19 32.17
CA SER A 3 -2.92 -3.03 33.29
C SER A 3 -3.27 -4.43 32.82
N GLY A 4 -4.18 -4.51 31.84
CA GLY A 4 -4.58 -5.80 31.32
C GLY A 4 -5.51 -5.68 30.12
N SER A 5 -6.75 -6.10 30.30
CA SER A 5 -7.73 -6.04 29.21
C SER A 5 -7.25 -6.79 27.98
N SER A 6 -6.66 -7.96 28.21
CA SER A 6 -6.14 -8.78 27.11
C SER A 6 -7.20 -8.97 26.04
N GLY A 7 -6.76 -8.98 24.78
CA GLY A 7 -7.68 -9.15 23.67
C GLY A 7 -8.26 -10.56 23.62
N LYS A 8 -9.38 -10.70 22.93
CA LYS A 8 -10.03 -12.01 22.80
C LYS A 8 -9.28 -12.90 21.82
N SER A 9 -9.63 -14.18 21.80
CA SER A 9 -8.99 -15.14 20.91
C SER A 9 -9.43 -14.92 19.47
N PRO A 10 -8.49 -15.11 18.53
CA PRO A 10 -8.76 -14.94 17.10
C PRO A 10 -9.48 -16.14 16.51
N VAL A 11 -10.81 -16.13 16.59
CA VAL A 11 -11.61 -17.22 16.06
C VAL A 11 -11.72 -17.13 14.54
N ARG A 12 -12.18 -18.22 13.92
CA ARG A 12 -12.33 -18.26 12.47
C ARG A 12 -13.77 -17.94 12.07
N GLU A 13 -13.92 -17.19 10.98
CA GLU A 13 -15.23 -16.81 10.49
C GLU A 13 -15.58 -17.60 9.23
N PRO A 14 -16.87 -17.99 9.11
CA PRO A 14 -17.36 -18.74 7.95
C PRO A 14 -16.89 -18.14 6.63
N VAL A 15 -16.79 -19.00 5.61
CA VAL A 15 -16.36 -18.56 4.29
C VAL A 15 -17.16 -17.35 3.82
N ASP A 16 -16.53 -16.48 3.04
CA ASP A 16 -17.19 -15.29 2.52
C ASP A 16 -16.29 -14.56 1.52
N ASN A 17 -16.87 -13.63 0.77
CA ASN A 17 -16.12 -12.87 -0.21
C ASN A 17 -14.90 -12.21 0.41
N LEU A 18 -14.13 -11.50 -0.40
CA LEU A 18 -12.93 -10.82 0.08
C LEU A 18 -13.16 -10.21 1.45
N SER A 19 -12.56 -10.82 2.47
CA SER A 19 -12.70 -10.33 3.84
C SER A 19 -12.00 -8.98 4.02
N PRO A 20 -12.60 -8.12 4.85
CA PRO A 20 -12.05 -6.78 5.12
C PRO A 20 -10.55 -6.82 5.40
N GLU A 21 -10.06 -7.98 5.81
CA GLU A 21 -8.65 -8.15 6.11
C GLU A 21 -7.86 -8.55 4.86
N GLU A 22 -8.52 -9.30 3.97
CA GLU A 22 -7.88 -9.76 2.75
C GLU A 22 -7.57 -8.57 1.84
N ARG A 23 -8.45 -7.58 1.84
CA ARG A 23 -8.26 -6.40 1.01
C ARG A 23 -6.95 -5.69 1.35
N ASP A 24 -6.58 -5.72 2.62
CA ASP A 24 -5.35 -5.09 3.08
C ASP A 24 -4.13 -5.77 2.48
N ALA A 25 -4.09 -7.10 2.59
CA ALA A 25 -2.98 -7.87 2.06
C ALA A 25 -2.56 -7.37 0.69
N ARG A 26 -3.54 -7.02 -0.14
CA ARG A 26 -3.28 -6.52 -1.47
C ARG A 26 -3.16 -5.00 -1.48
N THR A 27 -2.57 -4.45 -0.42
CA THR A 27 -2.40 -3.01 -0.30
C THR A 27 -1.01 -2.66 0.24
N VAL A 28 -0.37 -1.68 -0.38
CA VAL A 28 0.96 -1.26 0.03
C VAL A 28 0.92 0.14 0.65
N PHE A 29 1.88 0.41 1.54
CA PHE A 29 1.95 1.70 2.21
C PHE A 29 3.09 2.55 1.64
N CYS A 30 2.79 3.81 1.36
CA CYS A 30 3.79 4.73 0.81
C CYS A 30 3.99 5.93 1.72
N MET A 31 5.23 6.40 1.81
CA MET A 31 5.55 7.55 2.65
C MET A 31 6.64 8.41 2.01
N GLN A 32 6.98 9.51 2.66
CA GLN A 32 8.00 10.42 2.15
C GLN A 32 7.63 10.93 0.76
N LEU A 33 6.42 11.46 0.64
CA LEU A 33 5.94 11.99 -0.63
C LEU A 33 6.46 13.40 -0.86
N ALA A 34 6.40 13.86 -2.11
CA ALA A 34 6.86 15.20 -2.46
C ALA A 34 5.80 16.25 -2.11
N ALA A 35 6.15 17.51 -2.29
CA ALA A 35 5.24 18.61 -2.00
C ALA A 35 4.27 18.85 -3.15
N ARG A 36 4.76 18.64 -4.37
CA ARG A 36 3.94 18.83 -5.56
C ARG A 36 3.74 17.52 -6.30
N ILE A 37 3.49 16.44 -5.55
CA ILE A 37 3.27 15.13 -6.14
C ILE A 37 1.81 14.94 -6.53
N ARG A 38 1.57 14.01 -7.45
CA ARG A 38 0.21 13.73 -7.91
C ARG A 38 -0.02 12.22 -8.02
N PRO A 39 -1.26 11.80 -7.75
CA PRO A 39 -1.65 10.39 -7.81
C PRO A 39 -1.12 9.69 -9.06
N ARG A 40 -1.04 10.44 -10.16
CA ARG A 40 -0.56 9.90 -11.42
C ARG A 40 0.92 9.53 -11.32
N ASP A 41 1.71 10.41 -10.68
CA ASP A 41 3.14 10.17 -10.52
C ASP A 41 3.40 8.79 -9.93
N LEU A 42 2.51 8.34 -9.06
CA LEU A 42 2.64 7.03 -8.43
C LEU A 42 2.15 5.93 -9.36
N GLU A 43 0.95 6.10 -9.90
CA GLU A 43 0.37 5.12 -10.80
C GLU A 43 1.43 4.54 -11.73
N ASP A 44 1.96 5.39 -12.61
CA ASP A 44 2.98 4.98 -13.56
C ASP A 44 4.24 4.49 -12.83
N PHE A 45 4.74 5.31 -11.92
CA PHE A 45 5.93 4.96 -11.16
C PHE A 45 5.83 3.55 -10.59
N PHE A 46 4.59 3.09 -10.36
CA PHE A 46 4.35 1.77 -9.82
C PHE A 46 4.04 0.77 -10.95
N SER A 47 3.65 1.30 -12.10
CA SER A 47 3.32 0.47 -13.25
C SER A 47 4.51 -0.39 -13.66
N ALA A 48 5.68 -0.08 -13.12
CA ALA A 48 6.89 -0.82 -13.43
C ALA A 48 6.86 -2.21 -12.80
N VAL A 49 6.12 -2.34 -11.70
CA VAL A 49 6.00 -3.62 -11.01
C VAL A 49 4.61 -4.20 -11.18
N GLY A 50 3.61 -3.33 -11.25
CA GLY A 50 2.23 -3.78 -11.41
C GLY A 50 1.28 -2.64 -11.66
N LYS A 51 0.11 -2.96 -12.19
CA LYS A 51 -0.91 -1.96 -12.48
C LYS A 51 -1.54 -1.42 -11.20
N VAL A 52 -1.75 -0.10 -11.15
CA VAL A 52 -2.34 0.52 -9.98
C VAL A 52 -3.85 0.59 -10.09
N ARG A 53 -4.55 0.06 -9.09
CA ARG A 53 -6.01 0.06 -9.09
C ARG A 53 -6.55 1.34 -8.47
N ASP A 54 -6.03 1.68 -7.29
CA ASP A 54 -6.46 2.88 -6.57
C ASP A 54 -5.34 3.44 -5.72
N VAL A 55 -5.36 4.76 -5.52
CA VAL A 55 -4.33 5.42 -4.73
C VAL A 55 -4.95 6.47 -3.81
N ARG A 56 -4.85 6.24 -2.50
CA ARG A 56 -5.39 7.17 -1.52
C ARG A 56 -4.28 7.94 -0.82
N ILE A 57 -4.14 9.22 -1.17
CA ILE A 57 -3.11 10.06 -0.57
C ILE A 57 -3.68 10.89 0.57
N ILE A 58 -3.18 10.63 1.78
CA ILE A 58 -3.64 11.35 2.96
C ILE A 58 -3.07 12.77 3.00
N SER A 59 -3.95 13.76 2.88
CA SER A 59 -3.55 15.15 2.89
C SER A 59 -4.30 15.93 3.96
N ASP A 60 -3.57 16.49 4.92
CA ASP A 60 -4.17 17.26 5.99
C ASP A 60 -3.48 18.62 6.14
N ARG A 61 -2.15 18.60 6.17
CA ARG A 61 -1.37 19.82 6.32
C ARG A 61 -0.71 20.20 5.00
N ASN A 62 -1.10 21.34 4.45
CA ASN A 62 -0.55 21.82 3.19
C ASN A 62 0.72 22.65 3.43
N SER A 63 1.88 22.00 3.29
CA SER A 63 3.15 22.67 3.49
C SER A 63 4.18 22.20 2.47
N ARG A 64 5.20 23.02 2.26
CA ARG A 64 6.26 22.70 1.30
C ARG A 64 7.31 21.81 1.94
N ARG A 65 8.04 21.07 1.10
CA ARG A 65 9.09 20.18 1.59
C ARG A 65 8.62 19.42 2.83
N SER A 66 7.42 18.85 2.75
CA SER A 66 6.86 18.11 3.88
C SER A 66 6.59 16.66 3.48
N LYS A 67 6.72 15.75 4.44
CA LYS A 67 6.48 14.33 4.19
C LYS A 67 5.00 14.06 4.00
N GLY A 68 4.67 12.81 3.69
CA GLY A 68 3.28 12.43 3.47
C GLY A 68 3.11 10.94 3.27
N ILE A 69 1.95 10.43 3.63
CA ILE A 69 1.65 9.00 3.49
C ILE A 69 0.55 8.77 2.47
N ALA A 70 0.67 7.68 1.71
CA ALA A 70 -0.32 7.34 0.70
C ALA A 70 -0.44 5.83 0.53
N TYR A 71 -1.62 5.38 0.12
CA TYR A 71 -1.86 3.95 -0.08
C TYR A 71 -1.99 3.61 -1.56
N VAL A 72 -1.57 2.41 -1.92
CA VAL A 72 -1.63 1.96 -3.30
C VAL A 72 -2.08 0.51 -3.40
N GLU A 73 -3.02 0.24 -4.30
CA GLU A 73 -3.54 -1.11 -4.48
C GLU A 73 -3.01 -1.72 -5.78
N PHE A 74 -2.28 -2.83 -5.66
CA PHE A 74 -1.73 -3.51 -6.82
C PHE A 74 -2.66 -4.62 -7.31
N CYS A 75 -2.56 -4.95 -8.59
CA CYS A 75 -3.39 -5.99 -9.17
C CYS A 75 -3.37 -7.25 -8.31
N GLU A 76 -2.19 -7.61 -7.83
CA GLU A 76 -2.03 -8.80 -6.99
C GLU A 76 -1.12 -8.51 -5.80
N ILE A 77 -0.99 -9.49 -4.91
CA ILE A 77 -0.14 -9.34 -3.74
C ILE A 77 1.31 -9.66 -4.06
N GLN A 78 1.51 -10.55 -5.02
CA GLN A 78 2.86 -10.94 -5.43
C GLN A 78 3.60 -9.77 -6.07
N SER A 79 2.89 -8.67 -6.27
CA SER A 79 3.47 -7.48 -6.89
C SER A 79 3.94 -6.50 -5.82
N VAL A 80 3.37 -6.63 -4.62
CA VAL A 80 3.74 -5.75 -3.52
C VAL A 80 5.23 -5.83 -3.21
N PRO A 81 5.77 -7.05 -3.21
CA PRO A 81 7.19 -7.30 -2.94
C PRO A 81 8.10 -6.38 -3.74
N LEU A 82 7.93 -6.41 -5.07
CA LEU A 82 8.74 -5.57 -5.96
C LEU A 82 8.63 -4.10 -5.57
N ALA A 83 7.41 -3.66 -5.29
CA ALA A 83 7.17 -2.27 -4.90
C ALA A 83 7.94 -1.92 -3.63
N ILE A 84 8.05 -2.87 -2.72
CA ILE A 84 8.77 -2.65 -1.47
C ILE A 84 10.22 -2.27 -1.73
N GLY A 85 10.87 -3.03 -2.61
CA GLY A 85 12.27 -2.76 -2.94
C GLY A 85 12.48 -1.34 -3.44
N LEU A 86 11.57 -0.88 -4.30
CA LEU A 86 11.67 0.46 -4.86
C LEU A 86 12.04 1.47 -3.79
N THR A 87 11.74 1.15 -2.53
CA THR A 87 12.04 2.03 -1.41
C THR A 87 13.37 2.75 -1.63
N GLY A 88 13.31 4.06 -1.86
CA GLY A 88 14.51 4.84 -2.08
C GLY A 88 14.65 5.30 -3.51
N GLN A 89 13.54 5.30 -4.24
CA GLN A 89 13.53 5.73 -5.64
C GLN A 89 13.22 7.22 -5.76
N ARG A 90 14.22 8.00 -6.15
CA ARG A 90 14.06 9.44 -6.29
C ARG A 90 12.83 9.76 -7.13
N LEU A 91 11.77 10.22 -6.47
CA LEU A 91 10.53 10.56 -7.15
C LEU A 91 10.35 12.08 -7.24
N LEU A 92 10.58 12.62 -8.42
CA LEU A 92 10.45 14.06 -8.64
C LEU A 92 11.47 14.83 -7.81
N GLY A 93 12.58 14.17 -7.48
CA GLY A 93 13.61 14.82 -6.69
C GLY A 93 13.60 14.37 -5.24
N VAL A 94 12.45 13.91 -4.78
CA VAL A 94 12.31 13.45 -3.40
C VAL A 94 12.04 11.95 -3.34
N PRO A 95 13.00 11.20 -2.79
CA PRO A 95 12.89 9.75 -2.66
C PRO A 95 11.56 9.31 -2.03
N ILE A 96 11.08 8.14 -2.43
CA ILE A 96 9.83 7.62 -1.91
C ILE A 96 10.06 6.36 -1.07
N ILE A 97 9.17 6.10 -0.13
CA ILE A 97 9.27 4.94 0.73
C ILE A 97 8.15 3.94 0.45
N VAL A 98 8.48 2.66 0.41
CA VAL A 98 7.50 1.61 0.14
C VAL A 98 7.69 0.45 1.11
N GLN A 99 6.67 0.22 1.95
CA GLN A 99 6.71 -0.87 2.92
C GLN A 99 5.41 -1.65 2.91
N ALA A 100 5.42 -2.81 3.57
CA ALA A 100 4.24 -3.66 3.63
C ALA A 100 3.19 -3.07 4.57
N SER A 101 2.09 -2.59 3.99
CA SER A 101 1.01 -1.98 4.77
C SER A 101 0.40 -3.01 5.72
N GLN A 102 -0.06 -4.12 5.16
CA GLN A 102 -0.67 -5.18 5.96
C GLN A 102 0.03 -5.31 7.31
N ALA A 103 1.36 -5.29 7.29
CA ALA A 103 2.14 -5.42 8.51
C ALA A 103 1.73 -4.34 9.53
N GLU A 104 1.77 -3.09 9.10
CA GLU A 104 1.41 -1.97 9.97
C GLU A 104 0.19 -2.31 10.82
N LYS A 105 -0.90 -2.66 10.14
CA LYS A 105 -2.14 -3.02 10.82
C LYS A 105 -1.92 -4.16 11.80
N ASN A 106 -1.70 -5.36 11.27
CA ASN A 106 -1.46 -6.54 12.10
C ASN A 106 -0.71 -6.16 13.38
N ARG A 107 0.47 -5.58 13.21
CA ARG A 107 1.30 -5.18 14.34
C ARG A 107 0.53 -4.23 15.25
N LEU A 108 0.11 -3.09 14.71
CA LEU A 108 -0.63 -2.10 15.48
C LEU A 108 -1.58 -2.76 16.46
N SER A 109 -1.44 -2.40 17.73
CA SER A 109 -2.29 -2.97 18.78
C SER A 109 -3.67 -2.33 18.76
N GLY A 110 -4.70 -3.18 18.79
CA GLY A 110 -6.07 -2.68 18.78
C GLY A 110 -6.84 -3.06 20.03
N PRO A 111 -6.61 -2.31 21.12
CA PRO A 111 -7.27 -2.55 22.40
C PRO A 111 -8.71 -2.05 22.42
N SER A 112 -9.65 -2.98 22.47
CA SER A 112 -11.08 -2.63 22.49
C SER A 112 -11.93 -3.87 22.70
N SER A 113 -12.83 -3.80 23.68
CA SER A 113 -13.72 -4.91 23.98
C SER A 113 -15.04 -4.78 23.23
N GLY A 114 -15.42 -5.83 22.52
CA GLY A 114 -16.66 -5.81 21.77
C GLY A 114 -16.44 -5.65 20.28
N GLY A 1 -25.32 27.71 12.90
CA GLY A 1 -26.30 26.70 12.56
C GLY A 1 -26.46 25.66 13.65
N SER A 2 -27.63 25.02 13.70
CA SER A 2 -27.91 24.00 14.71
C SER A 2 -27.98 22.62 14.06
N SER A 3 -27.02 21.77 14.41
CA SER A 3 -26.97 20.42 13.87
C SER A 3 -26.57 19.41 14.96
N GLY A 4 -27.50 18.54 15.32
CA GLY A 4 -27.22 17.54 16.34
C GLY A 4 -28.10 16.31 16.21
N SER A 5 -27.47 15.17 15.92
CA SER A 5 -28.19 13.93 15.75
C SER A 5 -27.77 12.90 16.80
N SER A 6 -28.54 11.83 16.92
CA SER A 6 -28.24 10.78 17.89
C SER A 6 -28.11 9.42 17.20
N GLY A 7 -27.13 8.63 17.64
CA GLY A 7 -26.92 7.32 17.05
C GLY A 7 -25.72 6.61 17.64
N LYS A 8 -25.60 5.32 17.36
CA LYS A 8 -24.50 4.52 17.88
C LYS A 8 -23.79 3.78 16.75
N SER A 9 -22.74 3.05 17.09
CA SER A 9 -21.98 2.29 16.10
C SER A 9 -22.20 0.79 16.29
N PRO A 10 -23.20 0.25 15.58
CA PRO A 10 -23.54 -1.17 15.65
C PRO A 10 -22.55 -2.04 14.87
N VAL A 11 -21.89 -2.96 15.55
CA VAL A 11 -20.93 -3.85 14.93
C VAL A 11 -21.53 -4.55 13.72
N ARG A 12 -20.68 -5.02 12.82
CA ARG A 12 -21.12 -5.71 11.62
C ARG A 12 -20.61 -7.15 11.58
N GLU A 13 -21.29 -7.99 10.81
CA GLU A 13 -20.91 -9.39 10.70
C GLU A 13 -20.28 -9.68 9.34
N PRO A 14 -19.41 -10.70 9.29
CA PRO A 14 -18.72 -11.09 8.05
C PRO A 14 -19.62 -11.89 7.12
N VAL A 15 -19.38 -11.77 5.83
CA VAL A 15 -20.17 -12.48 4.82
C VAL A 15 -19.28 -13.28 3.89
N ASP A 16 -19.91 -14.06 3.00
CA ASP A 16 -19.17 -14.88 2.05
C ASP A 16 -18.28 -14.01 1.17
N ASN A 17 -18.81 -12.88 0.72
CA ASN A 17 -18.06 -11.96 -0.12
C ASN A 17 -16.61 -11.85 0.33
N LEU A 18 -15.73 -11.49 -0.59
CA LEU A 18 -14.30 -11.35 -0.28
C LEU A 18 -14.11 -10.80 1.12
N SER A 19 -13.17 -11.37 1.87
CA SER A 19 -12.88 -10.94 3.23
C SER A 19 -12.26 -9.55 3.23
N PRO A 20 -12.31 -8.89 4.40
CA PRO A 20 -11.75 -7.53 4.57
C PRO A 20 -10.22 -7.54 4.55
N GLU A 21 -9.63 -8.66 4.95
CA GLU A 21 -8.17 -8.78 4.98
C GLU A 21 -7.62 -9.08 3.59
N GLU A 22 -8.34 -9.92 2.84
CA GLU A 22 -7.93 -10.28 1.49
C GLU A 22 -7.63 -9.04 0.66
N ARG A 23 -8.33 -7.95 0.96
CA ARG A 23 -8.14 -6.70 0.23
C ARG A 23 -6.89 -5.98 0.71
N ASP A 24 -6.67 -5.98 2.02
CA ASP A 24 -5.50 -5.32 2.60
C ASP A 24 -4.21 -5.96 2.09
N ALA A 25 -4.17 -7.29 2.13
CA ALA A 25 -2.99 -8.02 1.68
C ALA A 25 -2.49 -7.47 0.34
N ARG A 26 -3.41 -7.08 -0.52
CA ARG A 26 -3.07 -6.54 -1.83
C ARG A 26 -3.03 -5.02 -1.80
N THR A 27 -2.34 -4.47 -0.80
CA THR A 27 -2.23 -3.03 -0.66
C THR A 27 -0.85 -2.63 -0.15
N VAL A 28 -0.26 -1.62 -0.78
CA VAL A 28 1.07 -1.14 -0.38
C VAL A 28 0.98 0.22 0.31
N PHE A 29 1.90 0.46 1.24
CA PHE A 29 1.92 1.72 1.97
C PHE A 29 3.08 2.60 1.50
N CYS A 30 2.75 3.80 1.01
CA CYS A 30 3.76 4.73 0.53
C CYS A 30 3.96 5.87 1.51
N MET A 31 5.19 6.36 1.61
CA MET A 31 5.52 7.45 2.51
C MET A 31 6.56 8.39 1.89
N GLN A 32 6.94 9.42 2.63
CA GLN A 32 7.92 10.38 2.16
C GLN A 32 7.51 10.95 0.80
N LEU A 33 6.27 11.44 0.71
CA LEU A 33 5.76 12.01 -0.52
C LEU A 33 6.22 13.45 -0.68
N ALA A 34 6.24 13.92 -1.93
CA ALA A 34 6.65 15.29 -2.22
C ALA A 34 5.62 16.30 -1.74
N ALA A 35 5.97 17.58 -1.80
CA ALA A 35 5.07 18.64 -1.37
C ALA A 35 3.95 18.85 -2.37
N ARG A 36 4.27 18.69 -3.66
CA ARG A 36 3.28 18.87 -4.72
C ARG A 36 3.19 17.62 -5.59
N ILE A 37 3.20 16.46 -4.94
CA ILE A 37 3.11 15.19 -5.66
C ILE A 37 1.69 14.94 -6.17
N ARG A 38 1.57 14.00 -7.11
CA ARG A 38 0.27 13.66 -7.68
C ARG A 38 0.01 12.16 -7.60
N PRO A 39 -1.28 11.78 -7.67
CA PRO A 39 -1.69 10.38 -7.62
C PRO A 39 -1.31 9.61 -8.88
N ARG A 40 -0.86 10.34 -9.89
CA ARG A 40 -0.47 9.72 -11.16
C ARG A 40 1.02 9.36 -11.14
N ASP A 41 1.84 10.26 -10.61
CA ASP A 41 3.27 10.03 -10.54
C ASP A 41 3.59 8.66 -9.95
N LEU A 42 2.77 8.24 -8.98
CA LEU A 42 2.96 6.95 -8.33
C LEU A 42 2.46 5.81 -9.22
N GLU A 43 1.33 6.05 -9.89
CA GLU A 43 0.74 5.04 -10.77
C GLU A 43 1.79 4.48 -11.71
N ASP A 44 2.25 5.31 -12.64
CA ASP A 44 3.27 4.90 -13.61
C ASP A 44 4.52 4.39 -12.91
N PHE A 45 4.91 5.06 -11.83
CA PHE A 45 6.09 4.67 -11.06
C PHE A 45 5.93 3.27 -10.50
N PHE A 46 4.69 2.89 -10.21
CA PHE A 46 4.40 1.57 -9.65
C PHE A 46 4.03 0.58 -10.76
N SER A 47 3.70 1.12 -11.92
CA SER A 47 3.31 0.30 -13.06
C SER A 47 4.49 -0.52 -13.56
N ALA A 48 5.66 -0.29 -12.97
CA ALA A 48 6.86 -1.01 -13.36
C ALA A 48 6.91 -2.40 -12.73
N VAL A 49 6.10 -2.59 -11.70
CA VAL A 49 6.04 -3.87 -11.01
C VAL A 49 4.62 -4.42 -10.96
N GLY A 50 3.65 -3.51 -10.98
CA GLY A 50 2.25 -3.91 -10.94
C GLY A 50 1.32 -2.78 -11.28
N LYS A 51 0.12 -3.12 -11.77
CA LYS A 51 -0.87 -2.12 -12.13
C LYS A 51 -1.57 -1.58 -10.90
N VAL A 52 -1.78 -0.26 -10.87
CA VAL A 52 -2.45 0.37 -9.74
C VAL A 52 -3.94 0.51 -10.00
N ARG A 53 -4.74 0.26 -8.97
CA ARG A 53 -6.20 0.35 -9.08
C ARG A 53 -6.69 1.68 -8.52
N ASP A 54 -6.15 2.08 -7.37
CA ASP A 54 -6.55 3.33 -6.73
C ASP A 54 -5.41 3.88 -5.89
N VAL A 55 -5.31 5.21 -5.83
CA VAL A 55 -4.26 5.87 -5.06
C VAL A 55 -4.85 6.89 -4.09
N ARG A 56 -4.60 6.69 -2.80
CA ARG A 56 -5.11 7.59 -1.78
C ARG A 56 -3.98 8.41 -1.15
N ILE A 57 -3.89 9.67 -1.54
CA ILE A 57 -2.85 10.56 -1.02
C ILE A 57 -3.34 11.34 0.19
N ILE A 58 -2.91 10.91 1.38
CA ILE A 58 -3.31 11.57 2.61
C ILE A 58 -2.71 12.97 2.71
N SER A 59 -3.57 13.98 2.63
CA SER A 59 -3.14 15.37 2.71
C SER A 59 -4.05 16.18 3.62
N ASP A 60 -3.44 16.92 4.54
CA ASP A 60 -4.21 17.74 5.48
C ASP A 60 -3.70 19.19 5.47
N ARG A 61 -4.50 20.08 4.89
CA ARG A 61 -4.13 21.49 4.81
C ARG A 61 -4.04 22.11 6.21
N ASN A 62 -2.82 22.22 6.73
CA ASN A 62 -2.60 22.79 8.04
C ASN A 62 -1.16 23.28 8.20
N SER A 63 -0.88 23.99 9.29
CA SER A 63 0.45 24.51 9.55
C SER A 63 1.24 23.54 10.41
N ARG A 64 1.12 22.25 10.13
CA ARG A 64 1.82 21.22 10.87
C ARG A 64 2.85 20.53 10.00
N ARG A 65 4.09 20.45 10.49
CA ARG A 65 5.17 19.81 9.75
C ARG A 65 5.10 18.30 9.88
N SER A 66 4.78 17.61 8.78
CA SER A 66 4.68 16.17 8.78
C SER A 66 4.98 15.60 7.40
N LYS A 67 5.13 14.28 7.32
CA LYS A 67 5.42 13.61 6.05
C LYS A 67 4.13 13.32 5.29
N GLY A 68 4.28 12.81 4.07
CA GLY A 68 3.12 12.51 3.25
C GLY A 68 2.97 11.01 3.00
N ILE A 69 1.87 10.44 3.46
CA ILE A 69 1.61 9.02 3.28
C ILE A 69 0.49 8.79 2.27
N ALA A 70 0.62 7.74 1.46
CA ALA A 70 -0.38 7.40 0.46
C ALA A 70 -0.47 5.90 0.26
N TYR A 71 -1.69 5.41 0.04
CA TYR A 71 -1.91 3.99 -0.17
C TYR A 71 -2.15 3.67 -1.64
N VAL A 72 -1.63 2.54 -2.09
CA VAL A 72 -1.79 2.12 -3.48
C VAL A 72 -2.27 0.67 -3.57
N GLU A 73 -3.41 0.47 -4.24
CA GLU A 73 -3.97 -0.86 -4.39
C GLU A 73 -3.40 -1.55 -5.62
N PHE A 74 -2.82 -2.74 -5.43
CA PHE A 74 -2.23 -3.49 -6.53
C PHE A 74 -3.13 -4.66 -6.92
N CYS A 75 -3.02 -5.08 -8.17
CA CYS A 75 -3.81 -6.20 -8.68
C CYS A 75 -3.61 -7.45 -7.83
N GLU A 76 -2.34 -7.73 -7.51
CA GLU A 76 -2.02 -8.91 -6.71
C GLU A 76 -1.08 -8.53 -5.57
N ILE A 77 -0.88 -9.46 -4.64
CA ILE A 77 -0.01 -9.23 -3.50
C ILE A 77 1.43 -9.60 -3.82
N GLN A 78 1.60 -10.54 -4.75
CA GLN A 78 2.94 -10.97 -5.15
C GLN A 78 3.70 -9.83 -5.82
N SER A 79 2.99 -8.74 -6.12
CA SER A 79 3.61 -7.59 -6.76
C SER A 79 4.08 -6.57 -5.73
N VAL A 80 3.59 -6.72 -4.49
CA VAL A 80 3.97 -5.82 -3.42
C VAL A 80 5.47 -5.91 -3.12
N PRO A 81 5.98 -7.15 -3.07
CA PRO A 81 7.40 -7.41 -2.80
C PRO A 81 8.32 -6.52 -3.64
N LEU A 82 8.11 -6.53 -4.95
CA LEU A 82 8.92 -5.72 -5.86
C LEU A 82 8.81 -4.24 -5.52
N ALA A 83 7.58 -3.79 -5.27
CA ALA A 83 7.35 -2.39 -4.93
C ALA A 83 8.11 -1.99 -3.67
N ILE A 84 8.19 -2.90 -2.72
CA ILE A 84 8.91 -2.65 -1.47
C ILE A 84 10.36 -2.29 -1.73
N GLY A 85 11.01 -3.06 -2.60
CA GLY A 85 12.40 -2.82 -2.91
C GLY A 85 12.63 -1.44 -3.49
N LEU A 86 11.71 -1.00 -4.34
CA LEU A 86 11.81 0.32 -4.97
C LEU A 86 12.19 1.38 -3.94
N THR A 87 11.76 1.17 -2.70
CA THR A 87 12.06 2.11 -1.62
C THR A 87 13.42 2.76 -1.82
N GLY A 88 13.44 4.05 -2.10
CA GLY A 88 14.69 4.76 -2.30
C GLY A 88 14.85 5.26 -3.72
N GLN A 89 13.74 5.36 -4.44
CA GLN A 89 13.77 5.82 -5.82
C GLN A 89 13.39 7.30 -5.90
N ARG A 90 14.36 8.12 -6.27
CA ARG A 90 14.14 9.56 -6.38
C ARG A 90 12.89 9.86 -7.22
N LEU A 91 11.82 10.28 -6.55
CA LEU A 91 10.57 10.60 -7.24
C LEU A 91 10.27 12.09 -7.15
N LEU A 92 10.30 12.75 -8.30
CA LEU A 92 10.02 14.18 -8.36
C LEU A 92 11.05 14.97 -7.54
N GLY A 93 12.24 14.40 -7.38
CA GLY A 93 13.28 15.07 -6.62
C GLY A 93 13.42 14.50 -5.23
N VAL A 94 12.33 13.98 -4.68
CA VAL A 94 12.34 13.41 -3.35
C VAL A 94 12.05 11.91 -3.38
N PRO A 95 12.99 11.11 -2.85
CA PRO A 95 12.85 9.65 -2.81
C PRO A 95 11.51 9.21 -2.23
N ILE A 96 11.06 8.03 -2.62
CA ILE A 96 9.80 7.48 -2.14
C ILE A 96 10.02 6.26 -1.26
N ILE A 97 9.10 6.03 -0.33
CA ILE A 97 9.19 4.89 0.58
C ILE A 97 8.10 3.88 0.29
N VAL A 98 8.50 2.63 0.03
CA VAL A 98 7.56 1.56 -0.25
C VAL A 98 7.71 0.42 0.75
N GLN A 99 6.69 0.23 1.57
CA GLN A 99 6.70 -0.83 2.58
C GLN A 99 5.34 -1.53 2.66
N ALA A 100 5.36 -2.84 2.87
CA ALA A 100 4.15 -3.61 2.97
C ALA A 100 3.10 -2.90 3.82
N SER A 101 1.85 -2.95 3.38
CA SER A 101 0.75 -2.29 4.10
C SER A 101 0.00 -3.30 4.97
N GLN A 102 0.73 -4.04 5.79
CA GLN A 102 0.14 -5.03 6.66
C GLN A 102 0.47 -4.75 8.12
N ALA A 103 1.70 -4.32 8.37
CA ALA A 103 2.15 -4.00 9.72
C ALA A 103 1.11 -3.13 10.45
N GLU A 104 0.72 -2.03 9.81
CA GLU A 104 -0.26 -1.13 10.41
C GLU A 104 -1.31 -1.89 11.20
N LYS A 105 -1.82 -2.97 10.60
CA LYS A 105 -2.84 -3.79 11.25
C LYS A 105 -2.26 -4.47 12.49
N ASN A 106 -1.12 -5.13 12.33
CA ASN A 106 -0.48 -5.83 13.44
C ASN A 106 -0.45 -4.95 14.69
N ARG A 107 0.22 -3.80 14.59
CA ARG A 107 0.32 -2.88 15.71
C ARG A 107 -1.05 -2.58 16.30
N LEU A 108 -1.96 -2.11 15.45
CA LEU A 108 -3.31 -1.79 15.89
C LEU A 108 -3.86 -2.86 16.83
N SER A 109 -3.94 -4.09 16.32
CA SER A 109 -4.44 -5.21 17.12
C SER A 109 -5.91 -5.01 17.45
N GLY A 110 -6.72 -4.69 16.44
CA GLY A 110 -8.14 -4.48 16.65
C GLY A 110 -8.80 -3.82 15.46
N PRO A 111 -10.14 -3.76 15.48
CA PRO A 111 -10.93 -3.15 14.41
C PRO A 111 -10.90 -1.63 14.46
N SER A 112 -10.34 -1.09 15.55
CA SER A 112 -10.26 0.35 15.71
C SER A 112 -9.35 0.98 14.65
N SER A 113 -9.95 1.77 13.77
CA SER A 113 -9.20 2.42 12.71
C SER A 113 -8.41 3.62 13.25
N GLY A 114 -7.57 4.19 12.39
CA GLY A 114 -6.77 5.33 12.80
C GLY A 114 -5.29 5.13 12.54
N GLY A 1 -25.51 19.38 2.90
CA GLY A 1 -25.17 17.98 2.76
C GLY A 1 -25.95 17.09 3.71
N SER A 2 -25.86 15.78 3.49
CA SER A 2 -26.56 14.82 4.34
C SER A 2 -25.80 13.50 4.40
N SER A 3 -26.15 12.67 5.39
CA SER A 3 -25.50 11.38 5.56
C SER A 3 -26.19 10.57 6.66
N GLY A 4 -26.33 9.27 6.42
CA GLY A 4 -26.97 8.41 7.39
C GLY A 4 -25.97 7.68 8.28
N SER A 5 -26.11 6.36 8.36
CA SER A 5 -25.21 5.56 9.18
C SER A 5 -24.76 4.31 8.43
N SER A 6 -23.45 4.04 8.47
CA SER A 6 -22.90 2.87 7.80
C SER A 6 -21.75 2.28 8.60
N GLY A 7 -21.83 0.98 8.88
CA GLY A 7 -20.80 0.30 9.65
C GLY A 7 -21.38 -0.58 10.73
N LYS A 8 -20.50 -1.25 11.47
CA LYS A 8 -20.92 -2.13 12.56
C LYS A 8 -21.80 -3.27 12.01
N SER A 9 -21.28 -3.99 11.03
CA SER A 9 -22.01 -5.10 10.44
C SER A 9 -21.78 -6.40 11.22
N PRO A 10 -22.86 -7.18 11.40
CA PRO A 10 -22.79 -8.44 12.13
C PRO A 10 -21.62 -9.32 11.68
N VAL A 11 -21.11 -10.11 12.61
CA VAL A 11 -19.98 -11.00 12.32
C VAL A 11 -20.47 -12.40 11.96
N ARG A 12 -20.29 -12.78 10.70
CA ARG A 12 -20.71 -14.10 10.22
C ARG A 12 -19.58 -14.78 9.45
N GLU A 13 -19.76 -16.06 9.17
CA GLU A 13 -18.76 -16.83 8.43
C GLU A 13 -18.22 -16.03 7.25
N PRO A 14 -16.95 -16.27 6.90
CA PRO A 14 -16.30 -15.58 5.79
C PRO A 14 -16.73 -16.13 4.43
N VAL A 15 -17.27 -15.26 3.60
CA VAL A 15 -17.73 -15.66 2.27
C VAL A 15 -16.59 -15.61 1.26
N ASP A 16 -16.80 -16.23 0.10
CA ASP A 16 -15.79 -16.25 -0.95
C ASP A 16 -15.56 -14.86 -1.52
N ASN A 17 -16.66 -14.18 -1.85
CA ASN A 17 -16.58 -12.83 -2.41
C ASN A 17 -15.52 -12.01 -1.68
N LEU A 18 -14.83 -11.14 -2.44
CA LEU A 18 -13.80 -10.30 -1.87
C LEU A 18 -14.35 -9.42 -0.75
N SER A 19 -13.81 -9.58 0.45
CA SER A 19 -14.25 -8.81 1.60
C SER A 19 -13.37 -7.58 1.81
N PRO A 20 -13.93 -6.55 2.45
CA PRO A 20 -13.21 -5.30 2.72
C PRO A 20 -11.82 -5.54 3.30
N GLU A 21 -11.67 -6.66 4.00
CA GLU A 21 -10.39 -7.01 4.60
C GLU A 21 -9.38 -7.40 3.54
N GLU A 22 -9.74 -8.37 2.71
CA GLU A 22 -8.85 -8.85 1.65
C GLU A 22 -8.19 -7.66 0.94
N ARG A 23 -8.96 -6.63 0.65
CA ARG A 23 -8.45 -5.45 -0.02
C ARG A 23 -7.11 -5.03 0.57
N ASP A 24 -6.99 -5.12 1.88
CA ASP A 24 -5.76 -4.75 2.57
C ASP A 24 -4.58 -5.53 2.01
N ALA A 25 -4.68 -6.86 2.04
CA ALA A 25 -3.61 -7.72 1.55
C ALA A 25 -3.01 -7.16 0.26
N ARG A 26 -3.88 -6.81 -0.69
CA ARG A 26 -3.43 -6.25 -1.96
C ARG A 26 -3.26 -4.74 -1.87
N THR A 27 -2.57 -4.28 -0.83
CA THR A 27 -2.34 -2.86 -0.63
C THR A 27 -0.95 -2.61 -0.03
N VAL A 28 -0.30 -1.55 -0.49
CA VAL A 28 1.03 -1.20 0.00
C VAL A 28 1.02 0.18 0.65
N PHE A 29 1.86 0.35 1.67
CA PHE A 29 1.96 1.62 2.38
C PHE A 29 3.13 2.44 1.87
N CYS A 30 2.85 3.66 1.42
CA CYS A 30 3.89 4.55 0.91
C CYS A 30 4.05 5.78 1.81
N MET A 31 5.25 6.37 1.76
CA MET A 31 5.53 7.56 2.57
C MET A 31 6.62 8.40 1.92
N GLN A 32 6.91 9.55 2.54
CA GLN A 32 7.93 10.45 2.02
C GLN A 32 7.55 10.97 0.64
N LEU A 33 6.36 11.56 0.54
CA LEU A 33 5.88 12.11 -0.72
C LEU A 33 6.22 13.59 -0.85
N ALA A 34 6.45 14.04 -2.08
CA ALA A 34 6.78 15.43 -2.33
C ALA A 34 5.62 16.35 -1.96
N ALA A 35 5.85 17.66 -2.08
CA ALA A 35 4.82 18.64 -1.77
C ALA A 35 3.83 18.78 -2.91
N ARG A 36 4.35 18.84 -4.14
CA ARG A 36 3.52 18.98 -5.32
C ARG A 36 3.46 17.67 -6.10
N ILE A 37 3.24 16.58 -5.40
CA ILE A 37 3.16 15.26 -6.03
C ILE A 37 1.75 14.97 -6.53
N ARG A 38 1.65 14.17 -7.58
CA ARG A 38 0.35 13.81 -8.15
C ARG A 38 0.15 12.31 -8.14
N PRO A 39 -1.10 11.87 -7.91
CA PRO A 39 -1.45 10.45 -7.87
C PRO A 39 -0.83 9.67 -9.01
N ARG A 40 -0.89 10.23 -10.22
CA ARG A 40 -0.33 9.58 -11.40
C ARG A 40 1.15 9.26 -11.19
N ASP A 41 1.93 10.29 -10.86
CA ASP A 41 3.36 10.12 -10.65
C ASP A 41 3.66 8.79 -9.96
N LEU A 42 2.82 8.43 -9.00
CA LEU A 42 2.99 7.18 -8.27
C LEU A 42 2.50 6.00 -9.10
N GLU A 43 1.30 6.13 -9.66
CA GLU A 43 0.72 5.07 -10.47
C GLU A 43 1.73 4.54 -11.49
N ASP A 44 2.06 5.38 -12.47
CA ASP A 44 3.03 5.01 -13.51
C ASP A 44 4.28 4.40 -12.89
N PHE A 45 4.90 5.15 -11.99
CA PHE A 45 6.12 4.68 -11.32
C PHE A 45 5.94 3.26 -10.79
N PHE A 46 4.79 3.00 -10.19
CA PHE A 46 4.49 1.69 -9.63
C PHE A 46 4.09 0.71 -10.73
N SER A 47 3.66 1.26 -11.87
CA SER A 47 3.24 0.44 -12.99
C SER A 47 4.40 -0.39 -13.53
N ALA A 48 5.60 -0.07 -13.07
CA ALA A 48 6.80 -0.79 -13.50
C ALA A 48 6.83 -2.21 -12.93
N VAL A 49 6.19 -2.39 -11.78
CA VAL A 49 6.14 -3.70 -11.14
C VAL A 49 4.74 -4.28 -11.18
N GLY A 50 3.73 -3.41 -11.12
CA GLY A 50 2.35 -3.85 -11.16
C GLY A 50 1.38 -2.72 -11.41
N LYS A 51 0.24 -3.05 -11.99
CA LYS A 51 -0.78 -2.04 -12.29
C LYS A 51 -1.41 -1.51 -11.00
N VAL A 52 -1.71 -0.21 -10.99
CA VAL A 52 -2.32 0.42 -9.83
C VAL A 52 -3.82 0.56 -9.99
N ARG A 53 -4.57 0.09 -9.00
CA ARG A 53 -6.03 0.17 -9.04
C ARG A 53 -6.52 1.50 -8.49
N ASP A 54 -6.09 1.83 -7.27
CA ASP A 54 -6.49 3.07 -6.63
C ASP A 54 -5.34 3.65 -5.79
N VAL A 55 -5.34 4.96 -5.62
CA VAL A 55 -4.30 5.63 -4.85
C VAL A 55 -4.90 6.62 -3.86
N ARG A 56 -4.76 6.32 -2.58
CA ARG A 56 -5.30 7.19 -1.53
C ARG A 56 -4.19 8.03 -0.90
N ILE A 57 -4.21 9.33 -1.19
CA ILE A 57 -3.21 10.24 -0.65
C ILE A 57 -3.75 11.00 0.56
N ILE A 58 -3.30 10.60 1.75
CA ILE A 58 -3.73 11.25 2.98
C ILE A 58 -3.17 12.66 3.09
N SER A 59 -4.02 13.64 2.83
CA SER A 59 -3.61 15.04 2.88
C SER A 59 -4.42 15.80 3.94
N ASP A 60 -3.81 15.99 5.11
CA ASP A 60 -4.48 16.69 6.20
C ASP A 60 -3.67 17.93 6.62
N ARG A 61 -2.35 17.78 6.62
CA ARG A 61 -1.47 18.88 7.00
C ARG A 61 -1.85 19.43 8.38
N ASN A 62 -1.88 18.54 9.37
CA ASN A 62 -2.23 18.93 10.73
C ASN A 62 -1.18 19.86 11.31
N SER A 63 0.09 19.55 11.05
CA SER A 63 1.20 20.36 11.54
C SER A 63 1.87 21.13 10.40
N ARG A 64 2.85 21.96 10.75
CA ARG A 64 3.58 22.74 9.76
C ARG A 64 4.33 21.84 8.79
N ARG A 65 5.15 20.95 9.35
CA ARG A 65 5.93 20.02 8.53
C ARG A 65 5.57 18.58 8.86
N SER A 66 4.75 17.97 8.00
CA SER A 66 4.33 16.58 8.19
C SER A 66 4.72 15.72 7.00
N LYS A 67 4.59 14.40 7.16
CA LYS A 67 4.93 13.47 6.10
C LYS A 67 3.69 13.09 5.29
N GLY A 68 3.82 13.11 3.96
CA GLY A 68 2.71 12.76 3.11
C GLY A 68 2.60 11.27 2.86
N ILE A 69 1.68 10.62 3.58
CA ILE A 69 1.48 9.19 3.45
C ILE A 69 0.38 8.88 2.44
N ALA A 70 0.55 7.78 1.70
CA ALA A 70 -0.43 7.38 0.70
C ALA A 70 -0.58 5.86 0.67
N TYR A 71 -1.60 5.39 -0.03
CA TYR A 71 -1.86 3.95 -0.14
C TYR A 71 -2.04 3.54 -1.60
N VAL A 72 -1.29 2.53 -2.02
CA VAL A 72 -1.37 2.03 -3.39
C VAL A 72 -1.89 0.60 -3.43
N GLU A 73 -3.00 0.39 -4.12
CA GLU A 73 -3.59 -0.95 -4.24
C GLU A 73 -3.12 -1.63 -5.51
N PHE A 74 -2.31 -2.68 -5.35
CA PHE A 74 -1.79 -3.43 -6.49
C PHE A 74 -2.78 -4.50 -6.93
N CYS A 75 -2.74 -4.84 -8.22
CA CYS A 75 -3.64 -5.85 -8.78
C CYS A 75 -3.44 -7.19 -8.08
N GLU A 76 -2.20 -7.48 -7.71
CA GLU A 76 -1.89 -8.74 -7.04
C GLU A 76 -0.95 -8.50 -5.86
N ILE A 77 -1.04 -9.37 -4.85
CA ILE A 77 -0.19 -9.26 -3.68
C ILE A 77 1.25 -9.61 -3.99
N GLN A 78 1.44 -10.46 -5.00
CA GLN A 78 2.77 -10.88 -5.41
C GLN A 78 3.54 -9.73 -6.06
N SER A 79 2.85 -8.61 -6.26
CA SER A 79 3.46 -7.44 -6.87
C SER A 79 3.96 -6.46 -5.80
N VAL A 80 3.35 -6.52 -4.62
CA VAL A 80 3.72 -5.66 -3.52
C VAL A 80 5.21 -5.75 -3.22
N PRO A 81 5.73 -6.99 -3.21
CA PRO A 81 7.15 -7.27 -2.94
C PRO A 81 8.08 -6.37 -3.76
N LEU A 82 7.94 -6.44 -5.08
CA LEU A 82 8.76 -5.63 -5.98
C LEU A 82 8.61 -4.15 -5.66
N ALA A 83 7.43 -3.77 -5.19
CA ALA A 83 7.15 -2.38 -4.86
C ALA A 83 7.88 -1.97 -3.58
N ILE A 84 8.05 -2.93 -2.67
CA ILE A 84 8.72 -2.67 -1.40
C ILE A 84 10.19 -2.30 -1.63
N GLY A 85 10.84 -3.00 -2.54
CA GLY A 85 12.23 -2.73 -2.84
C GLY A 85 12.45 -1.33 -3.36
N LEU A 86 11.59 -0.90 -4.28
CA LEU A 86 11.70 0.43 -4.87
C LEU A 86 12.13 1.45 -3.82
N THR A 87 11.73 1.23 -2.58
CA THR A 87 12.08 2.12 -1.48
C THR A 87 13.47 2.72 -1.68
N GLY A 88 13.51 3.98 -2.11
CA GLY A 88 14.78 4.65 -2.34
C GLY A 88 14.91 5.20 -3.74
N GLN A 89 13.81 5.18 -4.48
CA GLN A 89 13.80 5.68 -5.85
C GLN A 89 13.43 7.16 -5.88
N ARG A 90 14.34 7.98 -6.39
CA ARG A 90 14.11 9.42 -6.48
C ARG A 90 12.85 9.72 -7.27
N LEU A 91 11.82 10.19 -6.58
CA LEU A 91 10.55 10.52 -7.22
C LEU A 91 10.26 12.01 -7.13
N LEU A 92 10.22 12.68 -8.28
CA LEU A 92 9.96 14.11 -8.33
C LEU A 92 11.01 14.89 -7.55
N GLY A 93 12.20 14.30 -7.43
CA GLY A 93 13.28 14.95 -6.71
C GLY A 93 13.50 14.36 -5.33
N VAL A 94 12.42 13.89 -4.72
CA VAL A 94 12.51 13.30 -3.38
C VAL A 94 12.16 11.82 -3.42
N PRO A 95 13.08 10.98 -2.92
CA PRO A 95 12.89 9.53 -2.88
C PRO A 95 11.55 9.13 -2.28
N ILE A 96 11.06 7.97 -2.66
CA ILE A 96 9.79 7.47 -2.15
C ILE A 96 9.98 6.25 -1.25
N ILE A 97 9.07 6.05 -0.31
CA ILE A 97 9.15 4.93 0.61
C ILE A 97 8.04 3.91 0.33
N VAL A 98 8.41 2.64 0.26
CA VAL A 98 7.45 1.58 0.01
C VAL A 98 7.65 0.42 0.98
N GLN A 99 6.59 0.10 1.74
CA GLN A 99 6.64 -0.99 2.70
C GLN A 99 5.29 -1.69 2.81
N ALA A 100 5.32 -3.00 3.03
CA ALA A 100 4.10 -3.78 3.16
C ALA A 100 3.16 -3.16 4.18
N SER A 101 1.88 -3.04 3.83
CA SER A 101 0.89 -2.46 4.71
C SER A 101 0.26 -3.53 5.59
N GLN A 102 1.07 -4.50 6.01
CA GLN A 102 0.59 -5.59 6.86
C GLN A 102 0.62 -5.17 8.32
N ALA A 103 0.36 -3.90 8.58
CA ALA A 103 0.36 -3.38 9.95
C ALA A 103 -0.93 -3.76 10.68
N GLU A 104 -2.07 -3.38 10.10
CA GLU A 104 -3.36 -3.68 10.70
C GLU A 104 -3.41 -5.12 11.20
N LYS A 105 -2.66 -6.00 10.54
CA LYS A 105 -2.61 -7.40 10.91
C LYS A 105 -1.93 -7.58 12.27
N ASN A 106 -0.87 -6.80 12.49
CA ASN A 106 -0.13 -6.87 13.75
C ASN A 106 -0.97 -6.35 14.91
N ARG A 107 -1.75 -5.30 14.66
CA ARG A 107 -2.60 -4.70 15.68
C ARG A 107 -3.99 -5.34 15.65
N LEU A 108 -4.03 -6.65 15.53
CA LEU A 108 -5.30 -7.38 15.49
C LEU A 108 -5.42 -8.34 16.67
N SER A 109 -4.44 -9.24 16.79
CA SER A 109 -4.44 -10.23 17.87
C SER A 109 -3.72 -9.66 19.10
N GLY A 110 -4.50 -9.06 20.00
CA GLY A 110 -3.94 -8.50 21.20
C GLY A 110 -4.86 -8.63 22.39
N PRO A 111 -4.34 -8.34 23.59
CA PRO A 111 -5.12 -8.42 24.84
C PRO A 111 -6.04 -7.22 25.02
N SER A 112 -6.25 -6.47 23.95
CA SER A 112 -7.12 -5.29 23.99
C SER A 112 -8.48 -5.64 24.56
N SER A 113 -9.28 -4.61 24.84
CA SER A 113 -10.61 -4.81 25.39
C SER A 113 -11.56 -3.70 24.95
N GLY A 114 -12.82 -4.06 24.72
CA GLY A 114 -13.80 -3.10 24.29
C GLY A 114 -15.07 -3.13 25.12
N GLY A 1 3.21 -20.26 -21.13
CA GLY A 1 1.79 -20.37 -20.83
C GLY A 1 1.51 -20.56 -19.36
N SER A 2 0.70 -21.56 -19.03
CA SER A 2 0.35 -21.85 -17.65
C SER A 2 -0.23 -20.61 -16.97
N SER A 3 -1.09 -19.90 -17.69
CA SER A 3 -1.71 -18.69 -17.15
C SER A 3 -3.07 -19.00 -16.54
N GLY A 4 -3.92 -19.68 -17.29
CA GLY A 4 -5.24 -20.04 -16.80
C GLY A 4 -6.32 -19.12 -17.34
N SER A 5 -7.57 -19.59 -17.28
CA SER A 5 -8.70 -18.82 -17.78
C SER A 5 -9.87 -18.89 -16.80
N SER A 6 -10.71 -17.85 -16.82
CA SER A 6 -11.86 -17.79 -15.94
C SER A 6 -12.82 -16.68 -16.37
N GLY A 7 -14.11 -17.01 -16.42
CA GLY A 7 -15.10 -16.02 -16.81
C GLY A 7 -16.38 -16.12 -16.00
N LYS A 8 -17.29 -15.19 -16.20
CA LYS A 8 -18.56 -15.18 -15.49
C LYS A 8 -19.43 -16.36 -15.91
N SER A 9 -19.15 -17.53 -15.36
CA SER A 9 -19.91 -18.73 -15.68
C SER A 9 -19.49 -19.89 -14.78
N PRO A 10 -20.41 -20.85 -14.59
CA PRO A 10 -20.16 -22.03 -13.75
C PRO A 10 -18.80 -22.67 -14.04
N VAL A 11 -18.15 -23.14 -12.98
CA VAL A 11 -16.84 -23.77 -13.13
C VAL A 11 -16.56 -24.70 -11.94
N ARG A 12 -15.99 -25.86 -12.24
CA ARG A 12 -15.67 -26.84 -11.21
C ARG A 12 -14.16 -26.90 -10.97
N GLU A 13 -13.56 -25.74 -10.70
CA GLU A 13 -12.13 -25.66 -10.44
C GLU A 13 -11.85 -25.05 -9.08
N PRO A 14 -10.63 -25.28 -8.57
CA PRO A 14 -10.21 -24.77 -7.26
C PRO A 14 -10.58 -23.31 -7.06
N VAL A 15 -11.38 -23.05 -6.04
CA VAL A 15 -11.81 -21.68 -5.74
C VAL A 15 -10.91 -21.04 -4.69
N ASP A 16 -11.08 -19.74 -4.49
CA ASP A 16 -10.29 -19.01 -3.51
C ASP A 16 -11.16 -18.04 -2.71
N ASN A 17 -10.63 -17.56 -1.60
CA ASN A 17 -11.36 -16.64 -0.74
C ASN A 17 -10.41 -15.66 -0.04
N LEU A 18 -10.58 -14.38 -0.31
CA LEU A 18 -9.75 -13.35 0.30
C LEU A 18 -10.00 -13.25 1.79
N SER A 19 -8.93 -13.40 2.58
CA SER A 19 -9.04 -13.34 4.04
C SER A 19 -8.94 -11.89 4.51
N PRO A 20 -9.59 -11.59 5.64
CA PRO A 20 -9.59 -10.25 6.23
C PRO A 20 -8.20 -9.64 6.26
N GLU A 21 -7.18 -10.48 6.18
CA GLU A 21 -5.80 -10.02 6.20
C GLU A 21 -5.29 -9.75 4.78
N GLU A 22 -5.52 -10.71 3.88
CA GLU A 22 -5.09 -10.57 2.49
C GLU A 22 -5.58 -9.24 1.90
N ARG A 23 -6.80 -8.85 2.28
CA ARG A 23 -7.39 -7.61 1.78
C ARG A 23 -6.44 -6.43 2.00
N ASP A 24 -5.81 -6.41 3.18
CA ASP A 24 -4.88 -5.34 3.52
C ASP A 24 -3.51 -5.59 2.88
N ALA A 25 -3.04 -6.82 2.96
CA ALA A 25 -1.75 -7.19 2.39
C ALA A 25 -1.62 -6.71 0.95
N ARG A 26 -2.59 -7.09 0.12
CA ARG A 26 -2.59 -6.69 -1.29
C ARG A 26 -2.32 -5.19 -1.43
N THR A 27 -2.64 -4.44 -0.38
CA THR A 27 -2.43 -3.00 -0.39
C THR A 27 -1.06 -2.64 0.16
N VAL A 28 -0.37 -1.73 -0.53
CA VAL A 28 0.96 -1.30 -0.11
C VAL A 28 0.91 0.08 0.53
N PHE A 29 1.83 0.34 1.45
CA PHE A 29 1.89 1.63 2.13
C PHE A 29 3.07 2.46 1.63
N CYS A 30 2.82 3.73 1.37
CA CYS A 30 3.86 4.63 0.88
C CYS A 30 4.07 5.80 1.84
N MET A 31 5.26 6.37 1.81
CA MET A 31 5.59 7.50 2.69
C MET A 31 6.65 8.39 2.06
N GLN A 32 6.95 9.50 2.71
CA GLN A 32 7.94 10.45 2.21
C GLN A 32 7.53 10.98 0.84
N LEU A 33 6.30 11.42 0.72
CA LEU A 33 5.78 11.95 -0.54
C LEU A 33 6.28 13.38 -0.76
N ALA A 34 6.30 13.80 -2.02
CA ALA A 34 6.74 15.14 -2.37
C ALA A 34 5.74 16.19 -1.92
N ALA A 35 6.11 17.47 -2.05
CA ALA A 35 5.23 18.56 -1.67
C ALA A 35 4.14 18.79 -2.71
N ARG A 36 4.51 18.65 -3.97
CA ARG A 36 3.55 18.85 -5.07
C ARG A 36 3.42 17.57 -5.90
N ILE A 37 3.38 16.43 -5.22
CA ILE A 37 3.25 15.14 -5.90
C ILE A 37 1.81 14.91 -6.36
N ARG A 38 1.65 14.09 -7.39
CA ARG A 38 0.33 13.79 -7.93
C ARG A 38 0.14 12.28 -8.06
N PRO A 39 -1.12 11.83 -7.91
CA PRO A 39 -1.46 10.40 -8.02
C PRO A 39 -0.81 9.74 -9.23
N ARG A 40 -0.85 10.43 -10.37
CA ARG A 40 -0.26 9.90 -11.59
C ARG A 40 1.19 9.50 -11.37
N ASP A 41 2.01 10.45 -10.98
CA ASP A 41 3.42 10.20 -10.73
C ASP A 41 3.63 8.82 -10.11
N LEU A 42 2.75 8.46 -9.18
CA LEU A 42 2.83 7.16 -8.52
C LEU A 42 2.37 6.04 -9.44
N GLU A 43 1.19 6.21 -10.01
CA GLU A 43 0.63 5.22 -10.92
C GLU A 43 1.71 4.63 -11.83
N ASP A 44 2.25 5.46 -12.72
CA ASP A 44 3.29 5.03 -13.63
C ASP A 44 4.50 4.49 -12.87
N PHE A 45 4.91 5.21 -11.83
CA PHE A 45 6.04 4.80 -11.02
C PHE A 45 5.88 3.37 -10.53
N PHE A 46 4.63 2.97 -10.29
CA PHE A 46 4.33 1.62 -9.81
C PHE A 46 3.97 0.70 -10.97
N SER A 47 3.77 1.29 -12.14
CA SER A 47 3.41 0.53 -13.34
C SER A 47 4.56 -0.37 -13.77
N ALA A 48 5.70 -0.23 -13.09
CA ALA A 48 6.88 -1.03 -13.41
C ALA A 48 6.80 -2.41 -12.75
N VAL A 49 6.02 -2.51 -11.69
CA VAL A 49 5.86 -3.76 -10.97
C VAL A 49 4.46 -4.33 -11.15
N GLY A 50 3.49 -3.45 -11.36
CA GLY A 50 2.11 -3.88 -11.55
C GLY A 50 1.17 -2.71 -11.75
N LYS A 51 -0.05 -3.01 -12.20
CA LYS A 51 -1.05 -1.98 -12.43
C LYS A 51 -1.63 -1.48 -11.12
N VAL A 52 -1.79 -0.16 -11.01
CA VAL A 52 -2.33 0.45 -9.81
C VAL A 52 -3.84 0.64 -9.92
N ARG A 53 -4.57 0.07 -8.97
CA ARG A 53 -6.03 0.18 -8.96
C ARG A 53 -6.47 1.55 -8.46
N ASP A 54 -5.97 1.93 -7.28
CA ASP A 54 -6.31 3.22 -6.69
C ASP A 54 -5.16 3.75 -5.85
N VAL A 55 -5.08 5.07 -5.72
CA VAL A 55 -4.03 5.70 -4.94
C VAL A 55 -4.60 6.74 -3.98
N ARG A 56 -4.68 6.37 -2.71
CA ARG A 56 -5.21 7.26 -1.68
C ARG A 56 -4.10 8.05 -1.01
N ILE A 57 -4.01 9.33 -1.35
CA ILE A 57 -2.99 10.20 -0.78
C ILE A 57 -3.52 10.97 0.43
N ILE A 58 -3.10 10.56 1.61
CA ILE A 58 -3.54 11.21 2.84
C ILE A 58 -2.98 12.63 2.94
N SER A 59 -3.83 13.61 2.69
CA SER A 59 -3.43 15.00 2.74
C SER A 59 -4.24 15.77 3.80
N ASP A 60 -3.80 15.68 5.04
CA ASP A 60 -4.48 16.35 6.14
C ASP A 60 -3.60 17.48 6.71
N ARG A 61 -4.19 18.28 7.61
CA ARG A 61 -3.46 19.38 8.22
C ARG A 61 -2.77 18.94 9.51
N ASN A 62 -1.48 18.65 9.41
CA ASN A 62 -0.71 18.21 10.57
C ASN A 62 0.35 19.25 10.93
N SER A 63 1.07 18.99 12.02
CA SER A 63 2.11 19.90 12.49
C SER A 63 2.87 20.49 11.31
N ARG A 64 3.47 21.66 11.52
CA ARG A 64 4.23 22.34 10.48
C ARG A 64 4.97 21.33 9.61
N ARG A 65 5.79 20.50 10.24
CA ARG A 65 6.56 19.49 9.53
C ARG A 65 5.72 18.24 9.27
N SER A 66 5.48 17.94 8.00
CA SER A 66 4.69 16.79 7.62
C SER A 66 5.08 16.29 6.23
N LYS A 67 5.32 14.99 6.11
CA LYS A 67 5.70 14.39 4.83
C LYS A 67 4.46 14.09 4.00
N GLY A 68 3.72 13.05 4.38
CA GLY A 68 2.52 12.68 3.65
C GLY A 68 2.49 11.21 3.30
N ILE A 69 1.57 10.47 3.92
CA ILE A 69 1.44 9.04 3.66
C ILE A 69 0.37 8.76 2.62
N ALA A 70 0.61 7.75 1.79
CA ALA A 70 -0.33 7.37 0.74
C ALA A 70 -0.51 5.86 0.68
N TYR A 71 -1.58 5.43 0.02
CA TYR A 71 -1.87 4.01 -0.11
C TYR A 71 -2.07 3.62 -1.57
N VAL A 72 -1.52 2.48 -1.96
CA VAL A 72 -1.62 2.00 -3.33
C VAL A 72 -2.13 0.56 -3.37
N GLU A 73 -3.14 0.31 -4.19
CA GLU A 73 -3.70 -1.04 -4.32
C GLU A 73 -3.17 -1.74 -5.55
N PHE A 74 -2.42 -2.81 -5.34
CA PHE A 74 -1.84 -3.58 -6.45
C PHE A 74 -2.80 -4.67 -6.89
N CYS A 75 -2.73 -5.02 -8.18
CA CYS A 75 -3.59 -6.05 -8.74
C CYS A 75 -3.44 -7.36 -7.97
N GLU A 76 -2.23 -7.63 -7.51
CA GLU A 76 -1.95 -8.85 -6.76
C GLU A 76 -1.05 -8.56 -5.56
N ILE A 77 -0.93 -9.54 -4.67
CA ILE A 77 -0.09 -9.39 -3.48
C ILE A 77 1.36 -9.75 -3.79
N GLN A 78 1.55 -10.67 -4.73
CA GLN A 78 2.90 -11.10 -5.11
C GLN A 78 3.66 -9.97 -5.81
N SER A 79 2.95 -8.88 -6.08
CA SER A 79 3.55 -7.73 -6.75
C SER A 79 4.07 -6.72 -5.74
N VAL A 80 3.56 -6.80 -4.51
CA VAL A 80 3.97 -5.89 -3.46
C VAL A 80 5.47 -5.97 -3.20
N PRO A 81 5.99 -7.21 -3.18
CA PRO A 81 7.43 -7.45 -2.96
C PRO A 81 8.31 -6.57 -3.82
N LEU A 82 7.96 -6.47 -5.10
CA LEU A 82 8.73 -5.66 -6.04
C LEU A 82 8.60 -4.17 -5.70
N ALA A 83 7.42 -3.76 -5.25
CA ALA A 83 7.17 -2.37 -4.89
C ALA A 83 7.98 -1.98 -3.66
N ILE A 84 8.06 -2.87 -2.69
CA ILE A 84 8.81 -2.62 -1.47
C ILE A 84 10.25 -2.22 -1.78
N GLY A 85 10.88 -2.99 -2.67
CA GLY A 85 12.25 -2.71 -3.04
C GLY A 85 12.44 -1.30 -3.57
N LEU A 86 11.51 -0.85 -4.41
CA LEU A 86 11.57 0.48 -4.98
C LEU A 86 12.00 1.51 -3.94
N THR A 87 11.65 1.25 -2.69
CA THR A 87 11.99 2.15 -1.59
C THR A 87 13.36 2.77 -1.81
N GLY A 88 13.37 4.06 -2.16
CA GLY A 88 14.62 4.75 -2.40
C GLY A 88 14.73 5.30 -3.81
N GLN A 89 13.61 5.28 -4.53
CA GLN A 89 13.59 5.77 -5.90
C GLN A 89 13.25 7.25 -5.94
N ARG A 90 14.24 8.08 -6.27
CA ARG A 90 14.05 9.52 -6.34
C ARG A 90 12.82 9.86 -7.17
N LEU A 91 11.75 10.29 -6.49
CA LEU A 91 10.51 10.65 -7.17
C LEU A 91 10.25 12.15 -7.09
N LEU A 92 10.30 12.82 -8.23
CA LEU A 92 10.08 14.26 -8.29
C LEU A 92 11.12 15.00 -7.46
N GLY A 93 12.30 14.40 -7.33
CA GLY A 93 13.37 15.02 -6.57
C GLY A 93 13.49 14.47 -5.17
N VAL A 94 12.39 13.96 -4.64
CA VAL A 94 12.37 13.40 -3.29
C VAL A 94 12.04 11.91 -3.32
N PRO A 95 12.95 11.08 -2.81
CA PRO A 95 12.77 9.62 -2.77
C PRO A 95 11.44 9.22 -2.17
N ILE A 96 10.92 8.07 -2.59
CA ILE A 96 9.66 7.57 -2.09
C ILE A 96 9.84 6.30 -1.27
N ILE A 97 9.04 6.15 -0.22
CA ILE A 97 9.13 4.96 0.64
C ILE A 97 8.02 3.97 0.30
N VAL A 98 8.40 2.69 0.20
CA VAL A 98 7.44 1.64 -0.10
C VAL A 98 7.57 0.47 0.87
N GLN A 99 6.52 0.23 1.63
CA GLN A 99 6.52 -0.86 2.61
C GLN A 99 5.15 -1.52 2.69
N ALA A 100 5.13 -2.83 2.92
CA ALA A 100 3.89 -3.57 3.03
C ALA A 100 3.03 -3.05 4.17
N SER A 101 1.90 -2.42 3.83
CA SER A 101 1.00 -1.87 4.83
C SER A 101 0.83 -2.84 6.00
N GLN A 102 1.02 -4.12 5.73
CA GLN A 102 0.88 -5.14 6.76
C GLN A 102 2.25 -5.55 7.30
N ALA A 103 3.06 -4.55 7.65
CA ALA A 103 4.39 -4.81 8.19
C ALA A 103 4.34 -5.10 9.69
N GLU A 104 3.99 -4.07 10.47
CA GLU A 104 3.89 -4.21 11.92
C GLU A 104 3.03 -5.41 12.29
N LYS A 105 1.77 -5.38 11.87
CA LYS A 105 0.84 -6.47 12.16
C LYS A 105 1.51 -7.82 11.97
N ASN A 106 2.31 -7.94 10.91
CA ASN A 106 3.01 -9.19 10.62
C ASN A 106 4.06 -9.49 11.69
N ARG A 107 4.96 -8.55 11.91
CA ARG A 107 6.02 -8.71 12.90
C ARG A 107 5.46 -9.34 14.18
N LEU A 108 4.53 -8.64 14.81
CA LEU A 108 3.93 -9.13 16.05
C LEU A 108 3.61 -10.62 15.95
N SER A 109 4.09 -11.39 16.92
CA SER A 109 3.87 -12.83 16.94
C SER A 109 2.44 -13.14 17.35
N GLY A 110 2.01 -12.57 18.48
CA GLY A 110 0.66 -12.82 18.97
C GLY A 110 0.45 -14.26 19.40
N PRO A 111 -0.77 -14.76 19.19
CA PRO A 111 -1.13 -16.13 19.55
C PRO A 111 -0.06 -17.14 19.14
N SER A 112 0.46 -17.88 20.12
CA SER A 112 1.49 -18.88 19.85
C SER A 112 0.96 -19.97 18.94
N SER A 113 -0.24 -20.48 19.26
CA SER A 113 -0.85 -21.54 18.47
C SER A 113 -1.48 -20.97 17.20
N GLY A 114 -1.35 -21.72 16.11
CA GLY A 114 -1.90 -21.27 14.84
C GLY A 114 -1.06 -21.69 13.66
N GLY A 1 26.15 -24.51 -28.32
CA GLY A 1 25.16 -23.95 -29.21
C GLY A 1 24.13 -23.11 -28.48
N SER A 2 22.89 -23.13 -28.98
CA SER A 2 21.82 -22.36 -28.36
C SER A 2 20.51 -23.16 -28.37
N SER A 3 19.71 -22.96 -27.33
CA SER A 3 18.44 -23.68 -27.21
C SER A 3 17.55 -23.01 -26.15
N GLY A 4 16.29 -23.44 -26.09
CA GLY A 4 15.37 -22.89 -25.12
C GLY A 4 13.92 -23.28 -25.40
N SER A 5 13.61 -24.55 -25.19
CA SER A 5 12.26 -25.04 -25.43
C SER A 5 11.30 -24.57 -24.34
N SER A 6 10.00 -24.59 -24.64
CA SER A 6 8.99 -24.16 -23.68
C SER A 6 8.94 -25.10 -22.49
N GLY A 7 8.48 -24.57 -21.35
CA GLY A 7 8.40 -25.37 -20.15
C GLY A 7 8.08 -24.54 -18.92
N LYS A 8 6.79 -24.30 -18.68
CA LYS A 8 6.35 -23.52 -17.53
C LYS A 8 5.19 -24.20 -16.83
N SER A 9 5.10 -24.00 -15.52
CA SER A 9 4.05 -24.60 -14.72
C SER A 9 3.13 -23.53 -14.14
N PRO A 10 2.17 -23.07 -14.95
CA PRO A 10 1.21 -22.03 -14.55
C PRO A 10 0.11 -22.58 -13.65
N VAL A 11 -0.05 -21.98 -12.48
CA VAL A 11 -1.06 -22.41 -11.53
C VAL A 11 -2.44 -21.85 -11.91
N ARG A 12 -3.46 -22.32 -11.20
CA ARG A 12 -4.83 -21.86 -11.46
C ARG A 12 -5.67 -21.94 -10.19
N GLU A 13 -6.01 -20.78 -9.64
CA GLU A 13 -6.82 -20.71 -8.43
C GLU A 13 -8.19 -20.12 -8.72
N PRO A 14 -9.22 -20.62 -8.01
CA PRO A 14 -10.59 -20.16 -8.17
C PRO A 14 -10.84 -18.81 -7.50
N VAL A 15 -12.08 -18.35 -7.54
CA VAL A 15 -12.45 -17.08 -6.94
C VAL A 15 -13.48 -17.28 -5.83
N ASP A 16 -13.36 -16.49 -4.77
CA ASP A 16 -14.29 -16.58 -3.64
C ASP A 16 -14.05 -15.43 -2.66
N ASN A 17 -15.06 -15.16 -1.83
CA ASN A 17 -14.96 -14.09 -0.85
C ASN A 17 -13.56 -14.02 -0.25
N LEU A 18 -12.99 -12.83 -0.24
CA LEU A 18 -11.65 -12.63 0.30
C LEU A 18 -11.71 -12.24 1.78
N SER A 19 -10.69 -12.64 2.53
CA SER A 19 -10.63 -12.34 3.96
C SER A 19 -10.32 -10.87 4.19
N PRO A 20 -10.61 -10.38 5.41
CA PRO A 20 -10.38 -8.99 5.78
C PRO A 20 -8.90 -8.70 6.04
N GLU A 21 -8.12 -9.76 6.26
CA GLU A 21 -6.69 -9.62 6.51
C GLU A 21 -5.91 -9.68 5.21
N GLU A 22 -6.52 -10.24 4.17
CA GLU A 22 -5.88 -10.36 2.87
C GLU A 22 -6.07 -9.09 2.05
N ARG A 23 -7.21 -8.43 2.25
CA ARG A 23 -7.51 -7.20 1.52
C ARG A 23 -6.48 -6.13 1.81
N ASP A 24 -5.97 -6.12 3.04
CA ASP A 24 -4.96 -5.14 3.45
C ASP A 24 -3.59 -5.50 2.88
N ALA A 25 -3.34 -6.79 2.71
CA ALA A 25 -2.07 -7.25 2.17
C ALA A 25 -1.87 -6.75 0.75
N ARG A 26 -2.80 -7.08 -0.13
CA ARG A 26 -2.72 -6.67 -1.53
C ARG A 26 -2.37 -5.18 -1.64
N THR A 27 -2.77 -4.41 -0.62
CA THR A 27 -2.50 -2.98 -0.61
C THR A 27 -1.17 -2.68 0.07
N VAL A 28 -0.40 -1.79 -0.53
CA VAL A 28 0.90 -1.41 0.00
C VAL A 28 0.87 -0.01 0.59
N PHE A 29 1.76 0.26 1.55
CA PHE A 29 1.83 1.56 2.20
C PHE A 29 3.02 2.36 1.67
N CYS A 30 2.78 3.63 1.37
CA CYS A 30 3.84 4.50 0.87
C CYS A 30 4.00 5.73 1.75
N MET A 31 5.22 6.25 1.82
CA MET A 31 5.51 7.42 2.64
C MET A 31 6.64 8.25 2.02
N GLN A 32 6.84 9.45 2.54
CA GLN A 32 7.88 10.35 2.05
C GLN A 32 7.54 10.85 0.64
N LEU A 33 6.33 11.39 0.49
CA LEU A 33 5.88 11.91 -0.79
C LEU A 33 6.34 13.35 -0.99
N ALA A 34 6.41 13.79 -2.24
CA ALA A 34 6.83 15.14 -2.57
C ALA A 34 5.74 16.15 -2.21
N ALA A 35 6.10 17.43 -2.19
CA ALA A 35 5.16 18.49 -1.86
C ALA A 35 4.17 18.71 -3.00
N ARG A 36 4.66 18.63 -4.23
CA ARG A 36 3.83 18.82 -5.41
C ARG A 36 3.70 17.53 -6.20
N ILE A 37 3.27 16.47 -5.53
CA ILE A 37 3.11 15.16 -6.18
C ILE A 37 1.68 14.98 -6.68
N ARG A 38 1.49 14.02 -7.58
CA ARG A 38 0.18 13.74 -8.14
C ARG A 38 -0.07 12.24 -8.20
N PRO A 39 -1.34 11.84 -8.01
CA PRO A 39 -1.74 10.43 -8.05
C PRO A 39 -1.13 9.68 -9.23
N ARG A 40 -0.80 10.42 -10.28
CA ARG A 40 -0.21 9.82 -11.48
C ARG A 40 1.24 9.42 -11.23
N ASP A 41 2.06 10.39 -10.89
CA ASP A 41 3.48 10.14 -10.62
C ASP A 41 3.66 8.79 -9.93
N LEU A 42 2.72 8.44 -9.06
CA LEU A 42 2.78 7.17 -8.34
C LEU A 42 2.27 6.02 -9.20
N GLU A 43 1.14 6.25 -9.88
CA GLU A 43 0.55 5.23 -10.74
C GLU A 43 1.61 4.64 -11.68
N ASP A 44 2.12 5.46 -12.59
CA ASP A 44 3.12 5.02 -13.54
C ASP A 44 4.34 4.44 -12.81
N PHE A 45 4.86 5.19 -11.85
CA PHE A 45 6.01 4.75 -11.08
C PHE A 45 5.81 3.34 -10.55
N PHE A 46 4.56 2.99 -10.29
CA PHE A 46 4.22 1.66 -9.78
C PHE A 46 3.81 0.72 -10.91
N SER A 47 3.47 1.30 -12.06
CA SER A 47 3.06 0.52 -13.21
C SER A 47 4.21 -0.34 -13.74
N ALA A 48 5.40 -0.11 -13.19
CA ALA A 48 6.58 -0.85 -13.59
C ALA A 48 6.59 -2.25 -12.99
N VAL A 49 5.98 -2.39 -11.81
CA VAL A 49 5.91 -3.67 -11.11
C VAL A 49 4.51 -4.26 -11.18
N GLY A 50 3.51 -3.38 -11.22
CA GLY A 50 2.13 -3.83 -11.28
C GLY A 50 1.16 -2.70 -11.55
N LYS A 51 -0.04 -3.05 -11.99
CA LYS A 51 -1.07 -2.05 -12.29
C LYS A 51 -1.68 -1.50 -11.01
N VAL A 52 -1.92 -0.19 -10.98
CA VAL A 52 -2.50 0.46 -9.82
C VAL A 52 -4.01 0.64 -9.99
N ARG A 53 -4.77 0.09 -9.05
CA ARG A 53 -6.23 0.20 -9.09
C ARG A 53 -6.70 1.52 -8.49
N ASP A 54 -6.12 1.89 -7.36
CA ASP A 54 -6.48 3.13 -6.68
C ASP A 54 -5.32 3.64 -5.84
N VAL A 55 -5.24 4.97 -5.71
CA VAL A 55 -4.18 5.59 -4.93
C VAL A 55 -4.73 6.66 -3.99
N ARG A 56 -4.81 6.33 -2.71
CA ARG A 56 -5.33 7.25 -1.71
C ARG A 56 -4.20 8.05 -1.07
N ILE A 57 -4.18 9.35 -1.33
CA ILE A 57 -3.15 10.22 -0.78
C ILE A 57 -3.67 11.00 0.43
N ILE A 58 -3.14 10.66 1.60
CA ILE A 58 -3.55 11.32 2.84
C ILE A 58 -3.05 12.76 2.88
N SER A 59 -3.91 13.66 3.37
CA SER A 59 -3.56 15.08 3.46
C SER A 59 -4.43 15.78 4.48
N ASP A 60 -3.81 16.46 5.43
CA ASP A 60 -4.52 17.18 6.47
C ASP A 60 -5.14 18.47 5.91
N ARG A 61 -4.28 19.37 5.46
CA ARG A 61 -4.73 20.65 4.90
C ARG A 61 -3.77 21.14 3.83
N ASN A 62 -4.32 21.50 2.68
CA ASN A 62 -3.52 21.98 1.57
C ASN A 62 -2.49 23.01 2.04
N SER A 63 -1.24 22.56 2.18
CA SER A 63 -0.17 23.44 2.63
C SER A 63 1.19 22.79 2.37
N ARG A 64 2.14 23.60 1.89
CA ARG A 64 3.48 23.11 1.60
C ARG A 64 3.99 22.21 2.72
N ARG A 65 4.56 21.08 2.35
CA ARG A 65 5.09 20.12 3.32
C ARG A 65 6.23 19.31 2.73
N SER A 66 6.93 18.58 3.58
CA SER A 66 8.06 17.76 3.15
C SER A 66 7.80 16.29 3.43
N LYS A 67 6.62 15.98 3.95
CA LYS A 67 6.25 14.61 4.27
C LYS A 67 4.85 14.29 3.73
N GLY A 68 4.47 13.02 3.80
CA GLY A 68 3.17 12.60 3.31
C GLY A 68 3.04 11.10 3.19
N ILE A 69 1.87 10.58 3.48
CA ILE A 69 1.62 9.14 3.40
C ILE A 69 0.44 8.83 2.48
N ALA A 70 0.57 7.76 1.71
CA ALA A 70 -0.49 7.35 0.79
C ALA A 70 -0.52 5.84 0.63
N TYR A 71 -1.70 5.32 0.26
CA TYR A 71 -1.87 3.88 0.08
C TYR A 71 -2.04 3.54 -1.40
N VAL A 72 -1.38 2.47 -1.83
CA VAL A 72 -1.46 2.03 -3.22
C VAL A 72 -1.96 0.60 -3.31
N GLU A 73 -3.02 0.40 -4.11
CA GLU A 73 -3.60 -0.92 -4.28
C GLU A 73 -3.05 -1.59 -5.54
N PHE A 74 -2.32 -2.69 -5.35
CA PHE A 74 -1.73 -3.43 -6.47
C PHE A 74 -2.69 -4.50 -6.97
N CYS A 75 -2.53 -4.88 -8.23
CA CYS A 75 -3.38 -5.91 -8.82
C CYS A 75 -3.31 -7.21 -8.03
N GLU A 76 -2.11 -7.53 -7.54
CA GLU A 76 -1.91 -8.75 -6.78
C GLU A 76 -0.97 -8.50 -5.60
N ILE A 77 -0.81 -9.50 -4.75
CA ILE A 77 0.06 -9.40 -3.58
C ILE A 77 1.51 -9.71 -3.94
N GLN A 78 1.69 -10.57 -4.95
CA GLN A 78 3.02 -10.96 -5.39
C GLN A 78 3.73 -9.79 -6.07
N SER A 79 3.00 -8.69 -6.25
CA SER A 79 3.56 -7.51 -6.88
C SER A 79 4.03 -6.50 -5.83
N VAL A 80 3.56 -6.68 -4.60
CA VAL A 80 3.92 -5.79 -3.51
C VAL A 80 5.42 -5.84 -3.23
N PRO A 81 5.99 -7.06 -3.24
CA PRO A 81 7.42 -7.27 -2.99
C PRO A 81 8.29 -6.33 -3.82
N LEU A 82 8.05 -6.31 -5.13
CA LEU A 82 8.82 -5.46 -6.03
C LEU A 82 8.69 -3.98 -5.63
N ALA A 83 7.49 -3.59 -5.24
CA ALA A 83 7.23 -2.22 -4.84
C ALA A 83 8.00 -1.87 -3.57
N ILE A 84 8.20 -2.87 -2.71
CA ILE A 84 8.93 -2.66 -1.46
C ILE A 84 10.40 -2.35 -1.72
N GLY A 85 10.96 -2.97 -2.74
CA GLY A 85 12.35 -2.74 -3.09
C GLY A 85 12.59 -1.33 -3.60
N LEU A 86 11.66 -0.83 -4.41
CA LEU A 86 11.78 0.51 -4.98
C LEU A 86 12.08 1.53 -3.90
N THR A 87 11.70 1.22 -2.66
CA THR A 87 11.93 2.11 -1.53
C THR A 87 13.28 2.80 -1.65
N GLY A 88 13.27 4.07 -2.06
CA GLY A 88 14.51 4.82 -2.21
C GLY A 88 14.69 5.35 -3.61
N GLN A 89 13.61 5.36 -4.39
CA GLN A 89 13.67 5.84 -5.76
C GLN A 89 13.33 7.33 -5.82
N ARG A 90 14.33 8.15 -6.11
CA ARG A 90 14.14 9.59 -6.19
C ARG A 90 12.93 9.93 -7.06
N LEU A 91 11.83 10.29 -6.42
CA LEU A 91 10.60 10.63 -7.13
C LEU A 91 10.38 12.14 -7.13
N LEU A 92 10.59 12.75 -8.30
CA LEU A 92 10.41 14.19 -8.45
C LEU A 92 11.43 14.95 -7.61
N GLY A 93 12.56 14.31 -7.33
CA GLY A 93 13.61 14.94 -6.55
C GLY A 93 13.62 14.46 -5.10
N VAL A 94 12.48 13.94 -4.65
CA VAL A 94 12.36 13.45 -3.29
C VAL A 94 12.07 11.95 -3.26
N PRO A 95 13.01 11.17 -2.71
CA PRO A 95 12.89 9.72 -2.62
C PRO A 95 11.54 9.29 -2.02
N ILE A 96 11.10 8.09 -2.37
CA ILE A 96 9.84 7.57 -1.86
C ILE A 96 10.07 6.33 -1.00
N ILE A 97 9.08 6.02 -0.16
CA ILE A 97 9.17 4.86 0.72
C ILE A 97 8.07 3.85 0.43
N VAL A 98 8.41 2.58 0.46
CA VAL A 98 7.44 1.52 0.21
C VAL A 98 7.62 0.35 1.17
N GLN A 99 6.53 -0.10 1.76
CA GLN A 99 6.57 -1.21 2.70
C GLN A 99 5.19 -1.84 2.87
N ALA A 100 5.17 -3.14 3.12
CA ALA A 100 3.91 -3.86 3.30
C ALA A 100 3.06 -3.20 4.38
N SER A 101 1.85 -2.80 4.01
CA SER A 101 0.94 -2.15 4.94
C SER A 101 0.73 -3.02 6.19
N GLN A 102 1.07 -4.30 6.07
CA GLN A 102 0.92 -5.23 7.19
C GLN A 102 2.22 -5.36 7.96
N ALA A 103 2.91 -4.24 8.16
CA ALA A 103 4.17 -4.24 8.88
C ALA A 103 3.96 -3.82 10.34
N GLU A 104 3.55 -2.57 10.55
CA GLU A 104 3.31 -2.06 11.89
C GLU A 104 2.34 -2.96 12.65
N LYS A 105 1.09 -2.93 12.23
CA LYS A 105 0.05 -3.74 12.88
C LYS A 105 0.61 -5.10 13.29
N ASN A 106 1.20 -5.81 12.35
CA ASN A 106 1.77 -7.12 12.62
C ASN A 106 2.66 -7.08 13.86
N ARG A 107 3.74 -6.29 13.78
CA ARG A 107 4.67 -6.17 14.90
C ARG A 107 3.97 -5.61 16.13
N LEU A 108 3.51 -4.37 16.03
CA LEU A 108 2.82 -3.72 17.14
C LEU A 108 1.94 -4.71 17.90
N SER A 109 2.07 -4.72 19.22
CA SER A 109 1.29 -5.62 20.05
C SER A 109 -0.19 -5.27 20.00
N GLY A 110 -1.04 -6.30 19.94
CA GLY A 110 -2.47 -6.08 19.89
C GLY A 110 -3.17 -6.45 21.19
N PRO A 111 -4.49 -6.23 21.23
CA PRO A 111 -5.29 -6.53 22.42
C PRO A 111 -5.58 -8.02 22.56
N SER A 112 -5.77 -8.46 23.80
CA SER A 112 -6.05 -9.87 24.07
C SER A 112 -7.51 -10.20 23.77
N SER A 113 -7.74 -11.40 23.25
CA SER A 113 -9.09 -11.85 22.91
C SER A 113 -9.47 -13.08 23.72
N GLY A 114 -8.65 -14.13 23.61
CA GLY A 114 -8.92 -15.36 24.33
C GLY A 114 -7.79 -15.74 25.27
N GLY A 1 9.09 -0.67 21.41
CA GLY A 1 9.68 -0.96 20.13
C GLY A 1 8.78 -0.57 18.97
N SER A 2 9.28 0.29 18.09
CA SER A 2 8.52 0.75 16.93
C SER A 2 8.93 0.00 15.67
N SER A 3 10.21 0.08 15.35
CA SER A 3 10.75 -0.59 14.17
C SER A 3 10.69 -2.11 14.32
N GLY A 4 11.19 -2.61 15.45
CA GLY A 4 11.17 -4.04 15.70
C GLY A 4 12.56 -4.66 15.54
N SER A 5 12.96 -5.44 16.55
CA SER A 5 14.26 -6.09 16.51
C SER A 5 14.15 -7.52 15.99
N SER A 6 13.47 -8.37 16.75
CA SER A 6 13.29 -9.76 16.37
C SER A 6 11.84 -10.02 15.96
N GLY A 7 11.65 -11.04 15.12
CA GLY A 7 10.32 -11.38 14.67
C GLY A 7 10.30 -11.91 13.24
N LYS A 8 10.28 -13.23 13.12
CA LYS A 8 10.26 -13.88 11.80
C LYS A 8 9.08 -14.83 11.67
N SER A 9 8.25 -14.86 12.71
CA SER A 9 7.08 -15.74 12.71
C SER A 9 6.22 -15.50 11.48
N PRO A 10 6.00 -14.22 11.15
CA PRO A 10 5.18 -13.83 9.99
C PRO A 10 5.97 -13.89 8.69
N VAL A 11 5.88 -15.03 8.01
CA VAL A 11 6.58 -15.23 6.74
C VAL A 11 5.60 -15.47 5.61
N ARG A 12 4.41 -15.95 5.94
CA ARG A 12 3.39 -16.22 4.95
C ARG A 12 2.04 -16.49 5.61
N GLU A 13 0.98 -16.53 4.81
CA GLU A 13 -0.36 -16.77 5.31
C GLU A 13 -1.04 -17.90 4.54
N PRO A 14 -1.77 -18.75 5.27
CA PRO A 14 -2.49 -19.89 4.68
C PRO A 14 -3.27 -19.49 3.42
N VAL A 15 -3.66 -20.49 2.63
CA VAL A 15 -4.41 -20.24 1.42
C VAL A 15 -5.92 -20.29 1.68
N ASP A 16 -6.32 -19.77 2.83
CA ASP A 16 -7.73 -19.75 3.20
C ASP A 16 -8.47 -18.63 2.47
N ASN A 17 -9.79 -18.77 2.35
CA ASN A 17 -10.60 -17.78 1.68
C ASN A 17 -10.17 -16.36 2.06
N LEU A 18 -10.34 -15.43 1.14
CA LEU A 18 -9.96 -14.03 1.38
C LEU A 18 -10.46 -13.57 2.75
N SER A 19 -9.51 -13.16 3.60
CA SER A 19 -9.85 -12.70 4.94
C SER A 19 -9.61 -11.20 5.07
N PRO A 20 -10.32 -10.56 6.01
CA PRO A 20 -10.19 -9.12 6.25
C PRO A 20 -8.74 -8.68 6.35
N GLU A 21 -7.84 -9.63 6.60
CA GLU A 21 -6.43 -9.33 6.71
C GLU A 21 -5.75 -9.37 5.34
N GLU A 22 -6.23 -10.25 4.47
CA GLU A 22 -5.68 -10.38 3.14
C GLU A 22 -5.87 -9.09 2.33
N ARG A 23 -6.94 -8.38 2.64
CA ARG A 23 -7.24 -7.13 1.95
C ARG A 23 -6.11 -6.12 2.12
N ASP A 24 -5.61 -5.99 3.35
CA ASP A 24 -4.52 -5.06 3.65
C ASP A 24 -3.25 -5.47 2.92
N ALA A 25 -3.01 -6.77 2.83
CA ALA A 25 -1.82 -7.29 2.16
C ALA A 25 -1.73 -6.76 0.73
N ARG A 26 -2.74 -7.05 -0.08
CA ARG A 26 -2.77 -6.61 -1.47
C ARG A 26 -2.47 -5.11 -1.56
N THR A 27 -2.71 -4.40 -0.46
CA THR A 27 -2.47 -2.96 -0.42
C THR A 27 -1.11 -2.65 0.19
N VAL A 28 -0.40 -1.69 -0.40
CA VAL A 28 0.92 -1.30 0.09
C VAL A 28 0.89 0.11 0.67
N PHE A 29 1.77 0.36 1.64
CA PHE A 29 1.84 1.67 2.27
C PHE A 29 3.08 2.44 1.81
N CYS A 30 2.89 3.70 1.45
CA CYS A 30 3.99 4.54 1.00
C CYS A 30 4.14 5.78 1.87
N MET A 31 5.32 6.39 1.84
CA MET A 31 5.59 7.58 2.63
C MET A 31 6.66 8.44 1.97
N GLN A 32 6.93 9.61 2.56
CA GLN A 32 7.93 10.52 2.02
C GLN A 32 7.55 11.00 0.63
N LEU A 33 6.34 11.53 0.51
CA LEU A 33 5.84 12.04 -0.77
C LEU A 33 6.11 13.53 -0.91
N ALA A 34 6.46 13.96 -2.12
CA ALA A 34 6.75 15.37 -2.39
C ALA A 34 5.57 16.24 -1.99
N ALA A 35 5.75 17.55 -2.10
CA ALA A 35 4.71 18.51 -1.75
C ALA A 35 3.70 18.66 -2.89
N ARG A 36 4.22 18.82 -4.11
CA ARG A 36 3.37 18.98 -5.28
C ARG A 36 3.32 17.69 -6.10
N ILE A 37 3.09 16.58 -5.42
CA ILE A 37 3.02 15.28 -6.09
C ILE A 37 1.59 14.96 -6.52
N ARG A 38 1.46 14.11 -7.54
CA ARG A 38 0.16 13.72 -8.05
C ARG A 38 0.04 12.20 -8.14
N PRO A 39 -1.18 11.70 -7.92
CA PRO A 39 -1.46 10.26 -7.98
C PRO A 39 -0.82 9.58 -9.18
N ARG A 40 -0.99 10.19 -10.35
CA ARG A 40 -0.42 9.65 -11.59
C ARG A 40 1.04 9.25 -11.38
N ASP A 41 1.86 10.22 -10.99
CA ASP A 41 3.28 9.97 -10.75
C ASP A 41 3.49 8.60 -10.13
N LEU A 42 2.82 8.35 -9.01
CA LEU A 42 2.95 7.08 -8.30
C LEU A 42 2.41 5.93 -9.16
N GLU A 43 1.23 6.14 -9.73
CA GLU A 43 0.60 5.12 -10.57
C GLU A 43 1.61 4.56 -11.57
N ASP A 44 2.05 5.39 -12.50
CA ASP A 44 3.00 4.97 -13.52
C ASP A 44 4.31 4.49 -12.86
N PHE A 45 4.77 5.22 -11.86
CA PHE A 45 6.00 4.87 -11.16
C PHE A 45 5.93 3.44 -10.63
N PHE A 46 4.75 3.03 -10.20
CA PHE A 46 4.54 1.69 -9.67
C PHE A 46 4.10 0.72 -10.77
N SER A 47 3.72 1.29 -11.91
CA SER A 47 3.27 0.47 -13.04
C SER A 47 4.40 -0.37 -13.59
N ALA A 48 5.61 -0.15 -13.08
CA ALA A 48 6.78 -0.89 -13.51
C ALA A 48 6.78 -2.31 -12.95
N VAL A 49 6.07 -2.49 -11.84
CA VAL A 49 5.99 -3.80 -11.19
C VAL A 49 4.57 -4.35 -11.27
N GLY A 50 3.59 -3.45 -11.32
CA GLY A 50 2.19 -3.88 -11.39
C GLY A 50 1.25 -2.71 -11.61
N LYS A 51 0.09 -2.99 -12.19
CA LYS A 51 -0.90 -1.96 -12.46
C LYS A 51 -1.55 -1.49 -11.16
N VAL A 52 -1.78 -0.19 -11.05
CA VAL A 52 -2.41 0.39 -9.87
C VAL A 52 -3.89 0.63 -10.09
N ARG A 53 -4.69 0.28 -9.09
CA ARG A 53 -6.14 0.45 -9.18
C ARG A 53 -6.56 1.77 -8.56
N ASP A 54 -6.11 2.02 -7.33
CA ASP A 54 -6.45 3.25 -6.62
C ASP A 54 -5.25 3.76 -5.82
N VAL A 55 -5.25 5.05 -5.52
CA VAL A 55 -4.17 5.66 -4.76
C VAL A 55 -4.69 6.74 -3.81
N ARG A 56 -4.69 6.43 -2.51
CA ARG A 56 -5.17 7.36 -1.51
C ARG A 56 -4.00 8.16 -0.91
N ILE A 57 -3.98 9.46 -1.19
CA ILE A 57 -2.92 10.32 -0.67
C ILE A 57 -3.41 11.11 0.54
N ILE A 58 -2.90 10.74 1.71
CA ILE A 58 -3.28 11.43 2.95
C ILE A 58 -2.66 12.81 3.03
N SER A 59 -3.50 13.83 3.13
CA SER A 59 -3.04 15.21 3.21
C SER A 59 -3.40 15.83 4.56
N ASP A 60 -2.51 15.69 5.53
CA ASP A 60 -2.73 16.24 6.87
C ASP A 60 -2.05 17.60 7.02
N ARG A 61 -2.50 18.37 8.00
CA ARG A 61 -1.92 19.68 8.25
C ARG A 61 -0.40 19.59 8.43
N ASN A 62 0.33 20.21 7.52
CA ASN A 62 1.78 20.20 7.56
C ASN A 62 2.29 20.59 8.94
N SER A 63 3.16 19.76 9.51
CA SER A 63 3.72 20.02 10.83
C SER A 63 5.24 19.85 10.83
N ARG A 64 5.87 20.31 11.90
CA ARG A 64 7.32 20.22 12.02
C ARG A 64 7.81 18.82 11.65
N ARG A 65 7.23 17.81 12.28
CA ARG A 65 7.61 16.42 12.01
C ARG A 65 6.45 15.66 11.36
N SER A 66 6.42 15.64 10.04
CA SER A 66 5.37 14.94 9.30
C SER A 66 5.91 14.34 8.01
N LYS A 67 5.23 13.33 7.51
CA LYS A 67 5.64 12.67 6.27
C LYS A 67 4.42 12.31 5.42
N GLY A 68 4.42 12.78 4.17
CA GLY A 68 3.31 12.49 3.27
C GLY A 68 3.11 11.00 3.05
N ILE A 69 2.08 10.45 3.67
CA ILE A 69 1.78 9.03 3.54
C ILE A 69 0.65 8.79 2.55
N ALA A 70 0.70 7.65 1.86
CA ALA A 70 -0.32 7.31 0.88
C ALA A 70 -0.48 5.80 0.76
N TYR A 71 -1.56 5.37 0.11
CA TYR A 71 -1.83 3.95 -0.08
C TYR A 71 -1.95 3.60 -1.55
N VAL A 72 -1.20 2.60 -2.00
CA VAL A 72 -1.23 2.17 -3.39
C VAL A 72 -1.72 0.73 -3.51
N GLU A 73 -2.78 0.54 -4.28
CA GLU A 73 -3.35 -0.79 -4.47
C GLU A 73 -2.76 -1.46 -5.72
N PHE A 74 -2.36 -2.71 -5.58
CA PHE A 74 -1.78 -3.46 -6.69
C PHE A 74 -2.73 -4.55 -7.17
N CYS A 75 -2.56 -4.97 -8.42
CA CYS A 75 -3.40 -6.01 -9.00
C CYS A 75 -3.30 -7.31 -8.21
N GLU A 76 -2.08 -7.64 -7.78
CA GLU A 76 -1.85 -8.86 -7.01
C GLU A 76 -0.93 -8.59 -5.84
N ILE A 77 -0.92 -9.51 -4.87
CA ILE A 77 -0.07 -9.37 -3.70
C ILE A 77 1.39 -9.63 -4.02
N GLN A 78 1.63 -10.46 -5.03
CA GLN A 78 2.98 -10.80 -5.43
C GLN A 78 3.66 -9.60 -6.10
N SER A 79 2.89 -8.53 -6.30
CA SER A 79 3.42 -7.31 -6.91
C SER A 79 3.89 -6.32 -5.86
N VAL A 80 3.42 -6.52 -4.62
CA VAL A 80 3.80 -5.64 -3.52
C VAL A 80 5.29 -5.72 -3.23
N PRO A 81 5.83 -6.95 -3.24
CA PRO A 81 7.25 -7.20 -2.98
C PRO A 81 8.15 -6.28 -3.79
N LEU A 82 7.95 -6.27 -5.10
CA LEU A 82 8.75 -5.44 -6.00
C LEU A 82 8.63 -3.96 -5.62
N ALA A 83 7.45 -3.57 -5.14
CA ALA A 83 7.20 -2.20 -4.74
C ALA A 83 8.00 -1.84 -3.49
N ILE A 84 8.17 -2.81 -2.60
CA ILE A 84 8.91 -2.60 -1.36
C ILE A 84 10.37 -2.26 -1.65
N GLY A 85 10.95 -2.95 -2.63
CA GLY A 85 12.33 -2.70 -2.99
C GLY A 85 12.56 -1.30 -3.48
N LEU A 86 11.58 -0.76 -4.21
CA LEU A 86 11.69 0.60 -4.75
C LEU A 86 12.11 1.58 -3.66
N THR A 87 11.75 1.27 -2.42
CA THR A 87 12.09 2.13 -1.29
C THR A 87 13.47 2.75 -1.47
N GLY A 88 13.49 4.00 -1.94
CA GLY A 88 14.75 4.69 -2.14
C GLY A 88 14.90 5.21 -3.56
N GLN A 89 13.82 5.12 -4.33
CA GLN A 89 13.85 5.59 -5.72
C GLN A 89 13.45 7.06 -5.80
N ARG A 90 14.36 7.88 -6.31
CA ARG A 90 14.11 9.30 -6.44
C ARG A 90 12.85 9.57 -7.26
N LEU A 91 11.80 10.02 -6.58
CA LEU A 91 10.53 10.30 -7.24
C LEU A 91 10.19 11.78 -7.14
N LEU A 92 10.09 12.44 -8.28
CA LEU A 92 9.75 13.86 -8.33
C LEU A 92 10.82 14.69 -7.60
N GLY A 93 12.03 14.15 -7.54
CA GLY A 93 13.13 14.85 -6.88
C GLY A 93 13.39 14.32 -5.49
N VAL A 94 12.35 13.80 -4.84
CA VAL A 94 12.48 13.26 -3.49
C VAL A 94 12.15 11.77 -3.47
N PRO A 95 13.08 10.97 -2.92
CA PRO A 95 12.90 9.52 -2.82
C PRO A 95 11.55 9.13 -2.23
N ILE A 96 11.07 7.94 -2.58
CA ILE A 96 9.78 7.45 -2.09
C ILE A 96 9.97 6.24 -1.17
N ILE A 97 9.05 6.07 -0.24
CA ILE A 97 9.11 4.95 0.70
C ILE A 97 8.00 3.94 0.42
N VAL A 98 8.33 2.66 0.51
CA VAL A 98 7.36 1.60 0.26
C VAL A 98 7.51 0.48 1.28
N GLN A 99 6.37 0.03 1.82
CA GLN A 99 6.37 -1.03 2.82
C GLN A 99 5.02 -1.73 2.86
N ALA A 100 5.05 -3.05 3.06
CA ALA A 100 3.82 -3.83 3.13
C ALA A 100 2.91 -3.36 4.26
N SER A 101 1.72 -2.89 3.90
CA SER A 101 0.76 -2.40 4.88
C SER A 101 0.46 -3.47 5.93
N GLN A 102 0.23 -4.70 5.46
CA GLN A 102 -0.08 -5.81 6.35
C GLN A 102 0.95 -5.91 7.48
N ALA A 103 2.21 -5.68 7.14
CA ALA A 103 3.28 -5.75 8.13
C ALA A 103 2.87 -5.08 9.43
N GLU A 104 2.59 -3.78 9.36
CA GLU A 104 2.19 -3.02 10.55
C GLU A 104 1.26 -3.85 11.44
N LYS A 105 0.36 -4.60 10.79
CA LYS A 105 -0.58 -5.45 11.53
C LYS A 105 0.16 -6.50 12.36
N ASN A 106 0.75 -7.47 11.67
CA ASN A 106 1.49 -8.54 12.34
C ASN A 106 2.46 -7.97 13.36
N ARG A 107 3.27 -7.01 12.92
CA ARG A 107 4.26 -6.38 13.80
C ARG A 107 3.59 -5.39 14.74
N LEU A 108 2.65 -5.88 15.54
CA LEU A 108 1.92 -5.04 16.49
C LEU A 108 1.61 -5.81 17.77
N SER A 109 1.69 -5.11 18.90
CA SER A 109 1.42 -5.73 20.20
C SER A 109 -0.06 -6.07 20.33
N GLY A 110 -0.43 -7.27 19.92
CA GLY A 110 -1.82 -7.70 20.01
C GLY A 110 -1.96 -9.07 20.65
N PRO A 111 -2.11 -9.09 21.99
CA PRO A 111 -2.26 -10.33 22.75
C PRO A 111 -3.26 -11.28 22.11
N SER A 112 -4.38 -10.74 21.66
CA SER A 112 -5.43 -11.54 21.03
C SER A 112 -5.68 -11.08 19.60
N SER A 113 -6.25 -11.96 18.79
CA SER A 113 -6.54 -11.65 17.40
C SER A 113 -8.05 -11.61 17.15
N GLY A 114 -8.55 -10.46 16.73
CA GLY A 114 -9.98 -10.31 16.47
C GLY A 114 -10.75 -9.87 17.70
N GLY A 1 -4.72 2.61 24.68
CA GLY A 1 -4.26 1.80 23.57
C GLY A 1 -4.82 0.39 23.61
N SER A 2 -5.15 -0.15 22.43
CA SER A 2 -5.70 -1.49 22.33
C SER A 2 -4.65 -2.53 22.70
N SER A 3 -4.67 -2.96 23.96
CA SER A 3 -3.72 -3.96 24.44
C SER A 3 -4.29 -5.37 24.31
N GLY A 4 -3.89 -6.06 23.25
CA GLY A 4 -4.39 -7.41 23.02
C GLY A 4 -4.05 -7.93 21.64
N SER A 5 -4.08 -9.25 21.47
CA SER A 5 -3.77 -9.86 20.18
C SER A 5 -4.28 -11.30 20.14
N SER A 6 -4.43 -11.82 18.93
CA SER A 6 -4.92 -13.19 18.74
C SER A 6 -3.80 -14.10 18.24
N GLY A 7 -4.00 -15.42 18.37
CA GLY A 7 -3.01 -16.37 17.94
C GLY A 7 -2.69 -16.24 16.46
N LYS A 8 -1.90 -17.19 15.94
CA LYS A 8 -1.54 -17.18 14.53
C LYS A 8 -1.29 -18.61 14.03
N SER A 9 -2.04 -19.00 13.01
CA SER A 9 -1.90 -20.33 12.43
C SER A 9 -1.51 -20.26 10.96
N PRO A 10 -0.67 -21.21 10.52
CA PRO A 10 -0.19 -21.27 9.14
C PRO A 10 -1.24 -21.85 8.20
N VAL A 11 -2.42 -21.23 8.16
CA VAL A 11 -3.50 -21.69 7.30
C VAL A 11 -3.46 -21.01 5.95
N ARG A 12 -4.40 -21.37 5.07
CA ARG A 12 -4.47 -20.79 3.74
C ARG A 12 -5.88 -20.27 3.45
N GLU A 13 -5.95 -19.10 2.82
CA GLU A 13 -7.24 -18.50 2.49
C GLU A 13 -7.92 -19.27 1.36
N PRO A 14 -9.26 -19.22 1.34
CA PRO A 14 -10.07 -19.92 0.33
C PRO A 14 -9.53 -19.71 -1.08
N VAL A 15 -10.12 -20.40 -2.04
CA VAL A 15 -9.71 -20.28 -3.44
C VAL A 15 -10.82 -19.72 -4.31
N ASP A 16 -11.46 -18.65 -3.82
CA ASP A 16 -12.55 -18.02 -4.55
C ASP A 16 -12.31 -16.53 -4.68
N ASN A 17 -13.20 -15.85 -5.40
CA ASN A 17 -13.08 -14.41 -5.61
C ASN A 17 -12.56 -13.72 -4.36
N LEU A 18 -11.88 -12.59 -4.54
CA LEU A 18 -11.33 -11.83 -3.44
C LEU A 18 -12.44 -11.16 -2.63
N SER A 19 -12.38 -11.32 -1.31
CA SER A 19 -13.39 -10.73 -0.42
C SER A 19 -12.96 -9.33 0.01
N PRO A 20 -13.95 -8.52 0.41
CA PRO A 20 -13.70 -7.13 0.87
C PRO A 20 -12.53 -7.04 1.83
N GLU A 21 -12.22 -8.16 2.49
CA GLU A 21 -11.11 -8.20 3.44
C GLU A 21 -9.82 -8.60 2.76
N GLU A 22 -9.94 -9.36 1.68
CA GLU A 22 -8.76 -9.82 0.92
C GLU A 22 -8.17 -8.68 0.10
N ARG A 23 -9.02 -7.74 -0.29
CA ARG A 23 -8.58 -6.59 -1.09
C ARG A 23 -7.49 -5.81 -0.37
N ASP A 24 -7.60 -5.73 0.96
CA ASP A 24 -6.63 -5.02 1.76
C ASP A 24 -5.24 -5.64 1.63
N ALA A 25 -5.19 -6.97 1.69
CA ALA A 25 -3.93 -7.69 1.56
C ALA A 25 -3.11 -7.18 0.38
N ARG A 26 -3.80 -6.85 -0.70
CA ARG A 26 -3.15 -6.36 -1.91
C ARG A 26 -3.02 -4.83 -1.87
N THR A 27 -2.66 -4.30 -0.70
CA THR A 27 -2.50 -2.87 -0.53
C THR A 27 -1.14 -2.53 0.07
N VAL A 28 -0.42 -1.62 -0.59
CA VAL A 28 0.90 -1.21 -0.11
C VAL A 28 0.84 0.16 0.55
N PHE A 29 1.82 0.44 1.40
CA PHE A 29 1.88 1.72 2.10
C PHE A 29 3.08 2.54 1.64
N CYS A 30 2.82 3.78 1.24
CA CYS A 30 3.88 4.66 0.77
C CYS A 30 4.05 5.85 1.71
N MET A 31 5.28 6.36 1.81
CA MET A 31 5.57 7.49 2.67
C MET A 31 6.62 8.40 2.04
N GLN A 32 6.94 9.50 2.72
CA GLN A 32 7.93 10.45 2.22
C GLN A 32 7.55 10.96 0.84
N LEU A 33 6.29 11.36 0.68
CA LEU A 33 5.81 11.87 -0.59
C LEU A 33 6.22 13.32 -0.80
N ALA A 34 6.32 13.73 -2.06
CA ALA A 34 6.71 15.09 -2.39
C ALA A 34 5.57 16.07 -2.12
N ALA A 35 5.88 17.36 -2.19
CA ALA A 35 4.88 18.39 -1.95
C ALA A 35 4.06 18.67 -3.21
N ARG A 36 4.67 18.44 -4.37
CA ARG A 36 4.00 18.65 -5.63
C ARG A 36 3.80 17.34 -6.38
N ILE A 37 3.49 16.28 -5.63
CA ILE A 37 3.28 14.97 -6.22
C ILE A 37 1.82 14.78 -6.63
N ARG A 38 1.58 13.90 -7.60
CA ARG A 38 0.24 13.63 -8.08
C ARG A 38 -0.03 12.13 -8.14
N PRO A 39 -1.28 11.73 -7.90
CA PRO A 39 -1.69 10.33 -7.92
C PRO A 39 -1.14 9.59 -9.14
N ARG A 40 -0.87 10.33 -10.20
CA ARG A 40 -0.34 9.74 -11.43
C ARG A 40 1.12 9.34 -11.26
N ASP A 41 1.94 10.29 -10.81
CA ASP A 41 3.35 10.03 -10.60
C ASP A 41 3.57 8.66 -9.97
N LEU A 42 2.68 8.27 -9.08
CA LEU A 42 2.78 6.97 -8.41
C LEU A 42 2.26 5.85 -9.31
N GLU A 43 1.16 6.12 -10.00
CA GLU A 43 0.57 5.13 -10.91
C GLU A 43 1.61 4.56 -11.85
N ASP A 44 2.12 5.41 -12.75
CA ASP A 44 3.12 5.00 -13.71
C ASP A 44 4.37 4.48 -13.00
N PHE A 45 4.85 5.23 -12.02
CA PHE A 45 6.03 4.84 -11.27
C PHE A 45 5.88 3.45 -10.68
N PHE A 46 4.63 3.07 -10.38
CA PHE A 46 4.34 1.77 -9.81
C PHE A 46 3.92 0.78 -10.91
N SER A 47 3.65 1.30 -12.09
CA SER A 47 3.23 0.47 -13.22
C SER A 47 4.40 -0.35 -13.75
N ALA A 48 5.58 -0.11 -13.19
CA ALA A 48 6.77 -0.84 -13.60
C ALA A 48 6.83 -2.22 -12.97
N VAL A 49 6.11 -2.39 -11.86
CA VAL A 49 6.07 -3.67 -11.16
C VAL A 49 4.66 -4.25 -11.16
N GLY A 50 3.67 -3.38 -11.13
CA GLY A 50 2.29 -3.82 -11.14
C GLY A 50 1.31 -2.70 -11.44
N LYS A 51 0.11 -3.06 -11.88
CA LYS A 51 -0.91 -2.08 -12.21
C LYS A 51 -1.55 -1.51 -10.94
N VAL A 52 -1.68 -0.19 -10.90
CA VAL A 52 -2.28 0.48 -9.74
C VAL A 52 -3.78 0.66 -9.93
N ARG A 53 -4.56 0.11 -9.01
CA ARG A 53 -6.01 0.21 -9.07
C ARG A 53 -6.49 1.56 -8.54
N ASP A 54 -6.19 1.82 -7.27
CA ASP A 54 -6.59 3.07 -6.64
C ASP A 54 -5.44 3.66 -5.83
N VAL A 55 -5.35 4.99 -5.79
CA VAL A 55 -4.31 5.67 -5.05
C VAL A 55 -4.89 6.70 -4.09
N ARG A 56 -4.90 6.37 -2.81
CA ARG A 56 -5.42 7.26 -1.79
C ARG A 56 -4.30 7.96 -1.03
N ILE A 57 -4.09 9.23 -1.34
CA ILE A 57 -3.05 10.02 -0.69
C ILE A 57 -3.58 10.73 0.55
N ILE A 58 -2.99 10.41 1.70
CA ILE A 58 -3.41 11.01 2.96
C ILE A 58 -2.55 12.22 3.29
N SER A 59 -3.19 13.34 3.62
CA SER A 59 -2.49 14.57 3.97
C SER A 59 -2.69 14.92 5.44
N ASP A 60 -2.57 13.92 6.30
CA ASP A 60 -2.73 14.12 7.74
C ASP A 60 -1.41 13.93 8.47
N ARG A 61 -0.63 15.01 8.55
CA ARG A 61 0.67 14.95 9.23
C ARG A 61 0.53 15.33 10.69
N ASN A 62 0.40 14.32 11.55
CA ASN A 62 0.25 14.54 12.99
C ASN A 62 1.48 14.03 13.74
N SER A 63 2.47 14.89 13.89
CA SER A 63 3.70 14.53 14.60
C SER A 63 4.38 13.33 13.92
N ARG A 64 4.37 13.33 12.60
CA ARG A 64 4.97 12.25 11.82
C ARG A 64 6.31 12.69 11.22
N ARG A 65 7.30 11.81 11.29
CA ARG A 65 8.62 12.10 10.75
C ARG A 65 8.57 12.22 9.23
N SER A 66 7.89 11.29 8.58
CA SER A 66 7.77 11.30 7.13
C SER A 66 7.10 12.57 6.64
N LYS A 67 7.24 12.85 5.35
CA LYS A 67 6.65 14.04 4.76
C LYS A 67 5.19 13.80 4.39
N GLY A 68 4.94 12.74 3.62
CA GLY A 68 3.58 12.42 3.21
C GLY A 68 3.36 10.93 3.06
N ILE A 69 2.18 10.47 3.45
CA ILE A 69 1.85 9.06 3.36
C ILE A 69 0.68 8.83 2.40
N ALA A 70 0.72 7.72 1.67
CA ALA A 70 -0.33 7.39 0.74
C ALA A 70 -0.45 5.87 0.55
N TYR A 71 -1.65 5.42 0.21
CA TYR A 71 -1.89 4.00 0.01
C TYR A 71 -2.11 3.68 -1.47
N VAL A 72 -1.65 2.51 -1.90
CA VAL A 72 -1.80 2.09 -3.29
C VAL A 72 -2.26 0.64 -3.38
N GLU A 73 -3.47 0.44 -3.89
CA GLU A 73 -4.03 -0.90 -4.03
C GLU A 73 -3.60 -1.53 -5.35
N PHE A 74 -2.85 -2.62 -5.26
CA PHE A 74 -2.38 -3.32 -6.45
C PHE A 74 -3.35 -4.43 -6.85
N CYS A 75 -3.23 -4.89 -8.09
CA CYS A 75 -4.09 -5.95 -8.60
C CYS A 75 -3.64 -7.31 -8.10
N GLU A 76 -2.42 -7.38 -7.58
CA GLU A 76 -1.87 -8.63 -7.05
C GLU A 76 -0.96 -8.36 -5.86
N ILE A 77 -0.91 -9.31 -4.93
CA ILE A 77 -0.08 -9.18 -3.75
C ILE A 77 1.36 -9.56 -4.05
N GLN A 78 1.55 -10.37 -5.08
CA GLN A 78 2.89 -10.81 -5.47
C GLN A 78 3.67 -9.67 -6.14
N SER A 79 2.98 -8.55 -6.37
CA SER A 79 3.60 -7.39 -6.99
C SER A 79 4.08 -6.40 -5.95
N VAL A 80 3.57 -6.54 -4.73
CA VAL A 80 3.95 -5.65 -3.63
C VAL A 80 5.44 -5.77 -3.32
N PRO A 81 5.94 -7.02 -3.29
CA PRO A 81 7.36 -7.28 -3.00
C PRO A 81 8.29 -6.40 -3.81
N LEU A 82 8.06 -6.34 -5.13
CA LEU A 82 8.89 -5.53 -6.02
C LEU A 82 8.80 -4.05 -5.64
N ALA A 83 7.61 -3.62 -5.27
CA ALA A 83 7.40 -2.23 -4.89
C ALA A 83 8.19 -1.87 -3.62
N ILE A 84 8.29 -2.83 -2.71
CA ILE A 84 9.02 -2.62 -1.47
C ILE A 84 10.48 -2.26 -1.74
N GLY A 85 11.11 -3.02 -2.63
CA GLY A 85 12.51 -2.75 -2.97
C GLY A 85 12.72 -1.35 -3.49
N LEU A 86 11.72 -0.82 -4.19
CA LEU A 86 11.80 0.52 -4.75
C LEU A 86 12.20 1.54 -3.68
N THR A 87 11.86 1.24 -2.44
CA THR A 87 12.18 2.12 -1.32
C THR A 87 13.54 2.78 -1.53
N GLY A 88 13.51 4.07 -1.87
CA GLY A 88 14.75 4.79 -2.09
C GLY A 88 14.87 5.33 -3.50
N GLN A 89 13.76 5.31 -4.23
CA GLN A 89 13.75 5.79 -5.61
C GLN A 89 13.39 7.27 -5.67
N ARG A 90 14.33 8.08 -6.14
CA ARG A 90 14.10 9.53 -6.25
C ARG A 90 12.89 9.82 -7.12
N LEU A 91 11.80 10.23 -6.49
CA LEU A 91 10.56 10.55 -7.20
C LEU A 91 10.27 12.05 -7.12
N LEU A 92 10.35 12.72 -8.27
CA LEU A 92 10.08 14.15 -8.33
C LEU A 92 11.11 14.93 -7.51
N GLY A 93 12.28 14.36 -7.34
CA GLY A 93 13.33 15.01 -6.58
C GLY A 93 13.41 14.50 -5.15
N VAL A 94 12.32 13.90 -4.68
CA VAL A 94 12.28 13.37 -3.32
C VAL A 94 11.99 11.88 -3.32
N PRO A 95 12.92 11.10 -2.78
CA PRO A 95 12.79 9.63 -2.70
C PRO A 95 11.46 9.20 -2.11
N ILE A 96 10.99 8.02 -2.49
CA ILE A 96 9.73 7.49 -1.98
C ILE A 96 9.96 6.25 -1.12
N ILE A 97 9.14 6.11 -0.08
CA ILE A 97 9.26 4.96 0.82
C ILE A 97 8.16 3.95 0.54
N VAL A 98 8.54 2.67 0.46
CA VAL A 98 7.60 1.60 0.20
C VAL A 98 7.74 0.49 1.23
N GLN A 99 6.62 0.10 1.83
CA GLN A 99 6.64 -0.96 2.84
C GLN A 99 5.28 -1.69 2.88
N ALA A 100 5.32 -2.97 3.24
CA ALA A 100 4.10 -3.76 3.32
C ALA A 100 3.16 -3.22 4.38
N SER A 101 1.99 -2.75 3.94
CA SER A 101 0.99 -2.20 4.86
C SER A 101 0.50 -3.27 5.83
N GLN A 102 0.03 -4.38 5.28
CA GLN A 102 -0.48 -5.47 6.10
C GLN A 102 0.61 -6.03 7.01
N ALA A 103 0.92 -5.30 8.08
CA ALA A 103 1.94 -5.72 9.01
C ALA A 103 1.40 -5.77 10.43
N GLU A 104 0.77 -4.68 10.86
CA GLU A 104 0.19 -4.60 12.20
C GLU A 104 -1.13 -5.35 12.27
N LYS A 105 -2.10 -4.91 11.48
CA LYS A 105 -3.42 -5.54 11.46
C LYS A 105 -3.30 -7.03 11.16
N ASN A 106 -2.70 -7.36 10.03
CA ASN A 106 -2.52 -8.75 9.63
C ASN A 106 -2.21 -9.63 10.84
N ARG A 107 -1.26 -9.19 11.66
CA ARG A 107 -0.88 -9.93 12.85
C ARG A 107 -2.09 -10.29 13.69
N LEU A 108 -2.84 -9.27 14.11
CA LEU A 108 -4.03 -9.47 14.92
C LEU A 108 -4.98 -10.48 14.26
N SER A 109 -5.31 -10.23 13.00
CA SER A 109 -6.20 -11.12 12.26
C SER A 109 -5.69 -12.55 12.29
N GLY A 110 -6.59 -13.50 12.54
CA GLY A 110 -6.21 -14.89 12.59
C GLY A 110 -7.40 -15.81 12.85
N PRO A 111 -8.31 -15.89 11.87
CA PRO A 111 -9.51 -16.73 11.97
C PRO A 111 -9.20 -18.21 11.75
N SER A 112 -9.06 -18.96 12.84
CA SER A 112 -8.77 -20.38 12.76
C SER A 112 -9.68 -21.08 11.75
N SER A 113 -10.97 -20.74 11.80
CA SER A 113 -11.94 -21.33 10.90
C SER A 113 -12.88 -20.27 10.34
N GLY A 114 -13.77 -20.67 9.44
CA GLY A 114 -14.71 -19.75 8.85
C GLY A 114 -14.08 -18.88 7.79
N GLY A 1 -8.68 -6.26 20.25
CA GLY A 1 -8.98 -7.67 20.24
C GLY A 1 -7.93 -8.49 20.96
N SER A 2 -7.18 -9.29 20.21
CA SER A 2 -6.14 -10.14 20.79
C SER A 2 -6.65 -10.85 22.04
N SER A 3 -7.89 -11.34 21.97
CA SER A 3 -8.50 -12.03 23.09
C SER A 3 -8.12 -13.51 23.09
N GLY A 4 -7.74 -14.03 24.27
CA GLY A 4 -7.36 -15.43 24.37
C GLY A 4 -6.26 -15.64 25.38
N SER A 5 -6.16 -16.87 25.90
CA SER A 5 -5.15 -17.20 26.89
C SER A 5 -3.75 -16.93 26.34
N SER A 6 -2.80 -16.72 27.25
CA SER A 6 -1.42 -16.45 26.85
C SER A 6 -0.67 -17.75 26.54
N GLY A 7 -0.32 -17.93 25.27
CA GLY A 7 0.40 -19.13 24.86
C GLY A 7 0.21 -19.44 23.40
N LYS A 8 1.32 -19.51 22.67
CA LYS A 8 1.28 -19.80 21.24
C LYS A 8 0.27 -20.90 20.93
N SER A 9 -0.60 -20.65 19.95
CA SER A 9 -1.61 -21.62 19.56
C SER A 9 -1.64 -21.80 18.05
N PRO A 10 -1.93 -23.03 17.62
CA PRO A 10 -1.99 -23.37 16.19
C PRO A 10 -2.77 -22.34 15.38
N VAL A 11 -2.32 -22.08 14.16
CA VAL A 11 -2.97 -21.12 13.28
C VAL A 11 -3.21 -21.71 11.89
N ARG A 12 -4.38 -22.31 11.70
CA ARG A 12 -4.73 -22.91 10.42
C ARG A 12 -6.07 -22.39 9.93
N GLU A 13 -6.33 -22.56 8.63
CA GLU A 13 -7.58 -22.11 8.03
C GLU A 13 -7.84 -22.82 6.71
N PRO A 14 -9.10 -23.21 6.49
CA PRO A 14 -9.51 -23.90 5.26
C PRO A 14 -9.70 -22.95 4.09
N VAL A 15 -9.72 -23.50 2.88
CA VAL A 15 -9.90 -22.70 1.68
C VAL A 15 -11.17 -21.86 1.75
N ASP A 16 -11.12 -20.64 1.22
CA ASP A 16 -12.26 -19.75 1.23
C ASP A 16 -11.98 -18.50 0.41
N ASN A 17 -13.05 -17.84 -0.04
CA ASN A 17 -12.91 -16.62 -0.83
C ASN A 17 -12.04 -15.60 -0.12
N LEU A 18 -11.52 -14.64 -0.88
CA LEU A 18 -10.67 -13.59 -0.32
C LEU A 18 -11.14 -13.19 1.07
N SER A 19 -10.23 -13.20 2.04
CA SER A 19 -10.55 -12.84 3.41
C SER A 19 -10.26 -11.36 3.66
N PRO A 20 -11.04 -10.76 4.56
CA PRO A 20 -10.89 -9.34 4.92
C PRO A 20 -9.43 -8.94 5.11
N GLU A 21 -8.64 -9.86 5.65
CA GLU A 21 -7.22 -9.61 5.89
C GLU A 21 -6.47 -9.49 4.56
N GLU A 22 -6.62 -10.48 3.70
CA GLU A 22 -5.95 -10.48 2.41
C GLU A 22 -6.06 -9.12 1.73
N ARG A 23 -7.26 -8.54 1.80
CA ARG A 23 -7.50 -7.23 1.21
C ARG A 23 -6.35 -6.27 1.50
N ASP A 24 -6.08 -6.06 2.78
CA ASP A 24 -5.01 -5.16 3.20
C ASP A 24 -3.70 -5.52 2.50
N ALA A 25 -3.32 -6.78 2.57
CA ALA A 25 -2.09 -7.25 1.93
C ALA A 25 -1.93 -6.64 0.55
N ARG A 26 -2.88 -6.91 -0.33
CA ARG A 26 -2.83 -6.38 -1.70
C ARG A 26 -2.55 -4.88 -1.69
N THR A 27 -2.94 -4.21 -0.61
CA THR A 27 -2.73 -2.77 -0.48
C THR A 27 -1.39 -2.48 0.16
N VAL A 28 -0.58 -1.65 -0.51
CA VAL A 28 0.73 -1.27 0.00
C VAL A 28 0.71 0.12 0.62
N PHE A 29 1.67 0.38 1.49
CA PHE A 29 1.76 1.68 2.15
C PHE A 29 2.96 2.48 1.63
N CYS A 30 2.76 3.79 1.47
CA CYS A 30 3.81 4.66 0.99
C CYS A 30 4.04 5.83 1.93
N MET A 31 5.24 6.41 1.87
CA MET A 31 5.57 7.55 2.73
C MET A 31 6.64 8.42 2.08
N GLN A 32 6.98 9.52 2.73
CA GLN A 32 7.99 10.44 2.21
C GLN A 32 7.58 10.97 0.84
N LEU A 33 6.33 11.41 0.73
CA LEU A 33 5.82 11.93 -0.53
C LEU A 33 6.32 13.36 -0.77
N ALA A 34 6.12 13.86 -1.99
CA ALA A 34 6.54 15.21 -2.33
C ALA A 34 5.55 16.24 -1.82
N ALA A 35 5.82 17.51 -2.10
CA ALA A 35 4.95 18.60 -1.67
C ALA A 35 3.79 18.79 -2.63
N ARG A 36 4.07 18.63 -3.92
CA ARG A 36 3.04 18.79 -4.95
C ARG A 36 2.96 17.55 -5.83
N ILE A 37 3.13 16.38 -5.22
CA ILE A 37 3.07 15.12 -5.95
C ILE A 37 1.64 14.78 -6.34
N ARG A 38 1.50 14.00 -7.41
CA ARG A 38 0.18 13.60 -7.89
C ARG A 38 0.10 12.09 -8.08
N PRO A 39 -1.09 11.52 -7.83
CA PRO A 39 -1.31 10.08 -7.97
C PRO A 39 -0.73 9.51 -9.26
N ARG A 40 -0.78 10.31 -10.33
CA ARG A 40 -0.25 9.89 -11.62
C ARG A 40 1.21 9.45 -11.50
N ASP A 41 2.03 10.32 -10.90
CA ASP A 41 3.45 10.02 -10.72
C ASP A 41 3.64 8.62 -10.15
N LEU A 42 2.78 8.25 -9.20
CA LEU A 42 2.86 6.94 -8.57
C LEU A 42 2.29 5.85 -9.48
N GLU A 43 1.16 6.16 -10.11
CA GLU A 43 0.51 5.21 -11.02
C GLU A 43 1.54 4.53 -11.92
N ASP A 44 2.19 5.32 -12.78
CA ASP A 44 3.19 4.79 -13.70
C ASP A 44 4.40 4.27 -12.93
N PHE A 45 4.91 5.09 -12.01
CA PHE A 45 6.07 4.72 -11.20
C PHE A 45 5.89 3.32 -10.61
N PHE A 46 4.64 2.96 -10.34
CA PHE A 46 4.33 1.65 -9.76
C PHE A 46 3.93 0.66 -10.84
N SER A 47 3.62 1.17 -12.03
CA SER A 47 3.21 0.33 -13.15
C SER A 47 4.39 -0.51 -13.63
N ALA A 48 5.58 -0.23 -13.11
CA ALA A 48 6.78 -0.96 -13.50
C ALA A 48 6.81 -2.33 -12.83
N VAL A 49 6.09 -2.46 -11.72
CA VAL A 49 6.05 -3.73 -10.99
C VAL A 49 4.62 -4.29 -10.96
N GLY A 50 3.64 -3.40 -10.91
CA GLY A 50 2.25 -3.83 -10.87
C GLY A 50 1.29 -2.69 -11.19
N LYS A 51 0.14 -3.05 -11.75
CA LYS A 51 -0.87 -2.05 -12.11
C LYS A 51 -1.48 -1.43 -10.86
N VAL A 52 -1.61 -0.11 -10.86
CA VAL A 52 -2.19 0.61 -9.73
C VAL A 52 -3.69 0.76 -9.89
N ARG A 53 -4.44 0.29 -8.91
CA ARG A 53 -5.90 0.37 -8.93
C ARG A 53 -6.38 1.68 -8.32
N ASP A 54 -6.06 1.89 -7.05
CA ASP A 54 -6.47 3.10 -6.34
C ASP A 54 -5.27 3.75 -5.66
N VAL A 55 -5.26 5.08 -5.63
CA VAL A 55 -4.18 5.82 -5.01
C VAL A 55 -4.71 6.83 -3.99
N ARG A 56 -4.58 6.50 -2.71
CA ARG A 56 -5.04 7.37 -1.64
C ARG A 56 -3.88 8.15 -1.03
N ILE A 57 -3.82 9.44 -1.36
CA ILE A 57 -2.76 10.31 -0.85
C ILE A 57 -3.28 11.19 0.29
N ILE A 58 -2.89 10.85 1.51
CA ILE A 58 -3.30 11.61 2.68
C ILE A 58 -2.61 12.97 2.73
N SER A 59 -3.41 14.02 2.89
CA SER A 59 -2.87 15.38 2.95
C SER A 59 -3.36 16.11 4.20
N ASP A 60 -2.45 16.28 5.15
CA ASP A 60 -2.80 16.96 6.40
C ASP A 60 -2.25 18.39 6.41
N ARG A 61 -3.11 19.34 6.07
CA ARG A 61 -2.72 20.75 6.04
C ARG A 61 -2.40 21.25 7.44
N ASN A 62 -3.12 20.75 8.43
CA ASN A 62 -2.91 21.15 9.82
C ASN A 62 -1.45 21.00 10.22
N SER A 63 -0.87 19.85 9.88
CA SER A 63 0.53 19.58 10.20
C SER A 63 1.28 19.07 8.98
N ARG A 64 2.09 19.93 8.38
CA ARG A 64 2.86 19.57 7.20
C ARG A 64 4.19 18.94 7.60
N ARG A 65 4.54 19.05 8.87
CA ARG A 65 5.79 18.49 9.38
C ARG A 65 5.80 16.98 9.22
N SER A 66 4.65 16.35 9.46
CA SER A 66 4.54 14.90 9.34
C SER A 66 5.02 14.42 7.97
N LYS A 67 5.01 13.11 7.78
CA LYS A 67 5.44 12.52 6.51
C LYS A 67 4.24 12.16 5.64
N GLY A 68 4.26 12.63 4.40
CA GLY A 68 3.17 12.35 3.49
C GLY A 68 2.98 10.86 3.25
N ILE A 69 1.89 10.32 3.76
CA ILE A 69 1.59 8.90 3.60
C ILE A 69 0.58 8.67 2.48
N ALA A 70 0.76 7.59 1.74
CA ALA A 70 -0.14 7.25 0.64
C ALA A 70 -0.41 5.75 0.59
N TYR A 71 -1.52 5.38 -0.04
CA TYR A 71 -1.89 3.97 -0.16
C TYR A 71 -2.10 3.58 -1.62
N VAL A 72 -1.42 2.51 -2.03
CA VAL A 72 -1.53 2.03 -3.41
C VAL A 72 -2.02 0.60 -3.45
N GLU A 73 -3.15 0.38 -4.12
CA GLU A 73 -3.73 -0.96 -4.23
C GLU A 73 -3.26 -1.64 -5.50
N PHE A 74 -2.46 -2.69 -5.35
CA PHE A 74 -1.94 -3.44 -6.48
C PHE A 74 -2.91 -4.53 -6.91
N CYS A 75 -2.92 -4.83 -8.20
CA CYS A 75 -3.80 -5.87 -8.72
C CYS A 75 -3.56 -7.21 -8.03
N GLU A 76 -2.32 -7.45 -7.65
CA GLU A 76 -1.95 -8.68 -6.96
C GLU A 76 -1.03 -8.41 -5.78
N ILE A 77 -0.87 -9.42 -4.92
CA ILE A 77 -0.01 -9.28 -3.76
C ILE A 77 1.44 -9.60 -4.09
N GLN A 78 1.64 -10.52 -5.02
CA GLN A 78 2.97 -10.92 -5.44
C GLN A 78 3.71 -9.77 -6.11
N SER A 79 2.99 -8.66 -6.31
CA SER A 79 3.57 -7.49 -6.94
C SER A 79 4.07 -6.50 -5.90
N VAL A 80 3.57 -6.64 -4.67
CA VAL A 80 3.97 -5.77 -3.58
C VAL A 80 5.46 -5.88 -3.29
N PRO A 81 5.96 -7.11 -3.28
CA PRO A 81 7.38 -7.38 -3.03
C PRO A 81 8.30 -6.49 -3.86
N LEU A 82 8.09 -6.48 -5.17
CA LEU A 82 8.89 -5.66 -6.06
C LEU A 82 8.75 -4.18 -5.74
N ALA A 83 7.54 -3.77 -5.36
CA ALA A 83 7.27 -2.39 -5.00
C ALA A 83 8.02 -1.98 -3.75
N ILE A 84 8.17 -2.93 -2.82
CA ILE A 84 8.87 -2.66 -1.57
C ILE A 84 10.33 -2.29 -1.82
N GLY A 85 10.99 -3.05 -2.69
CA GLY A 85 12.38 -2.78 -3.00
C GLY A 85 12.60 -1.36 -3.50
N LEU A 86 11.68 -0.88 -4.33
CA LEU A 86 11.78 0.47 -4.87
C LEU A 86 12.18 1.47 -3.79
N THR A 87 11.84 1.14 -2.54
CA THR A 87 12.16 2.01 -1.42
C THR A 87 13.50 2.71 -1.61
N GLY A 88 13.45 3.98 -1.98
CA GLY A 88 14.68 4.73 -2.20
C GLY A 88 14.82 5.20 -3.64
N GLN A 89 13.70 5.30 -4.34
CA GLN A 89 13.71 5.74 -5.73
C GLN A 89 13.33 7.21 -5.85
N ARG A 90 14.30 8.04 -6.18
CA ARG A 90 14.07 9.47 -6.33
C ARG A 90 12.84 9.74 -7.18
N LEU A 91 11.79 10.25 -6.54
CA LEU A 91 10.54 10.55 -7.23
C LEU A 91 10.24 12.05 -7.19
N LEU A 92 10.31 12.70 -8.36
CA LEU A 92 10.05 14.12 -8.45
C LEU A 92 11.05 14.92 -7.62
N GLY A 93 12.23 14.35 -7.41
CA GLY A 93 13.26 15.02 -6.65
C GLY A 93 13.37 14.49 -5.23
N VAL A 94 12.26 13.94 -4.72
CA VAL A 94 12.23 13.41 -3.36
C VAL A 94 11.95 11.90 -3.38
N PRO A 95 12.90 11.12 -2.85
CA PRO A 95 12.78 9.66 -2.79
C PRO A 95 11.45 9.22 -2.17
N ILE A 96 10.98 8.04 -2.56
CA ILE A 96 9.73 7.50 -2.04
C ILE A 96 9.98 6.27 -1.17
N ILE A 97 9.09 6.05 -0.21
CA ILE A 97 9.22 4.91 0.70
C ILE A 97 8.10 3.90 0.47
N VAL A 98 8.47 2.67 0.16
CA VAL A 98 7.49 1.61 -0.08
C VAL A 98 7.65 0.48 0.94
N GLN A 99 6.54 0.10 1.56
CA GLN A 99 6.55 -0.97 2.55
C GLN A 99 5.18 -1.61 2.67
N ALA A 100 5.16 -2.90 3.03
CA ALA A 100 3.90 -3.63 3.18
C ALA A 100 3.00 -2.96 4.21
N SER A 101 1.77 -2.66 3.81
CA SER A 101 0.81 -2.02 4.70
C SER A 101 0.47 -2.93 5.88
N GLN A 102 0.36 -4.23 5.61
CA GLN A 102 0.04 -5.20 6.64
C GLN A 102 1.30 -5.66 7.37
N ALA A 103 2.24 -4.75 7.53
CA ALA A 103 3.50 -5.06 8.22
C ALA A 103 3.27 -5.29 9.70
N GLU A 104 2.49 -4.42 10.32
CA GLU A 104 2.19 -4.52 11.74
C GLU A 104 1.45 -5.82 12.05
N LYS A 105 0.26 -5.96 11.48
CA LYS A 105 -0.56 -7.15 11.69
C LYS A 105 0.29 -8.41 11.59
N ASN A 106 0.93 -8.60 10.45
CA ASN A 106 1.78 -9.77 10.23
C ASN A 106 2.58 -10.11 11.48
N ARG A 107 3.32 -9.13 11.99
CA ARG A 107 4.13 -9.32 13.18
C ARG A 107 3.32 -10.01 14.28
N LEU A 108 2.21 -9.41 14.65
CA LEU A 108 1.35 -9.96 15.70
C LEU A 108 1.25 -11.47 15.56
N SER A 109 0.72 -11.94 14.44
CA SER A 109 0.57 -13.37 14.18
C SER A 109 1.78 -14.14 14.70
N GLY A 110 2.96 -13.81 14.18
CA GLY A 110 4.17 -14.48 14.60
C GLY A 110 4.66 -15.48 13.58
N PRO A 111 5.99 -15.60 13.47
CA PRO A 111 6.63 -16.53 12.51
C PRO A 111 6.60 -17.97 13.01
N SER A 112 5.74 -18.79 12.41
CA SER A 112 5.62 -20.19 12.79
C SER A 112 5.39 -21.06 11.56
N SER A 113 6.32 -21.98 11.32
CA SER A 113 6.22 -22.88 10.17
C SER A 113 7.00 -24.17 10.42
N GLY A 114 6.58 -25.25 9.78
CA GLY A 114 7.25 -26.53 9.95
C GLY A 114 6.28 -27.69 9.98
N GLY A 1 -20.60 10.95 4.75
CA GLY A 1 -19.90 9.73 5.12
C GLY A 1 -19.59 9.68 6.60
N SER A 2 -19.66 8.48 7.18
CA SER A 2 -19.38 8.31 8.60
C SER A 2 -18.23 7.32 8.81
N SER A 3 -17.85 7.12 10.07
CA SER A 3 -16.76 6.21 10.41
C SER A 3 -17.18 5.25 11.52
N GLY A 4 -16.78 4.00 11.40
CA GLY A 4 -17.11 3.00 12.40
C GLY A 4 -17.93 1.86 11.83
N SER A 5 -19.19 1.77 12.24
CA SER A 5 -20.07 0.72 11.77
C SER A 5 -19.35 -0.62 11.70
N SER A 6 -18.51 -0.88 12.71
CA SER A 6 -17.75 -2.12 12.77
C SER A 6 -18.26 -3.03 13.88
N GLY A 7 -18.04 -4.33 13.71
CA GLY A 7 -18.49 -5.29 14.71
C GLY A 7 -18.05 -6.71 14.40
N LYS A 8 -18.62 -7.67 15.11
CA LYS A 8 -18.28 -9.08 14.90
C LYS A 8 -19.08 -9.67 13.74
N SER A 9 -18.45 -10.57 12.99
CA SER A 9 -19.10 -11.20 11.85
C SER A 9 -19.38 -12.67 12.13
N PRO A 10 -20.65 -12.99 12.39
CA PRO A 10 -21.09 -14.37 12.68
C PRO A 10 -20.45 -15.38 11.74
N VAL A 11 -19.69 -16.32 12.31
CA VAL A 11 -19.04 -17.35 11.52
C VAL A 11 -19.97 -17.93 10.48
N ARG A 12 -19.54 -17.90 9.22
CA ARG A 12 -20.35 -18.42 8.12
C ARG A 12 -19.45 -18.91 6.99
N GLU A 13 -19.96 -19.88 6.22
CA GLU A 13 -19.21 -20.44 5.10
C GLU A 13 -18.49 -19.34 4.33
N PRO A 14 -17.29 -19.66 3.83
CA PRO A 14 -16.48 -18.71 3.06
C PRO A 14 -17.29 -17.97 2.01
N VAL A 15 -16.87 -16.74 1.71
CA VAL A 15 -17.56 -15.91 0.73
C VAL A 15 -16.79 -15.88 -0.59
N ASP A 16 -17.46 -15.40 -1.64
CA ASP A 16 -16.84 -15.32 -2.96
C ASP A 16 -16.00 -14.04 -3.09
N ASN A 17 -16.61 -12.91 -2.77
CA ASN A 17 -15.92 -11.62 -2.84
C ASN A 17 -14.75 -11.57 -1.85
N LEU A 18 -13.94 -10.53 -1.98
CA LEU A 18 -12.78 -10.37 -1.10
C LEU A 18 -13.21 -10.40 0.37
N SER A 19 -12.23 -10.31 1.26
CA SER A 19 -12.50 -10.32 2.69
C SER A 19 -11.88 -9.11 3.38
N PRO A 20 -12.50 -8.67 4.49
CA PRO A 20 -12.02 -7.52 5.26
C PRO A 20 -10.51 -7.57 5.50
N GLU A 21 -9.93 -8.76 5.36
CA GLU A 21 -8.50 -8.95 5.56
C GLU A 21 -7.74 -8.82 4.24
N GLU A 22 -8.11 -9.65 3.27
CA GLU A 22 -7.47 -9.64 1.97
C GLU A 22 -7.30 -8.20 1.45
N ARG A 23 -8.35 -7.41 1.63
CA ARG A 23 -8.32 -6.01 1.19
C ARG A 23 -7.07 -5.31 1.69
N ASP A 24 -6.67 -5.61 2.93
CA ASP A 24 -5.50 -4.99 3.52
C ASP A 24 -4.23 -5.61 2.96
N ALA A 25 -4.16 -6.93 2.95
CA ALA A 25 -3.00 -7.65 2.43
C ALA A 25 -2.57 -7.09 1.07
N ARG A 26 -3.55 -6.88 0.19
CA ARG A 26 -3.27 -6.36 -1.14
C ARG A 26 -3.19 -4.83 -1.11
N THR A 27 -2.59 -4.30 -0.05
CA THR A 27 -2.45 -2.86 0.10
C THR A 27 -1.07 -2.49 0.61
N VAL A 28 -0.36 -1.67 -0.15
CA VAL A 28 0.99 -1.24 0.23
C VAL A 28 0.96 0.14 0.87
N PHE A 29 1.85 0.37 1.82
CA PHE A 29 1.93 1.66 2.50
C PHE A 29 3.09 2.49 1.95
N CYS A 30 2.78 3.72 1.55
CA CYS A 30 3.79 4.62 1.00
C CYS A 30 3.95 5.85 1.89
N MET A 31 5.16 6.41 1.89
CA MET A 31 5.44 7.60 2.70
C MET A 31 6.51 8.46 2.03
N GLN A 32 6.83 9.59 2.65
CA GLN A 32 7.84 10.50 2.12
C GLN A 32 7.46 10.97 0.72
N LEU A 33 6.25 11.49 0.59
CA LEU A 33 5.76 11.98 -0.70
C LEU A 33 6.05 13.47 -0.86
N ALA A 34 6.51 13.85 -2.05
CA ALA A 34 6.81 15.25 -2.33
C ALA A 34 5.61 16.15 -2.05
N ALA A 35 5.80 17.45 -2.23
CA ALA A 35 4.73 18.41 -2.00
C ALA A 35 3.87 18.59 -3.24
N ARG A 36 4.52 18.67 -4.39
CA ARG A 36 3.81 18.85 -5.67
C ARG A 36 3.65 17.51 -6.38
N ILE A 37 3.34 16.47 -5.61
CA ILE A 37 3.15 15.14 -6.17
C ILE A 37 1.72 14.95 -6.66
N ARG A 38 1.54 14.00 -7.57
CA ARG A 38 0.21 13.72 -8.12
C ARG A 38 -0.05 12.22 -8.17
N PRO A 39 -1.31 11.83 -7.99
CA PRO A 39 -1.72 10.42 -8.01
C PRO A 39 -1.10 9.65 -9.17
N ARG A 40 -0.92 10.33 -10.30
CA ARG A 40 -0.33 9.72 -11.49
C ARG A 40 1.13 9.36 -11.24
N ASP A 41 1.89 10.31 -10.73
CA ASP A 41 3.30 10.09 -10.45
C ASP A 41 3.53 8.71 -9.83
N LEU A 42 2.59 8.29 -9.00
CA LEU A 42 2.68 6.98 -8.34
C LEU A 42 2.15 5.88 -9.24
N GLU A 43 1.07 6.17 -9.95
CA GLU A 43 0.47 5.19 -10.85
C GLU A 43 1.51 4.61 -11.80
N ASP A 44 2.06 5.46 -12.65
CA ASP A 44 3.08 5.03 -13.62
C ASP A 44 4.30 4.48 -12.90
N PHE A 45 4.85 5.26 -11.98
CA PHE A 45 6.03 4.84 -11.23
C PHE A 45 5.88 3.40 -10.73
N PHE A 46 4.70 3.09 -10.18
CA PHE A 46 4.43 1.76 -9.66
C PHE A 46 4.05 0.81 -10.79
N SER A 47 3.64 1.37 -11.92
CA SER A 47 3.24 0.58 -13.08
C SER A 47 4.42 -0.23 -13.61
N ALA A 48 5.61 0.04 -13.07
CA ALA A 48 6.82 -0.67 -13.49
C ALA A 48 6.83 -2.10 -12.97
N VAL A 49 6.09 -2.33 -11.88
CA VAL A 49 6.02 -3.66 -11.29
C VAL A 49 4.60 -4.21 -11.35
N GLY A 50 3.62 -3.31 -11.27
CA GLY A 50 2.23 -3.73 -11.31
C GLY A 50 1.29 -2.58 -11.58
N LYS A 51 0.16 -2.87 -12.22
CA LYS A 51 -0.82 -1.85 -12.55
C LYS A 51 -1.52 -1.35 -11.29
N VAL A 52 -1.65 -0.02 -11.17
CA VAL A 52 -2.31 0.57 -10.02
C VAL A 52 -3.80 0.75 -10.26
N ARG A 53 -4.61 0.33 -9.29
CA ARG A 53 -6.05 0.45 -9.39
C ARG A 53 -6.55 1.70 -8.68
N ASP A 54 -6.17 1.85 -7.42
CA ASP A 54 -6.59 3.00 -6.62
C ASP A 54 -5.40 3.59 -5.86
N VAL A 55 -5.40 4.90 -5.70
CA VAL A 55 -4.33 5.59 -4.99
C VAL A 55 -4.89 6.55 -3.95
N ARG A 56 -4.74 6.19 -2.68
CA ARG A 56 -5.22 7.02 -1.58
C ARG A 56 -4.11 7.90 -1.02
N ILE A 57 -4.21 9.20 -1.25
CA ILE A 57 -3.22 10.15 -0.78
C ILE A 57 -3.76 10.98 0.39
N ILE A 58 -3.29 10.68 1.59
CA ILE A 58 -3.73 11.40 2.78
C ILE A 58 -3.11 12.81 2.83
N SER A 59 -3.96 13.82 2.67
CA SER A 59 -3.50 15.20 2.69
C SER A 59 -3.90 15.89 3.99
N ASP A 60 -3.80 15.15 5.10
CA ASP A 60 -4.14 15.68 6.41
C ASP A 60 -2.98 16.46 7.01
N ARG A 61 -3.04 17.79 6.88
CA ARG A 61 -1.99 18.65 7.40
C ARG A 61 -1.50 18.15 8.75
N ASN A 62 -0.18 18.16 8.94
CA ASN A 62 0.41 17.71 10.20
C ASN A 62 1.13 18.85 10.90
N SER A 63 1.64 18.58 12.10
CA SER A 63 2.35 19.59 12.88
C SER A 63 3.72 19.08 13.30
N ARG A 64 3.74 17.92 13.96
CA ARG A 64 4.98 17.32 14.44
C ARG A 64 5.44 16.22 13.49
N ARG A 65 4.52 15.35 13.10
CA ARG A 65 4.83 14.24 12.20
C ARG A 65 4.48 14.60 10.76
N SER A 66 5.32 15.44 10.15
CA SER A 66 5.10 15.87 8.77
C SER A 66 5.59 14.82 7.79
N LYS A 67 4.65 14.21 7.07
CA LYS A 67 4.99 13.18 6.09
C LYS A 67 3.75 12.74 5.33
N GLY A 68 3.69 13.11 4.05
CA GLY A 68 2.55 12.74 3.22
C GLY A 68 2.48 11.25 2.97
N ILE A 69 1.59 10.58 3.69
CA ILE A 69 1.41 9.13 3.55
C ILE A 69 0.32 8.81 2.54
N ALA A 70 0.49 7.71 1.82
CA ALA A 70 -0.49 7.27 0.83
C ALA A 70 -0.48 5.75 0.67
N TYR A 71 -1.62 5.21 0.23
CA TYR A 71 -1.74 3.77 0.04
C TYR A 71 -1.98 3.43 -1.43
N VAL A 72 -1.34 2.37 -1.90
CA VAL A 72 -1.49 1.95 -3.29
C VAL A 72 -2.02 0.53 -3.37
N GLU A 73 -3.09 0.34 -4.15
CA GLU A 73 -3.70 -0.98 -4.31
C GLU A 73 -3.18 -1.66 -5.57
N PHE A 74 -2.30 -2.63 -5.41
CA PHE A 74 -1.73 -3.36 -6.54
C PHE A 74 -2.70 -4.42 -7.04
N CYS A 75 -2.54 -4.82 -8.30
CA CYS A 75 -3.41 -5.83 -8.90
C CYS A 75 -3.34 -7.14 -8.12
N GLU A 76 -2.14 -7.46 -7.63
CA GLU A 76 -1.95 -8.70 -6.87
C GLU A 76 -0.99 -8.46 -5.70
N ILE A 77 -0.94 -9.43 -4.79
CA ILE A 77 -0.06 -9.32 -3.62
C ILE A 77 1.38 -9.61 -3.99
N GLN A 78 1.57 -10.52 -4.95
CA GLN A 78 2.90 -10.90 -5.39
C GLN A 78 3.61 -9.71 -6.05
N SER A 79 2.88 -8.62 -6.23
CA SER A 79 3.43 -7.42 -6.85
C SER A 79 3.92 -6.43 -5.80
N VAL A 80 3.41 -6.59 -4.58
CA VAL A 80 3.80 -5.70 -3.47
C VAL A 80 5.29 -5.78 -3.21
N PRO A 81 5.84 -7.00 -3.22
CA PRO A 81 7.27 -7.23 -2.99
C PRO A 81 8.16 -6.31 -3.82
N LEU A 82 8.01 -6.39 -5.13
CA LEU A 82 8.81 -5.56 -6.04
C LEU A 82 8.70 -4.09 -5.65
N ALA A 83 7.48 -3.63 -5.38
CA ALA A 83 7.25 -2.25 -4.99
C ALA A 83 8.05 -1.89 -3.74
N ILE A 84 8.27 -2.88 -2.89
CA ILE A 84 9.03 -2.65 -1.66
C ILE A 84 10.51 -2.44 -1.95
N GLY A 85 11.06 -3.27 -2.83
CA GLY A 85 12.46 -3.15 -3.18
C GLY A 85 12.80 -1.80 -3.78
N LEU A 86 11.83 -1.20 -4.48
CA LEU A 86 12.03 0.10 -5.10
C LEU A 86 12.40 1.15 -4.07
N THR A 87 12.14 0.85 -2.80
CA THR A 87 12.45 1.77 -1.72
C THR A 87 13.77 2.48 -1.96
N GLY A 88 13.71 3.80 -2.16
CA GLY A 88 14.91 4.57 -2.41
C GLY A 88 14.96 5.14 -3.81
N GLN A 89 13.82 5.14 -4.49
CA GLN A 89 13.73 5.66 -5.85
C GLN A 89 13.37 7.14 -5.84
N ARG A 90 14.29 7.97 -6.31
CA ARG A 90 14.07 9.42 -6.36
C ARG A 90 12.79 9.74 -7.13
N LEU A 91 11.78 10.22 -6.42
CA LEU A 91 10.50 10.58 -7.05
C LEU A 91 10.24 12.07 -6.95
N LEU A 92 10.25 12.74 -8.09
CA LEU A 92 10.01 14.18 -8.15
C LEU A 92 11.09 14.93 -7.36
N GLY A 93 12.26 14.32 -7.23
CA GLY A 93 13.35 14.94 -6.51
C GLY A 93 13.55 14.34 -5.13
N VAL A 94 12.47 13.86 -4.53
CA VAL A 94 12.53 13.26 -3.21
C VAL A 94 12.17 11.78 -3.25
N PRO A 95 13.09 10.94 -2.79
CA PRO A 95 12.88 9.48 -2.77
C PRO A 95 11.56 9.09 -2.12
N ILE A 96 11.02 7.94 -2.52
CA ILE A 96 9.76 7.46 -1.98
C ILE A 96 9.98 6.27 -1.07
N ILE A 97 9.07 6.06 -0.13
CA ILE A 97 9.16 4.95 0.81
C ILE A 97 8.06 3.91 0.55
N VAL A 98 8.47 2.67 0.33
CA VAL A 98 7.54 1.59 0.06
C VAL A 98 7.70 0.47 1.08
N GLN A 99 6.60 0.12 1.74
CA GLN A 99 6.61 -0.95 2.75
C GLN A 99 5.22 -1.55 2.92
N ALA A 100 5.18 -2.81 3.33
CA ALA A 100 3.91 -3.51 3.53
C ALA A 100 3.07 -2.79 4.58
N SER A 101 1.80 -2.54 4.23
CA SER A 101 0.88 -1.86 5.14
C SER A 101 0.43 -2.80 6.26
N GLN A 102 0.08 -4.02 5.88
CA GLN A 102 -0.37 -5.02 6.85
C GLN A 102 0.67 -5.24 7.94
N ALA A 103 1.93 -4.99 7.60
CA ALA A 103 3.03 -5.15 8.55
C ALA A 103 2.80 -4.31 9.80
N GLU A 104 2.39 -3.06 9.61
CA GLU A 104 2.13 -2.15 10.72
C GLU A 104 1.12 -2.75 11.69
N LYS A 105 0.02 -3.27 11.14
CA LYS A 105 -1.02 -3.87 11.96
C LYS A 105 -0.52 -5.14 12.64
N ASN A 106 -0.14 -6.13 11.85
CA ASN A 106 0.36 -7.39 12.37
C ASN A 106 1.15 -7.17 13.66
N ARG A 107 1.94 -6.10 13.68
CA ARG A 107 2.75 -5.77 14.85
C ARG A 107 2.14 -4.60 15.62
N LEU A 108 1.07 -4.89 16.36
CA LEU A 108 0.39 -3.87 17.15
C LEU A 108 -0.51 -4.50 18.21
N SER A 109 -0.18 -4.26 19.48
CA SER A 109 -0.96 -4.80 20.58
C SER A 109 -1.21 -3.75 21.65
N GLY A 110 -2.47 -3.36 21.82
CA GLY A 110 -2.81 -2.36 22.81
C GLY A 110 -4.29 -2.01 22.78
N PRO A 111 -4.85 -1.71 23.96
CA PRO A 111 -6.27 -1.35 24.10
C PRO A 111 -6.54 0.09 23.70
N SER A 112 -5.48 0.89 23.62
CA SER A 112 -5.60 2.30 23.25
C SER A 112 -6.11 2.44 21.82
N SER A 113 -6.85 3.52 21.58
CA SER A 113 -7.41 3.78 20.25
C SER A 113 -6.98 5.15 19.74
N GLY A 114 -5.71 5.49 19.95
CA GLY A 114 -5.19 6.76 19.49
C GLY A 114 -4.09 6.61 18.46
N GLY A 1 11.24 -31.91 -6.17
CA GLY A 1 12.47 -32.56 -6.61
C GLY A 1 12.66 -32.49 -8.11
N SER A 2 12.34 -33.58 -8.81
CA SER A 2 12.48 -33.63 -10.26
C SER A 2 11.26 -33.01 -10.95
N SER A 3 11.52 -32.20 -11.97
CA SER A 3 10.45 -31.55 -12.72
C SER A 3 10.96 -30.98 -14.03
N GLY A 4 10.08 -30.89 -15.02
CA GLY A 4 10.47 -30.37 -16.31
C GLY A 4 9.64 -29.16 -16.73
N SER A 5 10.28 -28.22 -17.43
CA SER A 5 9.60 -27.01 -17.87
C SER A 5 8.22 -27.33 -18.40
N SER A 6 7.23 -26.52 -18.03
CA SER A 6 5.86 -26.71 -18.47
C SER A 6 5.51 -25.77 -19.61
N GLY A 7 5.70 -26.24 -20.84
CA GLY A 7 5.41 -25.42 -22.00
C GLY A 7 3.93 -25.42 -22.34
N LYS A 8 3.49 -26.43 -23.06
CA LYS A 8 2.07 -26.53 -23.45
C LYS A 8 1.25 -27.16 -22.34
N SER A 9 0.43 -26.34 -21.68
CA SER A 9 -0.42 -26.82 -20.59
C SER A 9 -1.68 -25.98 -20.47
N PRO A 10 -2.79 -26.62 -20.13
CA PRO A 10 -4.08 -25.95 -19.96
C PRO A 10 -4.19 -25.21 -18.63
N VAL A 11 -4.92 -24.10 -18.63
CA VAL A 11 -5.10 -23.30 -17.43
C VAL A 11 -6.53 -22.80 -17.31
N ARG A 12 -7.30 -23.39 -16.40
CA ARG A 12 -8.69 -23.01 -16.20
C ARG A 12 -8.78 -21.87 -15.18
N GLU A 13 -9.84 -21.07 -15.31
CA GLU A 13 -10.06 -19.94 -14.41
C GLU A 13 -10.93 -20.34 -13.24
N PRO A 14 -10.80 -19.61 -12.12
CA PRO A 14 -11.57 -19.87 -10.90
C PRO A 14 -13.01 -19.37 -11.01
N VAL A 15 -13.90 -19.97 -10.24
CA VAL A 15 -15.31 -19.59 -10.24
C VAL A 15 -15.76 -19.10 -8.87
N ASP A 16 -14.99 -18.18 -8.29
CA ASP A 16 -15.30 -17.63 -6.98
C ASP A 16 -14.77 -16.21 -6.84
N ASN A 17 -15.53 -15.36 -6.13
CA ASN A 17 -15.14 -13.98 -5.93
C ASN A 17 -14.13 -13.85 -4.79
N LEU A 18 -13.50 -12.69 -4.70
CA LEU A 18 -12.52 -12.44 -3.66
C LEU A 18 -13.18 -11.87 -2.41
N SER A 19 -12.63 -12.19 -1.24
CA SER A 19 -13.17 -11.72 0.02
C SER A 19 -12.81 -10.25 0.25
N PRO A 20 -13.65 -9.56 1.03
CA PRO A 20 -13.45 -8.13 1.34
C PRO A 20 -12.25 -7.91 2.26
N GLU A 21 -11.81 -8.96 2.92
CA GLU A 21 -10.67 -8.89 3.83
C GLU A 21 -9.36 -9.17 3.09
N GLU A 22 -9.46 -9.91 2.00
CA GLU A 22 -8.29 -10.26 1.20
C GLU A 22 -7.76 -9.05 0.44
N ARG A 23 -8.68 -8.23 -0.06
CA ARG A 23 -8.31 -7.04 -0.80
C ARG A 23 -7.27 -6.22 -0.05
N ASP A 24 -7.48 -6.06 1.25
CA ASP A 24 -6.56 -5.30 2.09
C ASP A 24 -5.12 -5.78 1.88
N ALA A 25 -4.92 -7.10 1.92
CA ALA A 25 -3.60 -7.67 1.73
C ALA A 25 -2.95 -7.15 0.46
N ARG A 26 -3.77 -6.79 -0.52
CA ARG A 26 -3.27 -6.28 -1.79
C ARG A 26 -3.13 -4.76 -1.75
N THR A 27 -2.76 -4.24 -0.58
CA THR A 27 -2.58 -2.80 -0.41
C THR A 27 -1.18 -2.48 0.08
N VAL A 28 -0.50 -1.58 -0.63
CA VAL A 28 0.85 -1.17 -0.25
C VAL A 28 0.85 0.19 0.43
N PHE A 29 1.83 0.41 1.29
CA PHE A 29 1.95 1.67 2.01
C PHE A 29 3.14 2.48 1.49
N CYS A 30 2.93 3.79 1.33
CA CYS A 30 3.97 4.68 0.84
C CYS A 30 4.16 5.86 1.78
N MET A 31 5.37 6.41 1.80
CA MET A 31 5.69 7.55 2.66
C MET A 31 6.80 8.38 2.06
N GLN A 32 7.08 9.53 2.68
CA GLN A 32 8.12 10.43 2.21
C GLN A 32 7.78 10.99 0.83
N LEU A 33 6.52 11.36 0.65
CA LEU A 33 6.06 11.92 -0.62
C LEU A 33 6.50 13.37 -0.76
N ALA A 34 6.48 13.87 -2.00
CA ALA A 34 6.88 15.24 -2.28
C ALA A 34 5.74 16.21 -2.00
N ALA A 35 6.04 17.50 -2.03
CA ALA A 35 5.04 18.53 -1.79
C ALA A 35 4.17 18.76 -3.02
N ARG A 36 4.73 18.52 -4.20
CA ARG A 36 4.01 18.70 -5.44
C ARG A 36 3.83 17.37 -6.16
N ILE A 37 3.48 16.34 -5.41
CA ILE A 37 3.27 15.01 -5.97
C ILE A 37 1.82 14.81 -6.36
N ARG A 38 1.60 14.01 -7.40
CA ARG A 38 0.25 13.73 -7.88
C ARG A 38 0.01 12.22 -7.99
N PRO A 39 -1.25 11.80 -7.79
CA PRO A 39 -1.63 10.40 -7.87
C PRO A 39 -1.05 9.70 -9.08
N ARG A 40 -0.95 10.42 -10.20
CA ARG A 40 -0.40 9.88 -11.43
C ARG A 40 1.05 9.45 -11.25
N ASP A 41 1.87 10.37 -10.75
CA ASP A 41 3.28 10.09 -10.52
C ASP A 41 3.47 8.71 -9.92
N LEU A 42 2.70 8.41 -8.88
CA LEU A 42 2.78 7.13 -8.20
C LEU A 42 2.26 6.01 -9.10
N GLU A 43 1.08 6.22 -9.67
CA GLU A 43 0.47 5.22 -10.55
C GLU A 43 1.50 4.64 -11.51
N ASP A 44 1.97 5.47 -12.45
CA ASP A 44 2.97 5.03 -13.42
C ASP A 44 4.23 4.54 -12.72
N PHE A 45 4.73 5.33 -11.78
CA PHE A 45 5.94 4.98 -11.04
C PHE A 45 5.83 3.57 -10.47
N PHE A 46 4.60 3.16 -10.13
CA PHE A 46 4.37 1.84 -9.56
C PHE A 46 3.98 0.85 -10.66
N SER A 47 3.71 1.37 -11.85
CA SER A 47 3.32 0.52 -12.98
C SER A 47 4.50 -0.31 -13.47
N ALA A 48 5.66 -0.09 -12.87
CA ALA A 48 6.86 -0.83 -13.23
C ALA A 48 6.86 -2.23 -12.61
N VAL A 49 6.08 -2.40 -11.55
CA VAL A 49 5.99 -3.68 -10.87
C VAL A 49 4.58 -4.27 -11.01
N GLY A 50 3.59 -3.40 -11.15
CA GLY A 50 2.22 -3.85 -11.28
C GLY A 50 1.27 -2.72 -11.60
N LYS A 51 0.15 -3.06 -12.24
CA LYS A 51 -0.86 -2.06 -12.61
C LYS A 51 -1.56 -1.53 -11.37
N VAL A 52 -1.76 -0.21 -11.33
CA VAL A 52 -2.43 0.43 -10.21
C VAL A 52 -3.92 0.57 -10.46
N ARG A 53 -4.73 0.26 -9.45
CA ARG A 53 -6.18 0.36 -9.57
C ARG A 53 -6.70 1.63 -8.90
N ASP A 54 -6.35 1.81 -7.64
CA ASP A 54 -6.77 2.99 -6.89
C ASP A 54 -5.63 3.55 -6.06
N VAL A 55 -5.63 4.87 -5.87
CA VAL A 55 -4.59 5.53 -5.10
C VAL A 55 -5.19 6.49 -4.07
N ARG A 56 -4.88 6.27 -2.80
CA ARG A 56 -5.39 7.11 -1.73
C ARG A 56 -4.25 7.86 -1.04
N ILE A 57 -4.14 9.15 -1.34
CA ILE A 57 -3.09 9.98 -0.76
C ILE A 57 -3.62 10.75 0.46
N ILE A 58 -3.07 10.45 1.63
CA ILE A 58 -3.48 11.11 2.86
C ILE A 58 -2.89 12.52 2.94
N SER A 59 -3.77 13.51 3.01
CA SER A 59 -3.34 14.91 3.10
C SER A 59 -3.71 15.51 4.45
N ASP A 60 -2.70 15.97 5.19
CA ASP A 60 -2.92 16.57 6.49
C ASP A 60 -2.50 18.04 6.50
N ARG A 61 -3.42 18.90 6.90
CA ARG A 61 -3.15 20.34 6.95
C ARG A 61 -2.56 20.74 8.30
N ASN A 62 -1.58 21.64 8.27
CA ASN A 62 -0.93 22.10 9.50
C ASN A 62 -0.65 20.93 10.43
N SER A 63 -0.03 19.89 9.90
CA SER A 63 0.30 18.71 10.69
C SER A 63 1.69 18.84 11.31
N ARG A 64 1.84 18.33 12.54
CA ARG A 64 3.11 18.39 13.24
C ARG A 64 4.18 17.59 12.49
N ARG A 65 5.42 17.73 12.93
CA ARG A 65 6.54 17.02 12.31
C ARG A 65 6.11 15.64 11.83
N SER A 66 5.83 15.53 10.54
CA SER A 66 5.40 14.25 9.96
C SER A 66 5.64 14.24 8.45
N LYS A 67 5.43 13.08 7.83
CA LYS A 67 5.62 12.94 6.40
C LYS A 67 4.31 12.57 5.71
N GLY A 68 4.27 12.74 4.39
CA GLY A 68 3.06 12.43 3.64
C GLY A 68 2.95 10.95 3.32
N ILE A 69 1.91 10.31 3.84
CA ILE A 69 1.69 8.89 3.62
C ILE A 69 0.61 8.67 2.55
N ALA A 70 0.80 7.63 1.75
CA ALA A 70 -0.17 7.30 0.69
C ALA A 70 -0.26 5.80 0.49
N TYR A 71 -1.45 5.32 0.15
CA TYR A 71 -1.67 3.89 -0.07
C TYR A 71 -1.95 3.61 -1.55
N VAL A 72 -1.37 2.52 -2.05
CA VAL A 72 -1.55 2.14 -3.44
C VAL A 72 -2.00 0.69 -3.55
N GLU A 73 -3.08 0.46 -4.29
CA GLU A 73 -3.62 -0.88 -4.49
C GLU A 73 -3.00 -1.54 -5.72
N PHE A 74 -2.46 -2.74 -5.53
CA PHE A 74 -1.85 -3.48 -6.62
C PHE A 74 -2.74 -4.62 -7.09
N CYS A 75 -2.64 -4.98 -8.36
CA CYS A 75 -3.44 -6.05 -8.93
C CYS A 75 -3.39 -7.29 -8.05
N GLU A 76 -2.20 -7.61 -7.54
CA GLU A 76 -2.03 -8.77 -6.67
C GLU A 76 -1.08 -8.46 -5.52
N ILE A 77 -0.95 -9.39 -4.60
CA ILE A 77 -0.07 -9.21 -3.45
C ILE A 77 1.36 -9.62 -3.77
N GLN A 78 1.50 -10.52 -4.74
CA GLN A 78 2.82 -10.99 -5.16
C GLN A 78 3.61 -9.89 -5.86
N SER A 79 2.92 -8.80 -6.18
CA SER A 79 3.55 -7.67 -6.86
C SER A 79 4.00 -6.61 -5.86
N VAL A 80 3.52 -6.74 -4.62
CA VAL A 80 3.87 -5.79 -3.57
C VAL A 80 5.36 -5.86 -3.25
N PRO A 81 5.90 -7.08 -3.16
CA PRO A 81 7.32 -7.31 -2.87
C PRO A 81 8.23 -6.44 -3.74
N LEU A 82 7.96 -6.42 -5.03
CA LEU A 82 8.76 -5.62 -5.96
C LEU A 82 8.67 -4.14 -5.63
N ALA A 83 7.48 -3.69 -5.27
CA ALA A 83 7.25 -2.30 -4.93
C ALA A 83 8.03 -1.90 -3.68
N ILE A 84 8.06 -2.80 -2.70
CA ILE A 84 8.78 -2.55 -1.46
C ILE A 84 10.24 -2.20 -1.72
N GLY A 85 10.87 -2.94 -2.62
CA GLY A 85 12.26 -2.69 -2.95
C GLY A 85 12.49 -1.30 -3.51
N LEU A 86 11.57 -0.86 -4.37
CA LEU A 86 11.67 0.46 -4.98
C LEU A 86 12.04 1.51 -3.94
N THR A 87 11.67 1.26 -2.69
CA THR A 87 11.98 2.18 -1.60
C THR A 87 13.34 2.83 -1.79
N GLY A 88 13.35 4.14 -1.97
CA GLY A 88 14.60 4.86 -2.16
C GLY A 88 14.78 5.34 -3.58
N GLN A 89 13.71 5.30 -4.36
CA GLN A 89 13.76 5.75 -5.76
C GLN A 89 13.37 7.21 -5.87
N ARG A 90 14.33 8.04 -6.29
CA ARG A 90 14.09 9.47 -6.43
C ARG A 90 12.82 9.72 -7.23
N LEU A 91 11.79 10.22 -6.55
CA LEU A 91 10.52 10.51 -7.19
C LEU A 91 10.22 12.01 -7.16
N LEU A 92 10.21 12.63 -8.34
CA LEU A 92 9.94 14.06 -8.44
C LEU A 92 11.00 14.87 -7.70
N GLY A 93 12.19 14.29 -7.55
CA GLY A 93 13.27 14.98 -6.87
C GLY A 93 13.46 14.49 -5.45
N VAL A 94 12.38 13.98 -4.85
CA VAL A 94 12.43 13.48 -3.48
C VAL A 94 12.13 11.98 -3.44
N PRO A 95 13.08 11.21 -2.90
CA PRO A 95 12.94 9.75 -2.78
C PRO A 95 11.60 9.34 -2.18
N ILE A 96 11.15 8.14 -2.51
CA ILE A 96 9.89 7.63 -1.99
C ILE A 96 10.10 6.36 -1.17
N ILE A 97 9.18 6.11 -0.24
CA ILE A 97 9.27 4.93 0.61
C ILE A 97 8.12 3.97 0.34
N VAL A 98 8.40 2.68 0.39
CA VAL A 98 7.39 1.65 0.15
C VAL A 98 7.55 0.48 1.12
N GLN A 99 6.51 0.23 1.91
CA GLN A 99 6.54 -0.87 2.88
C GLN A 99 5.26 -1.69 2.79
N ALA A 100 5.28 -2.86 3.42
CA ALA A 100 4.12 -3.75 3.42
C ALA A 100 3.12 -3.34 4.48
N SER A 101 1.99 -2.78 4.04
CA SER A 101 0.95 -2.34 4.96
C SER A 101 0.46 -3.49 5.82
N GLN A 102 0.36 -4.68 5.22
CA GLN A 102 -0.10 -5.86 5.93
C GLN A 102 0.58 -5.96 7.29
N ALA A 103 1.88 -5.70 7.33
CA ALA A 103 2.64 -5.76 8.56
C ALA A 103 1.86 -5.16 9.73
N GLU A 104 1.26 -4.00 9.49
CA GLU A 104 0.49 -3.32 10.52
C GLU A 104 -0.63 -4.22 11.05
N LYS A 105 -1.23 -4.99 10.15
CA LYS A 105 -2.31 -5.90 10.52
C LYS A 105 -1.78 -7.10 11.28
N ASN A 106 -0.47 -7.33 11.17
CA ASN A 106 0.17 -8.46 11.85
C ASN A 106 0.70 -8.02 13.21
N ARG A 107 0.86 -6.71 13.40
CA ARG A 107 1.36 -6.18 14.66
C ARG A 107 0.42 -5.10 15.19
N LEU A 108 -0.75 -4.97 14.58
CA LEU A 108 -1.73 -3.98 15.00
C LEU A 108 -1.93 -4.01 16.52
N SER A 109 -1.56 -5.13 17.13
CA SER A 109 -1.69 -5.30 18.58
C SER A 109 -0.49 -6.03 19.15
N GLY A 110 0.22 -5.35 20.05
CA GLY A 110 1.41 -5.95 20.66
C GLY A 110 1.68 -5.37 22.03
N PRO A 111 2.58 -4.37 22.09
CA PRO A 111 2.96 -3.71 23.34
C PRO A 111 1.90 -2.74 23.83
N SER A 112 1.78 -2.60 25.15
CA SER A 112 0.81 -1.69 25.75
C SER A 112 1.50 -0.59 26.54
N SER A 113 2.39 -1.00 27.45
CA SER A 113 3.12 -0.06 28.28
C SER A 113 3.53 1.18 27.48
N GLY A 114 2.99 2.33 27.88
CA GLY A 114 3.30 3.56 27.19
C GLY A 114 2.39 4.70 27.61
N GLY A 1 -0.08 -23.73 7.46
CA GLY A 1 -0.68 -24.28 6.26
C GLY A 1 0.02 -23.82 5.00
N SER A 2 -0.20 -24.53 3.91
CA SER A 2 0.41 -24.20 2.63
C SER A 2 -0.46 -24.64 1.46
N SER A 3 -0.20 -24.08 0.29
CA SER A 3 -0.97 -24.41 -0.91
C SER A 3 -0.14 -24.20 -2.17
N GLY A 4 -0.53 -24.87 -3.25
CA GLY A 4 0.19 -24.74 -4.51
C GLY A 4 -0.72 -24.44 -5.68
N SER A 5 -0.25 -23.64 -6.61
CA SER A 5 -1.03 -23.28 -7.78
C SER A 5 -1.04 -24.41 -8.81
N SER A 6 -2.22 -24.94 -9.09
CA SER A 6 -2.37 -26.02 -10.04
C SER A 6 -3.85 -26.31 -10.33
N GLY A 7 -4.15 -26.60 -11.59
CA GLY A 7 -5.52 -26.88 -11.98
C GLY A 7 -6.04 -28.17 -11.37
N LYS A 8 -6.78 -28.05 -10.27
CA LYS A 8 -7.34 -29.21 -9.59
C LYS A 8 -8.29 -28.78 -8.48
N SER A 9 -9.46 -29.43 -8.42
CA SER A 9 -10.46 -29.12 -7.41
C SER A 9 -9.85 -29.20 -6.01
N PRO A 10 -9.67 -28.04 -5.37
CA PRO A 10 -9.11 -27.97 -4.02
C PRO A 10 -9.71 -29.00 -3.08
N VAL A 11 -9.04 -29.24 -1.95
CA VAL A 11 -9.51 -30.20 -0.97
C VAL A 11 -10.58 -29.60 -0.06
N ARG A 12 -10.65 -28.27 -0.06
CA ARG A 12 -11.63 -27.57 0.77
C ARG A 12 -12.45 -26.59 -0.08
N GLU A 13 -13.44 -25.96 0.55
CA GLU A 13 -14.29 -25.01 -0.15
C GLU A 13 -13.50 -24.21 -1.17
N PRO A 14 -14.13 -23.94 -2.33
CA PRO A 14 -13.49 -23.18 -3.42
C PRO A 14 -13.50 -21.68 -3.16
N VAL A 15 -13.09 -20.90 -4.15
CA VAL A 15 -13.06 -19.46 -4.03
C VAL A 15 -14.45 -18.89 -3.81
N ASP A 16 -14.53 -17.82 -3.03
CA ASP A 16 -15.81 -17.18 -2.72
C ASP A 16 -15.61 -15.70 -2.40
N ASN A 17 -16.71 -15.00 -2.19
CA ASN A 17 -16.66 -13.57 -1.88
C ASN A 17 -15.47 -13.25 -0.98
N LEU A 18 -14.50 -12.53 -1.53
CA LEU A 18 -13.31 -12.16 -0.78
C LEU A 18 -13.67 -11.52 0.55
N SER A 19 -12.82 -11.70 1.55
CA SER A 19 -13.05 -11.15 2.87
C SER A 19 -12.67 -9.68 2.92
N PRO A 20 -13.19 -8.95 3.92
CA PRO A 20 -12.91 -7.53 4.11
C PRO A 20 -11.50 -7.27 4.65
N GLU A 21 -10.92 -8.29 5.27
CA GLU A 21 -9.58 -8.19 5.83
C GLU A 21 -8.52 -8.51 4.79
N GLU A 22 -8.93 -9.21 3.73
CA GLU A 22 -8.01 -9.60 2.67
C GLU A 22 -7.71 -8.40 1.76
N ARG A 23 -8.71 -7.57 1.54
CA ARG A 23 -8.56 -6.40 0.69
C ARG A 23 -7.32 -5.58 1.11
N ASP A 24 -6.96 -5.70 2.38
CA ASP A 24 -5.81 -4.98 2.90
C ASP A 24 -4.51 -5.58 2.39
N ALA A 25 -4.41 -6.90 2.47
CA ALA A 25 -3.22 -7.62 2.02
C ALA A 25 -2.72 -7.06 0.70
N ARG A 26 -3.64 -6.83 -0.23
CA ARG A 26 -3.30 -6.30 -1.55
C ARG A 26 -3.17 -4.78 -1.50
N THR A 27 -2.52 -4.28 -0.45
CA THR A 27 -2.34 -2.84 -0.29
C THR A 27 -0.97 -2.53 0.30
N VAL A 28 -0.23 -1.64 -0.36
CA VAL A 28 1.10 -1.25 0.11
C VAL A 28 1.08 0.12 0.76
N PHE A 29 1.96 0.33 1.72
CA PHE A 29 2.04 1.61 2.42
C PHE A 29 3.19 2.46 1.88
N CYS A 30 2.87 3.68 1.48
CA CYS A 30 3.87 4.60 0.94
C CYS A 30 4.04 5.82 1.84
N MET A 31 5.22 6.42 1.79
CA MET A 31 5.50 7.61 2.60
C MET A 31 6.57 8.47 1.94
N GLN A 32 6.88 9.60 2.57
CA GLN A 32 7.89 10.52 2.04
C GLN A 32 7.50 11.02 0.66
N LEU A 33 6.27 11.53 0.55
CA LEU A 33 5.77 12.04 -0.72
C LEU A 33 6.11 13.52 -0.88
N ALA A 34 6.44 13.92 -2.10
CA ALA A 34 6.78 15.31 -2.39
C ALA A 34 5.68 16.25 -1.89
N ALA A 35 5.84 17.54 -2.18
CA ALA A 35 4.87 18.54 -1.77
C ALA A 35 3.77 18.70 -2.81
N ARG A 36 4.15 18.73 -4.09
CA ARG A 36 3.20 18.88 -5.17
C ARG A 36 3.08 17.58 -5.96
N ILE A 37 3.23 16.45 -5.27
CA ILE A 37 3.14 15.14 -5.91
C ILE A 37 1.71 14.86 -6.39
N ARG A 38 1.59 14.03 -7.42
CA ARG A 38 0.28 13.68 -7.97
C ARG A 38 0.12 12.16 -8.04
N PRO A 39 -1.12 11.70 -7.84
CA PRO A 39 -1.45 10.27 -7.87
C PRO A 39 -0.81 9.56 -9.06
N ARG A 40 -0.95 10.14 -10.24
CA ARG A 40 -0.39 9.56 -11.45
C ARG A 40 1.07 9.15 -11.23
N ASP A 41 1.89 10.11 -10.84
CA ASP A 41 3.30 9.85 -10.59
C ASP A 41 3.50 8.49 -9.95
N LEU A 42 2.84 8.26 -8.82
CA LEU A 42 2.94 6.99 -8.11
C LEU A 42 2.47 5.84 -8.98
N GLU A 43 1.35 6.04 -9.67
CA GLU A 43 0.80 5.01 -10.55
C GLU A 43 1.85 4.53 -11.55
N ASP A 44 2.22 5.40 -12.48
CA ASP A 44 3.21 5.07 -13.49
C ASP A 44 4.50 4.56 -12.84
N PHE A 45 4.95 5.25 -11.80
CA PHE A 45 6.17 4.86 -11.10
C PHE A 45 6.08 3.41 -10.62
N PHE A 46 4.92 3.03 -10.10
CA PHE A 46 4.72 1.68 -9.61
C PHE A 46 4.34 0.74 -10.76
N SER A 47 3.88 1.32 -11.85
CA SER A 47 3.47 0.53 -13.02
C SER A 47 4.64 -0.32 -13.53
N ALA A 48 5.83 -0.05 -13.02
CA ALA A 48 7.02 -0.78 -13.42
C ALA A 48 6.97 -2.22 -12.90
N VAL A 49 6.26 -2.42 -11.80
CA VAL A 49 6.13 -3.75 -11.21
C VAL A 49 4.73 -4.31 -11.41
N GLY A 50 3.74 -3.42 -11.45
CA GLY A 50 2.37 -3.85 -11.63
C GLY A 50 1.42 -2.68 -11.80
N LYS A 51 0.28 -2.94 -12.44
CA LYS A 51 -0.72 -1.90 -12.67
C LYS A 51 -1.40 -1.51 -11.36
N VAL A 52 -1.53 -0.21 -11.13
CA VAL A 52 -2.16 0.30 -9.92
C VAL A 52 -3.66 0.45 -10.10
N ARG A 53 -4.43 -0.05 -9.14
CA ARG A 53 -5.88 0.02 -9.19
C ARG A 53 -6.38 1.35 -8.63
N ASP A 54 -6.00 1.63 -7.39
CA ASP A 54 -6.41 2.88 -6.73
C ASP A 54 -5.25 3.49 -5.96
N VAL A 55 -5.35 4.79 -5.69
CA VAL A 55 -4.30 5.49 -4.95
C VAL A 55 -4.91 6.47 -3.95
N ARG A 56 -4.59 6.26 -2.67
CA ARG A 56 -5.10 7.11 -1.60
C ARG A 56 -3.98 7.95 -0.99
N ILE A 57 -4.09 9.27 -1.12
CA ILE A 57 -3.09 10.18 -0.59
C ILE A 57 -3.65 10.99 0.57
N ILE A 58 -3.13 10.76 1.78
CA ILE A 58 -3.58 11.49 2.96
C ILE A 58 -2.97 12.88 3.01
N SER A 59 -3.78 13.89 2.70
CA SER A 59 -3.32 15.27 2.71
C SER A 59 -3.81 15.99 3.97
N ASP A 60 -2.95 16.04 4.98
CA ASP A 60 -3.30 16.70 6.24
C ASP A 60 -2.04 17.05 7.03
N ARG A 61 -2.05 18.21 7.67
CA ARG A 61 -0.92 18.67 8.46
C ARG A 61 -1.24 18.64 9.95
N ASN A 62 -0.84 17.57 10.62
CA ASN A 62 -1.09 17.42 12.05
C ASN A 62 -0.04 18.18 12.86
N SER A 63 1.24 17.94 12.54
CA SER A 63 2.33 18.59 13.24
C SER A 63 3.33 19.19 12.26
N ARG A 64 3.63 20.47 12.45
CA ARG A 64 4.58 21.17 11.58
C ARG A 64 5.67 20.23 11.10
N ARG A 65 5.96 20.26 9.80
CA ARG A 65 6.99 19.41 9.22
C ARG A 65 6.56 17.94 9.24
N SER A 66 5.31 17.70 8.87
CA SER A 66 4.77 16.35 8.84
C SER A 66 5.12 15.64 7.53
N LYS A 67 4.91 14.33 7.49
CA LYS A 67 5.20 13.55 6.29
C LYS A 67 3.92 13.24 5.52
N GLY A 68 4.07 12.80 4.28
CA GLY A 68 2.92 12.47 3.47
C GLY A 68 2.79 10.98 3.23
N ILE A 69 1.79 10.37 3.88
CA ILE A 69 1.55 8.94 3.73
C ILE A 69 0.49 8.67 2.69
N ALA A 70 0.61 7.53 2.00
CA ALA A 70 -0.35 7.14 0.97
C ALA A 70 -0.45 5.63 0.87
N TYR A 71 -1.47 5.16 0.15
CA TYR A 71 -1.69 3.73 -0.03
C TYR A 71 -1.91 3.39 -1.50
N VAL A 72 -1.22 2.35 -1.96
CA VAL A 72 -1.34 1.92 -3.36
C VAL A 72 -1.87 0.49 -3.44
N GLU A 73 -3.00 0.33 -4.10
CA GLU A 73 -3.62 -0.99 -4.25
C GLU A 73 -3.21 -1.63 -5.59
N PHE A 74 -2.31 -2.59 -5.52
CA PHE A 74 -1.83 -3.28 -6.72
C PHE A 74 -2.85 -4.32 -7.18
N CYS A 75 -2.75 -4.72 -8.44
CA CYS A 75 -3.65 -5.71 -9.01
C CYS A 75 -3.52 -7.04 -8.28
N GLU A 76 -2.30 -7.35 -7.84
CA GLU A 76 -2.04 -8.59 -7.13
C GLU A 76 -1.08 -8.37 -5.96
N ILE A 77 -1.20 -9.21 -4.95
CA ILE A 77 -0.34 -9.10 -3.77
C ILE A 77 1.10 -9.46 -4.10
N GLN A 78 1.28 -10.38 -5.05
CA GLN A 78 2.60 -10.81 -5.47
C GLN A 78 3.38 -9.66 -6.09
N SER A 79 2.68 -8.55 -6.35
CA SER A 79 3.31 -7.38 -6.96
C SER A 79 3.79 -6.41 -5.88
N VAL A 80 3.26 -6.56 -4.68
CA VAL A 80 3.63 -5.69 -3.56
C VAL A 80 5.12 -5.79 -3.27
N PRO A 81 5.65 -7.03 -3.28
CA PRO A 81 7.07 -7.29 -3.01
C PRO A 81 7.98 -6.37 -3.81
N LEU A 82 7.77 -6.32 -5.12
CA LEU A 82 8.57 -5.48 -6.00
C LEU A 82 8.45 -4.01 -5.62
N ALA A 83 7.23 -3.61 -5.23
CA ALA A 83 6.98 -2.23 -4.84
C ALA A 83 7.75 -1.88 -3.57
N ILE A 84 7.95 -2.86 -2.70
CA ILE A 84 8.67 -2.64 -1.45
C ILE A 84 10.13 -2.29 -1.72
N GLY A 85 10.75 -3.01 -2.65
CA GLY A 85 12.14 -2.75 -2.98
C GLY A 85 12.36 -1.34 -3.51
N LEU A 86 11.45 -0.89 -4.37
CA LEU A 86 11.54 0.44 -4.96
C LEU A 86 11.99 1.47 -3.91
N THR A 87 11.66 1.20 -2.66
CA THR A 87 12.02 2.09 -1.57
C THR A 87 13.40 2.70 -1.78
N GLY A 88 13.44 3.98 -2.12
CA GLY A 88 14.70 4.65 -2.36
C GLY A 88 14.81 5.19 -3.78
N GLN A 89 13.71 5.18 -4.51
CA GLN A 89 13.69 5.67 -5.87
C GLN A 89 13.35 7.15 -5.93
N ARG A 90 14.27 7.95 -6.45
CA ARG A 90 14.06 9.39 -6.56
C ARG A 90 12.79 9.70 -7.34
N LEU A 91 11.76 10.17 -6.64
CA LEU A 91 10.50 10.51 -7.27
C LEU A 91 10.24 12.01 -7.22
N LEU A 92 10.24 12.65 -8.38
CA LEU A 92 10.02 14.09 -8.47
C LEU A 92 11.08 14.86 -7.69
N GLY A 93 12.26 14.26 -7.56
CA GLY A 93 13.34 14.91 -6.84
C GLY A 93 13.53 14.35 -5.45
N VAL A 94 12.44 13.89 -4.85
CA VAL A 94 12.49 13.33 -3.50
C VAL A 94 12.14 11.85 -3.50
N PRO A 95 13.07 11.03 -3.01
CA PRO A 95 12.89 9.57 -2.95
C PRO A 95 11.56 9.17 -2.31
N ILE A 96 11.06 8.00 -2.69
CA ILE A 96 9.80 7.51 -2.15
C ILE A 96 10.01 6.30 -1.25
N ILE A 97 9.10 6.10 -0.31
CA ILE A 97 9.19 4.98 0.62
C ILE A 97 8.07 3.97 0.37
N VAL A 98 8.42 2.69 0.31
CA VAL A 98 7.44 1.64 0.08
C VAL A 98 7.63 0.50 1.07
N GLN A 99 6.60 0.22 1.85
CA GLN A 99 6.65 -0.86 2.84
C GLN A 99 5.26 -1.43 3.09
N ALA A 100 5.21 -2.75 3.27
CA ALA A 100 3.94 -3.43 3.52
C ALA A 100 3.13 -2.72 4.61
N SER A 101 1.85 -2.52 4.35
CA SER A 101 0.97 -1.84 5.29
C SER A 101 0.63 -2.76 6.46
N GLN A 102 0.33 -4.02 6.15
CA GLN A 102 -0.02 -4.99 7.18
C GLN A 102 1.22 -5.75 7.65
N ALA A 103 2.30 -5.01 7.89
CA ALA A 103 3.55 -5.60 8.35
C ALA A 103 3.45 -6.03 9.81
N GLU A 104 2.79 -5.21 10.61
CA GLU A 104 2.62 -5.51 12.04
C GLU A 104 1.47 -6.49 12.25
N LYS A 105 0.37 -6.27 11.55
CA LYS A 105 -0.80 -7.13 11.66
C LYS A 105 -0.46 -8.57 11.29
N ASN A 106 0.08 -8.75 10.08
CA ASN A 106 0.45 -10.09 9.61
C ASN A 106 1.15 -10.87 10.70
N ARG A 107 2.03 -10.21 11.45
CA ARG A 107 2.76 -10.84 12.53
C ARG A 107 2.24 -10.40 13.89
N LEU A 108 1.11 -10.95 14.29
CA LEU A 108 0.50 -10.61 15.57
C LEU A 108 -0.42 -11.73 16.05
N SER A 109 0.00 -12.41 17.11
CA SER A 109 -0.79 -13.51 17.67
C SER A 109 -0.99 -13.32 19.18
N GLY A 110 -2.22 -13.47 19.63
CA GLY A 110 -2.52 -13.32 21.04
C GLY A 110 -3.88 -12.71 21.29
N PRO A 111 -4.93 -13.56 21.25
CA PRO A 111 -6.31 -13.13 21.47
C PRO A 111 -6.63 -12.92 22.94
N SER A 112 -5.66 -12.37 23.68
CA SER A 112 -5.84 -12.12 25.11
C SER A 112 -4.73 -11.22 25.64
N SER A 113 -5.11 -10.28 26.50
CA SER A 113 -4.14 -9.35 27.08
C SER A 113 -3.06 -10.10 27.85
N GLY A 114 -1.82 -9.96 27.41
CA GLY A 114 -0.72 -10.63 28.07
C GLY A 114 -1.01 -12.09 28.35
N GLY A 1 -14.08 -0.97 -26.46
CA GLY A 1 -15.27 -0.20 -26.14
C GLY A 1 -15.68 -0.34 -24.69
N SER A 2 -16.71 0.40 -24.29
CA SER A 2 -17.19 0.36 -22.91
C SER A 2 -18.21 -0.77 -22.73
N SER A 3 -18.52 -1.08 -21.48
CA SER A 3 -19.48 -2.14 -21.17
C SER A 3 -20.86 -1.56 -20.87
N GLY A 4 -20.87 -0.49 -20.08
CA GLY A 4 -22.13 0.15 -19.72
C GLY A 4 -22.26 0.37 -18.24
N SER A 5 -23.28 1.13 -17.84
CA SER A 5 -23.52 1.43 -16.43
C SER A 5 -24.99 1.29 -16.09
N SER A 6 -25.27 0.98 -14.82
CA SER A 6 -26.64 0.81 -14.36
C SER A 6 -26.69 0.59 -12.85
N GLY A 7 -27.87 0.75 -12.27
CA GLY A 7 -28.03 0.57 -10.83
C GLY A 7 -28.93 -0.60 -10.49
N LYS A 8 -28.41 -1.81 -10.68
CA LYS A 8 -29.17 -3.02 -10.39
C LYS A 8 -28.29 -4.26 -10.53
N SER A 9 -28.81 -5.41 -10.10
CA SER A 9 -28.08 -6.66 -10.17
C SER A 9 -28.86 -7.71 -10.95
N PRO A 10 -28.69 -7.71 -12.28
CA PRO A 10 -29.37 -8.66 -13.17
C PRO A 10 -28.76 -10.06 -13.12
N VAL A 11 -29.42 -11.02 -13.74
CA VAL A 11 -28.94 -12.39 -13.77
C VAL A 11 -27.59 -12.48 -14.49
N ARG A 12 -26.63 -13.13 -13.83
CA ARG A 12 -25.29 -13.28 -14.40
C ARG A 12 -24.51 -14.37 -13.66
N GLU A 13 -23.46 -14.88 -14.30
CA GLU A 13 -22.64 -15.92 -13.71
C GLU A 13 -22.35 -15.62 -12.24
N PRO A 14 -22.32 -16.67 -11.42
CA PRO A 14 -22.05 -16.54 -9.99
C PRO A 14 -20.86 -15.65 -9.69
N VAL A 15 -21.13 -14.49 -9.08
CA VAL A 15 -20.08 -13.53 -8.75
C VAL A 15 -19.39 -13.91 -7.46
N ASP A 16 -18.06 -13.75 -7.44
CA ASP A 16 -17.27 -14.09 -6.26
C ASP A 16 -16.21 -13.02 -6.00
N ASN A 17 -15.88 -12.81 -4.74
CA ASN A 17 -14.88 -11.83 -4.35
C ASN A 17 -13.93 -12.38 -3.30
N LEU A 18 -12.67 -11.99 -3.38
CA LEU A 18 -11.66 -12.45 -2.43
C LEU A 18 -12.15 -12.30 -0.99
N SER A 19 -11.32 -12.71 -0.05
CA SER A 19 -11.66 -12.62 1.37
C SER A 19 -11.33 -11.24 1.92
N PRO A 20 -12.10 -10.80 2.92
CA PRO A 20 -11.90 -9.49 3.57
C PRO A 20 -10.43 -9.21 3.87
N GLU A 21 -9.69 -10.27 4.20
CA GLU A 21 -8.27 -10.13 4.52
C GLU A 21 -7.46 -9.86 3.26
N GLU A 22 -7.79 -10.56 2.18
CA GLU A 22 -7.09 -10.39 0.92
C GLU A 22 -7.13 -8.94 0.46
N ARG A 23 -8.23 -8.25 0.77
CA ARG A 23 -8.38 -6.85 0.40
C ARG A 23 -7.25 -6.00 0.96
N ASP A 24 -7.01 -6.14 2.26
CA ASP A 24 -5.95 -5.38 2.93
C ASP A 24 -4.58 -5.92 2.54
N ALA A 25 -4.53 -7.21 2.19
CA ALA A 25 -3.27 -7.84 1.79
C ALA A 25 -2.74 -7.25 0.49
N ARG A 26 -3.65 -6.92 -0.42
CA ARG A 26 -3.28 -6.35 -1.71
C ARG A 26 -3.12 -4.83 -1.61
N THR A 27 -2.67 -4.37 -0.45
CA THR A 27 -2.48 -2.93 -0.22
C THR A 27 -1.05 -2.65 0.25
N VAL A 28 -0.46 -1.59 -0.30
CA VAL A 28 0.89 -1.19 0.07
C VAL A 28 0.91 0.18 0.74
N PHE A 29 1.86 0.38 1.64
CA PHE A 29 1.98 1.66 2.34
C PHE A 29 3.09 2.50 1.73
N CYS A 30 2.83 3.80 1.60
CA CYS A 30 3.81 4.73 1.03
C CYS A 30 4.02 5.92 1.95
N MET A 31 5.22 6.48 1.92
CA MET A 31 5.57 7.63 2.75
C MET A 31 6.64 8.48 2.10
N GLN A 32 7.04 9.55 2.77
CA GLN A 32 8.06 10.45 2.25
C GLN A 32 7.69 10.95 0.86
N LEU A 33 6.45 11.39 0.71
CA LEU A 33 5.97 11.90 -0.57
C LEU A 33 6.52 13.30 -0.84
N ALA A 34 6.40 13.74 -2.10
CA ALA A 34 6.88 15.06 -2.48
C ALA A 34 5.85 16.14 -2.12
N ALA A 35 6.22 17.40 -2.35
CA ALA A 35 5.34 18.52 -2.06
C ALA A 35 4.33 18.72 -3.18
N ARG A 36 4.75 18.47 -4.41
CA ARG A 36 3.89 18.63 -5.57
C ARG A 36 3.67 17.31 -6.29
N ILE A 37 3.35 16.27 -5.52
CA ILE A 37 3.13 14.94 -6.08
C ILE A 37 1.66 14.75 -6.45
N ARG A 38 1.41 13.87 -7.42
CA ARG A 38 0.05 13.59 -7.86
C ARG A 38 -0.16 12.10 -8.05
N PRO A 39 -1.42 11.64 -7.90
CA PRO A 39 -1.79 10.24 -8.04
C PRO A 39 -1.17 9.60 -9.28
N ARG A 40 -1.25 10.30 -10.40
CA ARG A 40 -0.70 9.81 -11.66
C ARG A 40 0.76 9.38 -11.48
N ASP A 41 1.55 10.24 -10.86
CA ASP A 41 2.97 9.95 -10.62
C ASP A 41 3.14 8.56 -10.05
N LEU A 42 2.60 8.34 -8.85
CA LEU A 42 2.70 7.05 -8.19
C LEU A 42 2.18 5.93 -9.08
N GLU A 43 1.02 6.17 -9.69
CA GLU A 43 0.41 5.18 -10.58
C GLU A 43 1.43 4.63 -11.56
N ASP A 44 1.88 5.47 -12.48
CA ASP A 44 2.87 5.06 -13.47
C ASP A 44 4.15 4.59 -12.80
N PHE A 45 4.60 5.32 -11.79
CA PHE A 45 5.81 4.97 -11.07
C PHE A 45 5.74 3.54 -10.55
N PHE A 46 4.53 3.07 -10.26
CA PHE A 46 4.33 1.73 -9.75
C PHE A 46 4.00 0.76 -10.89
N SER A 47 3.69 1.32 -12.06
CA SER A 47 3.35 0.50 -13.22
C SER A 47 4.56 -0.29 -13.70
N ALA A 48 5.70 -0.06 -13.07
CA ALA A 48 6.94 -0.75 -13.43
C ALA A 48 6.99 -2.14 -12.82
N VAL A 49 6.21 -2.34 -11.77
CA VAL A 49 6.17 -3.63 -11.09
C VAL A 49 4.77 -4.25 -11.17
N GLY A 50 3.76 -3.39 -11.28
CA GLY A 50 2.39 -3.87 -11.36
C GLY A 50 1.41 -2.76 -11.64
N LYS A 51 0.23 -3.13 -12.14
CA LYS A 51 -0.81 -2.14 -12.45
C LYS A 51 -1.47 -1.63 -11.18
N VAL A 52 -1.66 -0.32 -11.08
CA VAL A 52 -2.29 0.29 -9.93
C VAL A 52 -3.78 0.51 -10.15
N ARG A 53 -4.60 -0.17 -9.36
CA ARG A 53 -6.04 -0.05 -9.46
C ARG A 53 -6.53 1.26 -8.87
N ASP A 54 -5.99 1.62 -7.71
CA ASP A 54 -6.37 2.84 -7.02
C ASP A 54 -5.24 3.35 -6.14
N VAL A 55 -5.26 4.64 -5.83
CA VAL A 55 -4.23 5.25 -4.99
C VAL A 55 -4.84 6.21 -3.98
N ARG A 56 -4.30 6.21 -2.77
CA ARG A 56 -4.80 7.07 -1.70
C ARG A 56 -3.68 7.94 -1.14
N ILE A 57 -3.85 9.26 -1.25
CA ILE A 57 -2.85 10.20 -0.75
C ILE A 57 -3.41 11.05 0.38
N ILE A 58 -2.86 10.88 1.57
CA ILE A 58 -3.31 11.64 2.74
C ILE A 58 -2.73 13.05 2.73
N SER A 59 -3.46 13.98 3.31
CA SER A 59 -3.02 15.38 3.37
C SER A 59 -3.70 16.12 4.52
N ASP A 60 -3.12 17.23 4.93
CA ASP A 60 -3.66 18.03 6.02
C ASP A 60 -3.29 19.51 5.85
N ARG A 61 -3.82 20.34 6.73
CA ARG A 61 -3.56 21.78 6.68
C ARG A 61 -2.07 22.04 6.51
N ASN A 62 -1.26 21.46 7.40
CA ASN A 62 0.18 21.64 7.36
C ASN A 62 0.89 20.29 7.31
N SER A 63 1.44 19.96 6.15
CA SER A 63 2.15 18.70 5.98
C SER A 63 3.67 18.90 6.05
N ARG A 64 4.09 19.73 7.00
CA ARG A 64 5.52 20.02 7.18
C ARG A 64 6.08 19.24 8.36
N ARG A 65 5.44 19.37 9.51
CA ARG A 65 5.88 18.68 10.72
C ARG A 65 5.39 17.23 10.72
N SER A 66 5.52 16.57 9.58
CA SER A 66 5.09 15.19 9.44
C SER A 66 5.44 14.63 8.06
N LYS A 67 5.26 13.33 7.88
CA LYS A 67 5.56 12.68 6.62
C LYS A 67 4.28 12.36 5.85
N GLY A 68 4.28 12.68 4.55
CA GLY A 68 3.11 12.42 3.73
C GLY A 68 2.91 10.93 3.46
N ILE A 69 1.88 10.35 4.06
CA ILE A 69 1.60 8.94 3.87
C ILE A 69 0.55 8.73 2.78
N ALA A 70 0.70 7.64 2.04
CA ALA A 70 -0.24 7.33 0.96
C ALA A 70 -0.43 5.81 0.82
N TYR A 71 -1.67 5.39 0.63
CA TYR A 71 -1.99 3.98 0.50
C TYR A 71 -2.26 3.62 -0.96
N VAL A 72 -1.37 2.84 -1.55
CA VAL A 72 -1.51 2.42 -2.94
C VAL A 72 -1.87 0.93 -3.04
N GLU A 73 -2.73 0.60 -3.99
CA GLU A 73 -3.15 -0.78 -4.19
C GLU A 73 -2.76 -1.27 -5.57
N PHE A 74 -2.58 -2.58 -5.70
CA PHE A 74 -2.20 -3.18 -6.98
C PHE A 74 -3.20 -4.25 -7.40
N CYS A 75 -2.93 -4.90 -8.53
CA CYS A 75 -3.80 -5.95 -9.04
C CYS A 75 -3.49 -7.29 -8.40
N GLU A 76 -2.27 -7.42 -7.87
CA GLU A 76 -1.84 -8.67 -7.24
C GLU A 76 -0.89 -8.38 -6.08
N ILE A 77 -0.98 -9.17 -5.03
CA ILE A 77 -0.13 -9.01 -3.86
C ILE A 77 1.31 -9.42 -4.17
N GLN A 78 1.47 -10.33 -5.13
CA GLN A 78 2.79 -10.79 -5.52
C GLN A 78 3.61 -9.67 -6.15
N SER A 79 2.95 -8.54 -6.41
CA SER A 79 3.61 -7.40 -7.02
C SER A 79 4.07 -6.41 -5.95
N VAL A 80 3.50 -6.53 -4.75
CA VAL A 80 3.85 -5.66 -3.64
C VAL A 80 5.33 -5.76 -3.32
N PRO A 81 5.86 -7.00 -3.29
CA PRO A 81 7.26 -7.25 -2.99
C PRO A 81 8.20 -6.36 -3.79
N LEU A 82 8.00 -6.32 -5.10
CA LEU A 82 8.84 -5.50 -5.98
C LEU A 82 8.73 -4.02 -5.60
N ALA A 83 7.51 -3.57 -5.33
CA ALA A 83 7.27 -2.18 -4.96
C ALA A 83 8.03 -1.82 -3.68
N ILE A 84 8.16 -2.79 -2.78
CA ILE A 84 8.86 -2.57 -1.52
C ILE A 84 10.35 -2.29 -1.77
N GLY A 85 10.94 -3.01 -2.72
CA GLY A 85 12.33 -2.83 -3.04
C GLY A 85 12.63 -1.43 -3.56
N LEU A 86 11.67 -0.85 -4.28
CA LEU A 86 11.84 0.48 -4.84
C LEU A 86 12.18 1.49 -3.75
N THR A 87 11.87 1.15 -2.51
CA THR A 87 12.15 2.02 -1.38
C THR A 87 13.46 2.76 -1.57
N GLY A 88 13.37 4.03 -1.96
CA GLY A 88 14.56 4.83 -2.17
C GLY A 88 14.69 5.32 -3.60
N GLN A 89 13.61 5.22 -4.36
CA GLN A 89 13.59 5.65 -5.76
C GLN A 89 13.22 7.12 -5.87
N ARG A 90 14.21 7.95 -6.15
CA ARG A 90 13.97 9.39 -6.28
C ARG A 90 12.74 9.67 -7.13
N LEU A 91 11.67 10.09 -6.49
CA LEU A 91 10.42 10.39 -7.18
C LEU A 91 10.16 11.90 -7.21
N LEU A 92 10.34 12.49 -8.38
CA LEU A 92 10.12 13.93 -8.55
C LEU A 92 11.14 14.73 -7.75
N GLY A 93 12.31 14.13 -7.53
CA GLY A 93 13.35 14.80 -6.78
C GLY A 93 13.38 14.39 -5.33
N VAL A 94 12.29 13.80 -4.86
CA VAL A 94 12.20 13.36 -3.48
C VAL A 94 11.92 11.86 -3.40
N PRO A 95 12.88 11.11 -2.84
CA PRO A 95 12.77 9.66 -2.69
C PRO A 95 11.46 9.25 -2.04
N ILE A 96 10.97 8.06 -2.40
CA ILE A 96 9.72 7.54 -1.83
C ILE A 96 9.97 6.30 -1.00
N ILE A 97 9.14 6.10 0.02
CA ILE A 97 9.26 4.94 0.89
C ILE A 97 8.12 3.95 0.65
N VAL A 98 8.48 2.70 0.38
CA VAL A 98 7.48 1.65 0.14
C VAL A 98 7.63 0.51 1.13
N GLN A 99 6.54 0.21 1.83
CA GLN A 99 6.56 -0.86 2.83
C GLN A 99 5.22 -1.60 2.83
N ALA A 100 5.21 -2.77 3.47
CA ALA A 100 3.99 -3.58 3.56
C ALA A 100 3.01 -2.99 4.56
N SER A 101 1.79 -2.72 4.10
CA SER A 101 0.76 -2.15 4.96
C SER A 101 0.19 -3.21 5.90
N GLN A 102 0.62 -4.45 5.72
CA GLN A 102 0.16 -5.54 6.55
C GLN A 102 1.22 -5.95 7.56
N ALA A 103 1.90 -4.96 8.13
CA ALA A 103 2.94 -5.22 9.11
C ALA A 103 2.40 -5.10 10.54
N GLU A 104 1.42 -4.23 10.72
CA GLU A 104 0.82 -4.02 12.03
C GLU A 104 -0.23 -5.09 12.33
N LYS A 105 -1.05 -5.39 11.32
CA LYS A 105 -2.09 -6.40 11.46
C LYS A 105 -1.49 -7.77 11.80
N ASN A 106 -0.18 -7.90 11.58
CA ASN A 106 0.51 -9.16 11.85
C ASN A 106 1.02 -9.19 13.29
N ARG A 107 1.67 -8.11 13.70
CA ARG A 107 2.21 -8.01 15.06
C ARG A 107 1.19 -7.42 16.01
N LEU A 108 -0.08 -7.73 15.78
CA LEU A 108 -1.17 -7.22 16.62
C LEU A 108 -1.87 -8.37 17.34
N SER A 109 -2.22 -8.13 18.61
CA SER A 109 -2.90 -9.13 19.41
C SER A 109 -4.33 -9.36 18.92
N GLY A 110 -4.93 -10.47 19.33
CA GLY A 110 -6.29 -10.78 18.92
C GLY A 110 -6.68 -12.20 19.25
N PRO A 111 -7.96 -12.41 19.59
CA PRO A 111 -8.48 -13.73 19.94
C PRO A 111 -8.75 -14.59 18.70
N SER A 112 -7.72 -15.32 18.28
CA SER A 112 -7.85 -16.18 17.11
C SER A 112 -7.48 -17.63 17.45
N SER A 113 -7.90 -18.56 16.60
CA SER A 113 -7.62 -19.98 16.82
C SER A 113 -6.24 -20.34 16.26
N GLY A 114 -6.06 -20.11 14.97
CA GLY A 114 -4.79 -20.42 14.34
C GLY A 114 -4.77 -20.06 12.88
N GLY A 1 0.65 -25.83 -8.17
CA GLY A 1 -0.75 -25.99 -8.56
C GLY A 1 -1.47 -24.66 -8.66
N SER A 2 -2.44 -24.59 -9.57
CA SER A 2 -3.22 -23.37 -9.76
C SER A 2 -4.60 -23.69 -10.34
N SER A 3 -5.45 -22.67 -10.40
CA SER A 3 -6.80 -22.84 -10.93
C SER A 3 -7.42 -21.48 -11.27
N GLY A 4 -8.35 -21.49 -12.22
CA GLY A 4 -9.01 -20.27 -12.62
C GLY A 4 -10.04 -20.50 -13.71
N SER A 5 -11.19 -19.82 -13.59
CA SER A 5 -12.26 -19.95 -14.56
C SER A 5 -13.00 -18.64 -14.73
N SER A 6 -12.77 -17.98 -15.87
CA SER A 6 -13.42 -16.71 -16.16
C SER A 6 -14.30 -16.81 -17.39
N GLY A 7 -15.32 -15.96 -17.47
CA GLY A 7 -16.23 -15.97 -18.61
C GLY A 7 -17.63 -16.39 -18.23
N LYS A 8 -18.18 -17.34 -18.99
CA LYS A 8 -19.53 -17.82 -18.73
C LYS A 8 -19.66 -19.30 -19.10
N SER A 9 -20.00 -20.12 -18.12
CA SER A 9 -20.15 -21.56 -18.34
C SER A 9 -21.26 -22.13 -17.46
N PRO A 10 -21.82 -23.27 -17.89
CA PRO A 10 -22.91 -23.95 -17.17
C PRO A 10 -22.39 -24.72 -15.96
N VAL A 11 -21.44 -24.13 -15.25
CA VAL A 11 -20.87 -24.76 -14.07
C VAL A 11 -21.53 -24.25 -12.79
N ARG A 12 -22.15 -25.17 -12.05
CA ARG A 12 -22.82 -24.80 -10.80
C ARG A 12 -21.88 -24.94 -9.61
N GLU A 13 -21.17 -23.85 -9.31
CA GLU A 13 -20.22 -23.85 -8.19
C GLU A 13 -20.10 -22.45 -7.59
N PRO A 14 -19.73 -22.40 -6.31
CA PRO A 14 -19.57 -21.13 -5.59
C PRO A 14 -18.27 -20.43 -5.95
N VAL A 15 -18.36 -19.13 -6.22
CA VAL A 15 -17.20 -18.34 -6.59
C VAL A 15 -16.45 -17.85 -5.35
N ASP A 16 -15.12 -17.82 -5.44
CA ASP A 16 -14.29 -17.37 -4.33
C ASP A 16 -14.16 -15.85 -4.33
N ASN A 17 -15.00 -15.19 -3.53
CA ASN A 17 -14.98 -13.74 -3.43
C ASN A 17 -13.84 -13.27 -2.53
N LEU A 18 -13.45 -12.01 -2.68
CA LEU A 18 -12.38 -11.44 -1.87
C LEU A 18 -12.89 -11.01 -0.50
N SER A 19 -12.24 -11.51 0.55
CA SER A 19 -12.63 -11.18 1.92
C SER A 19 -12.03 -9.85 2.34
N PRO A 20 -12.69 -9.18 3.31
CA PRO A 20 -12.24 -7.89 3.83
C PRO A 20 -10.75 -7.88 4.14
N GLU A 21 -10.17 -9.08 4.30
CA GLU A 21 -8.75 -9.20 4.62
C GLU A 21 -7.92 -9.15 3.33
N GLU A 22 -8.48 -9.67 2.25
CA GLU A 22 -7.78 -9.69 0.97
C GLU A 22 -7.58 -8.28 0.44
N ARG A 23 -8.59 -7.43 0.63
CA ARG A 23 -8.53 -6.05 0.17
C ARG A 23 -7.35 -5.32 0.79
N ASP A 24 -7.03 -5.68 2.03
CA ASP A 24 -5.91 -5.05 2.73
C ASP A 24 -4.59 -5.71 2.34
N ALA A 25 -4.61 -7.02 2.17
CA ALA A 25 -3.41 -7.76 1.79
C ALA A 25 -2.82 -7.22 0.49
N ARG A 26 -3.68 -6.91 -0.47
CA ARG A 26 -3.24 -6.38 -1.75
C ARG A 26 -3.09 -4.87 -1.69
N THR A 27 -2.56 -4.37 -0.58
CA THR A 27 -2.36 -2.94 -0.40
C THR A 27 -0.97 -2.65 0.14
N VAL A 28 -0.34 -1.61 -0.40
CA VAL A 28 1.01 -1.22 0.03
C VAL A 28 0.98 0.14 0.73
N PHE A 29 1.90 0.33 1.67
CA PHE A 29 1.99 1.58 2.40
C PHE A 29 3.12 2.46 1.86
N CYS A 30 2.76 3.66 1.41
CA CYS A 30 3.74 4.59 0.85
C CYS A 30 4.01 5.73 1.82
N MET A 31 5.20 6.33 1.71
CA MET A 31 5.58 7.43 2.59
C MET A 31 6.64 8.30 1.93
N GLN A 32 7.01 9.38 2.60
CA GLN A 32 8.02 10.30 2.08
C GLN A 32 7.60 10.85 0.72
N LEU A 33 6.39 11.39 0.65
CA LEU A 33 5.87 11.95 -0.59
C LEU A 33 6.40 13.37 -0.81
N ALA A 34 6.21 13.87 -2.03
CA ALA A 34 6.66 15.22 -2.36
C ALA A 34 5.57 16.25 -2.10
N ALA A 35 5.91 17.52 -2.26
CA ALA A 35 4.95 18.60 -2.04
C ALA A 35 4.04 18.77 -3.25
N ARG A 36 4.61 18.66 -4.44
CA ARG A 36 3.84 18.81 -5.67
C ARG A 36 3.67 17.47 -6.37
N ILE A 37 3.36 16.44 -5.60
CA ILE A 37 3.17 15.10 -6.14
C ILE A 37 1.70 14.84 -6.47
N ARG A 38 1.46 13.95 -7.42
CA ARG A 38 0.10 13.62 -7.83
C ARG A 38 -0.08 12.11 -7.97
N PRO A 39 -1.32 11.63 -7.80
CA PRO A 39 -1.64 10.21 -7.89
C PRO A 39 -0.99 9.54 -9.10
N ARG A 40 -0.97 10.26 -10.22
CA ARG A 40 -0.37 9.74 -11.44
C ARG A 40 1.09 9.37 -11.22
N ASP A 41 1.90 10.35 -10.83
CA ASP A 41 3.32 10.12 -10.60
C ASP A 41 3.55 8.73 -10.02
N LEU A 42 2.68 8.32 -9.09
CA LEU A 42 2.81 7.01 -8.46
C LEU A 42 2.26 5.92 -9.37
N GLU A 43 1.11 6.18 -9.99
CA GLU A 43 0.49 5.21 -10.90
C GLU A 43 1.54 4.57 -11.80
N ASP A 44 2.13 5.37 -12.68
CA ASP A 44 3.14 4.88 -13.60
C ASP A 44 4.36 4.35 -12.84
N PHE A 45 4.91 5.18 -11.96
CA PHE A 45 6.07 4.80 -11.18
C PHE A 45 5.90 3.39 -10.60
N PHE A 46 4.66 3.01 -10.34
CA PHE A 46 4.35 1.69 -9.78
C PHE A 46 4.00 0.71 -10.89
N SER A 47 3.60 1.24 -12.05
CA SER A 47 3.23 0.41 -13.18
C SER A 47 4.41 -0.44 -13.64
N ALA A 48 5.58 -0.15 -13.10
CA ALA A 48 6.79 -0.90 -13.45
C ALA A 48 6.78 -2.29 -12.82
N VAL A 49 6.13 -2.41 -11.67
CA VAL A 49 6.05 -3.69 -10.97
C VAL A 49 4.62 -4.24 -10.99
N GLY A 50 3.65 -3.34 -10.95
CA GLY A 50 2.25 -3.74 -10.97
C GLY A 50 1.32 -2.61 -11.34
N LYS A 51 0.18 -2.95 -11.92
CA LYS A 51 -0.81 -1.95 -12.32
C LYS A 51 -1.53 -1.39 -11.11
N VAL A 52 -1.82 -0.09 -11.16
CA VAL A 52 -2.52 0.58 -10.06
C VAL A 52 -3.98 0.82 -10.41
N ARG A 53 -4.87 0.55 -9.44
CA ARG A 53 -6.30 0.74 -9.64
C ARG A 53 -6.83 1.86 -8.76
N ASP A 54 -6.32 1.94 -7.54
CA ASP A 54 -6.74 2.97 -6.60
C ASP A 54 -5.55 3.50 -5.79
N VAL A 55 -5.46 4.81 -5.67
CA VAL A 55 -4.37 5.43 -4.91
C VAL A 55 -4.90 6.54 -4.00
N ARG A 56 -5.00 6.23 -2.71
CA ARG A 56 -5.48 7.19 -1.73
C ARG A 56 -4.32 7.90 -1.04
N ILE A 57 -4.13 9.18 -1.38
CA ILE A 57 -3.06 9.97 -0.81
C ILE A 57 -3.56 10.83 0.35
N ILE A 58 -3.05 10.58 1.55
CA ILE A 58 -3.45 11.33 2.73
C ILE A 58 -2.75 12.69 2.77
N SER A 59 -3.54 13.76 2.68
CA SER A 59 -3.00 15.11 2.71
C SER A 59 -3.68 15.94 3.81
N ASP A 60 -2.98 16.11 4.93
CA ASP A 60 -3.52 16.89 6.04
C ASP A 60 -3.27 18.38 5.84
N ARG A 61 -4.19 19.20 6.34
CA ARG A 61 -4.07 20.65 6.22
C ARG A 61 -3.36 21.24 7.43
N ASN A 62 -3.83 20.89 8.62
CA ASN A 62 -3.24 21.38 9.86
C ASN A 62 -2.45 20.29 10.56
N SER A 63 -1.14 20.28 10.34
CA SER A 63 -0.27 19.27 10.95
C SER A 63 1.09 19.88 11.31
N ARG A 64 1.68 19.41 12.40
CA ARG A 64 2.97 19.90 12.85
C ARG A 64 4.08 19.40 11.94
N ARG A 65 4.15 18.08 11.78
CA ARG A 65 5.17 17.46 10.94
C ARG A 65 4.64 16.20 10.27
N SER A 66 4.78 16.14 8.94
CA SER A 66 4.30 14.98 8.19
C SER A 66 4.88 14.99 6.77
N LYS A 67 5.60 13.93 6.42
CA LYS A 67 6.20 13.81 5.10
C LYS A 67 5.13 13.60 4.04
N GLY A 68 4.19 12.69 4.31
CA GLY A 68 3.13 12.42 3.36
C GLY A 68 2.94 10.93 3.11
N ILE A 69 1.91 10.36 3.71
CA ILE A 69 1.62 8.94 3.55
C ILE A 69 0.55 8.70 2.50
N ALA A 70 0.69 7.63 1.74
CA ALA A 70 -0.27 7.29 0.70
C ALA A 70 -0.44 5.78 0.58
N TYR A 71 -1.65 5.35 0.21
CA TYR A 71 -1.94 3.93 0.07
C TYR A 71 -2.16 3.57 -1.41
N VAL A 72 -1.56 2.46 -1.82
CA VAL A 72 -1.69 1.99 -3.20
C VAL A 72 -2.11 0.53 -3.25
N GLU A 73 -3.23 0.27 -3.92
CA GLU A 73 -3.75 -1.08 -4.05
C GLU A 73 -3.31 -1.71 -5.37
N PHE A 74 -2.33 -2.60 -5.29
CA PHE A 74 -1.82 -3.28 -6.48
C PHE A 74 -2.81 -4.33 -6.98
N CYS A 75 -2.64 -4.73 -8.23
CA CYS A 75 -3.52 -5.73 -8.83
C CYS A 75 -3.42 -7.06 -8.08
N GLU A 76 -2.22 -7.37 -7.58
CA GLU A 76 -1.99 -8.60 -6.85
C GLU A 76 -1.06 -8.37 -5.66
N ILE A 77 -0.94 -9.38 -4.81
CA ILE A 77 -0.09 -9.28 -3.64
C ILE A 77 1.36 -9.61 -3.98
N GLN A 78 1.55 -10.47 -4.99
CA GLN A 78 2.88 -10.86 -5.42
C GLN A 78 3.61 -9.69 -6.05
N SER A 79 2.91 -8.58 -6.25
CA SER A 79 3.49 -7.38 -6.84
C SER A 79 3.98 -6.42 -5.77
N VAL A 80 3.42 -6.54 -4.57
CA VAL A 80 3.79 -5.68 -3.46
C VAL A 80 5.29 -5.77 -3.17
N PRO A 81 5.83 -7.00 -3.19
CA PRO A 81 7.25 -7.24 -2.94
C PRO A 81 8.15 -6.32 -3.75
N LEU A 82 8.04 -6.40 -5.07
CA LEU A 82 8.84 -5.56 -5.96
C LEU A 82 8.73 -4.09 -5.59
N ALA A 83 7.51 -3.66 -5.28
CA ALA A 83 7.27 -2.27 -4.89
C ALA A 83 8.07 -1.90 -3.64
N ILE A 84 8.15 -2.83 -2.70
CA ILE A 84 8.89 -2.60 -1.46
C ILE A 84 10.34 -2.24 -1.75
N GLY A 85 10.95 -2.97 -2.67
CA GLY A 85 12.33 -2.72 -3.03
C GLY A 85 12.55 -1.32 -3.59
N LEU A 86 11.64 -0.89 -4.46
CA LEU A 86 11.72 0.43 -5.07
C LEU A 86 12.13 1.48 -4.04
N THR A 87 11.76 1.25 -2.78
CA THR A 87 12.09 2.17 -1.71
C THR A 87 13.43 2.83 -1.93
N GLY A 88 13.44 4.16 -1.96
CA GLY A 88 14.68 4.89 -2.17
C GLY A 88 14.81 5.39 -3.60
N GLN A 89 13.69 5.44 -4.32
CA GLN A 89 13.70 5.90 -5.70
C GLN A 89 13.36 7.39 -5.77
N ARG A 90 14.36 8.19 -6.12
CA ARG A 90 14.17 9.64 -6.22
C ARG A 90 12.97 9.97 -7.11
N LEU A 91 11.84 10.27 -6.47
CA LEU A 91 10.63 10.61 -7.19
C LEU A 91 10.40 12.12 -7.21
N LEU A 92 10.64 12.73 -8.37
CA LEU A 92 10.47 14.17 -8.52
C LEU A 92 11.46 14.94 -7.66
N GLY A 93 12.60 14.31 -7.36
CA GLY A 93 13.62 14.94 -6.55
C GLY A 93 13.58 14.48 -5.11
N VAL A 94 12.45 13.92 -4.69
CA VAL A 94 12.30 13.43 -3.33
C VAL A 94 12.04 11.92 -3.31
N PRO A 95 13.00 11.17 -2.74
CA PRO A 95 12.90 9.71 -2.65
C PRO A 95 11.58 9.25 -2.05
N ILE A 96 11.11 8.08 -2.47
CA ILE A 96 9.85 7.53 -1.97
C ILE A 96 10.10 6.30 -1.10
N ILE A 97 9.15 6.00 -0.22
CA ILE A 97 9.26 4.85 0.66
C ILE A 97 8.11 3.88 0.43
N VAL A 98 8.44 2.59 0.37
CA VAL A 98 7.44 1.55 0.16
C VAL A 98 7.63 0.39 1.12
N GLN A 99 6.60 0.09 1.90
CA GLN A 99 6.66 -1.00 2.86
C GLN A 99 5.31 -1.69 2.99
N ALA A 100 5.34 -3.00 3.16
CA ALA A 100 4.11 -3.78 3.31
C ALA A 100 3.12 -3.09 4.23
N SER A 101 1.84 -3.36 4.03
CA SER A 101 0.79 -2.76 4.84
C SER A 101 0.55 -3.57 6.11
N GLN A 102 1.63 -3.85 6.83
CA GLN A 102 1.53 -4.63 8.07
C GLN A 102 1.70 -3.73 9.29
N ALA A 103 1.05 -2.57 9.26
CA ALA A 103 1.12 -1.62 10.36
C ALA A 103 0.26 -2.07 11.54
N GLU A 104 -1.03 -2.23 11.28
CA GLU A 104 -1.96 -2.66 12.32
C GLU A 104 -1.63 -4.06 12.81
N LYS A 105 -1.66 -5.02 11.91
CA LYS A 105 -1.35 -6.41 12.24
C LYS A 105 -0.25 -6.48 13.29
N ASN A 106 0.94 -6.03 12.93
CA ASN A 106 2.08 -6.04 13.84
C ASN A 106 1.64 -5.69 15.25
N ARG A 107 1.01 -4.53 15.39
CA ARG A 107 0.54 -4.06 16.70
C ARG A 107 -0.30 -5.14 17.39
N LEU A 108 -1.33 -5.61 16.70
CA LEU A 108 -2.21 -6.64 17.25
C LEU A 108 -1.40 -7.80 17.82
N SER A 109 -1.43 -7.94 19.14
CA SER A 109 -0.70 -9.01 19.81
C SER A 109 -1.19 -10.38 19.35
N GLY A 110 -0.27 -11.21 18.87
CA GLY A 110 -0.63 -12.54 18.41
C GLY A 110 0.18 -13.63 19.09
N PRO A 111 -0.31 -14.12 20.23
CA PRO A 111 0.35 -15.17 21.00
C PRO A 111 0.83 -16.31 20.11
N SER A 112 -0.05 -16.79 19.22
CA SER A 112 0.28 -17.89 18.32
C SER A 112 1.53 -17.55 17.51
N SER A 113 2.51 -18.45 17.55
CA SER A 113 3.75 -18.25 16.82
C SER A 113 3.47 -18.04 15.33
N GLY A 114 2.70 -18.94 14.75
CA GLY A 114 2.37 -18.83 13.33
C GLY A 114 0.94 -19.24 13.05
#